data_5OUN
#
_entry.id   5OUN
#
_entity_poly.entity_id   1
_entity_poly.type   'polypeptide(L)'
_entity_poly.pdbx_seq_one_letter_code
;GPHMETELIEGEVVEIQIDRSITGGHKQGKLTIKTTDMETIYELGNKMIDGLTKEKVLAGDVISIDKASGKITKLGRSFA
RSRDYDAMGADTRFVQCPEGELQKRKT
;
_entity_poly.pdbx_strand_id   A
#
# COMPACT_ATOMS: atom_id res chain seq x y z
N GLY A 1 -5.10 -2.76 -18.02
CA GLY A 1 -4.80 -2.16 -16.69
C GLY A 1 -3.83 -1.00 -16.79
N PRO A 2 -3.73 -0.16 -15.75
CA PRO A 2 -2.79 0.96 -15.72
C PRO A 2 -1.39 0.49 -15.30
N HIS A 3 -0.44 0.61 -16.23
CA HIS A 3 0.95 0.13 -16.03
C HIS A 3 0.99 -1.39 -16.09
N MET A 4 0.16 -2.03 -15.30
CA MET A 4 0.03 -3.47 -15.27
C MET A 4 -1.43 -3.81 -15.01
N GLU A 5 -1.82 -5.06 -15.23
CA GLU A 5 -3.19 -5.44 -14.99
C GLU A 5 -3.26 -6.48 -13.88
N THR A 6 -2.44 -6.26 -12.89
CA THR A 6 -2.49 -7.02 -11.66
C THR A 6 -3.34 -6.26 -10.65
N GLU A 7 -4.06 -6.98 -9.82
CA GLU A 7 -4.88 -6.34 -8.81
C GLU A 7 -4.01 -5.82 -7.70
N LEU A 8 -3.94 -4.50 -7.60
CA LEU A 8 -3.11 -3.83 -6.62
C LEU A 8 -3.91 -2.79 -5.87
N ILE A 9 -3.68 -2.70 -4.58
CA ILE A 9 -4.24 -1.65 -3.77
C ILE A 9 -3.10 -0.86 -3.12
N GLU A 10 -3.17 0.46 -3.21
CA GLU A 10 -2.18 1.30 -2.57
C GLU A 10 -2.80 2.54 -1.98
N GLY A 11 -2.16 3.09 -0.97
CA GLY A 11 -2.62 4.30 -0.36
C GLY A 11 -1.92 4.58 0.95
N GLU A 12 -2.21 5.72 1.54
CA GLU A 12 -1.63 6.09 2.82
C GLU A 12 -2.35 5.34 3.93
N VAL A 13 -1.61 4.86 4.89
CA VAL A 13 -2.18 4.05 5.96
C VAL A 13 -2.85 4.93 7.00
N VAL A 14 -4.15 4.73 7.15
CA VAL A 14 -4.94 5.47 8.12
C VAL A 14 -5.00 4.72 9.44
N GLU A 15 -5.14 3.41 9.35
CA GLU A 15 -5.35 2.61 10.54
C GLU A 15 -4.75 1.23 10.36
N ILE A 16 -4.27 0.66 11.46
CA ILE A 16 -3.64 -0.65 11.46
C ILE A 16 -4.16 -1.52 12.60
N GLN A 17 -4.79 -2.63 12.27
CA GLN A 17 -5.15 -3.64 13.24
C GLN A 17 -4.40 -4.93 12.93
N ILE A 18 -3.52 -5.35 13.82
CA ILE A 18 -2.77 -6.58 13.64
C ILE A 18 -2.93 -7.49 14.85
N ASP A 19 -3.43 -8.70 14.59
CA ASP A 19 -3.63 -9.70 15.64
C ASP A 19 -2.34 -9.96 16.40
N ARG A 20 -2.49 -10.27 17.68
CA ARG A 20 -1.37 -10.66 18.52
C ARG A 20 -1.74 -11.90 19.32
N SER A 21 -2.85 -12.51 18.96
CA SER A 21 -3.36 -13.67 19.67
C SER A 21 -3.31 -14.92 18.80
N ILE A 22 -3.28 -14.73 17.49
CA ILE A 22 -3.31 -15.85 16.55
C ILE A 22 -1.98 -16.59 16.57
N THR A 23 -2.07 -17.90 16.37
CA THR A 23 -0.91 -18.76 16.35
C THR A 23 -0.08 -18.48 15.11
N GLY A 24 1.21 -18.79 15.17
CA GLY A 24 2.13 -18.52 14.07
C GLY A 24 1.88 -19.40 12.85
N GLY A 25 0.62 -19.66 12.57
CA GLY A 25 0.26 -20.42 11.39
C GLY A 25 -0.39 -19.55 10.34
N HIS A 26 -1.30 -18.69 10.77
CA HIS A 26 -2.02 -17.83 9.84
C HIS A 26 -2.46 -16.53 10.53
N LYS A 27 -1.57 -15.57 10.59
CA LYS A 27 -1.86 -14.29 11.22
C LYS A 27 -2.89 -13.52 10.40
N GLN A 28 -3.54 -12.55 11.02
CA GLN A 28 -4.59 -11.79 10.37
C GLN A 28 -4.61 -10.36 10.89
N GLY A 29 -5.30 -9.50 10.16
CA GLY A 29 -5.41 -8.13 10.58
C GLY A 29 -6.37 -7.34 9.73
N LYS A 30 -6.51 -6.06 10.03
CA LYS A 30 -7.40 -5.20 9.31
C LYS A 30 -6.70 -3.88 9.02
N LEU A 31 -6.49 -3.57 7.75
CA LEU A 31 -5.81 -2.35 7.39
C LEU A 31 -6.78 -1.32 6.81
N THR A 32 -6.59 -0.07 7.19
CA THR A 32 -7.36 1.02 6.62
C THR A 32 -6.45 1.91 5.78
N ILE A 33 -6.74 2.00 4.49
CA ILE A 33 -5.91 2.76 3.58
C ILE A 33 -6.69 3.90 2.92
N LYS A 34 -6.04 5.05 2.83
CA LYS A 34 -6.59 6.20 2.15
C LYS A 34 -6.25 6.12 0.67
N THR A 35 -7.25 5.94 -0.16
CA THR A 35 -7.02 5.86 -1.60
C THR A 35 -7.24 7.22 -2.25
N THR A 36 -7.22 7.26 -3.57
CA THR A 36 -7.43 8.49 -4.30
C THR A 36 -8.78 9.13 -3.95
N ASP A 37 -9.79 8.30 -3.68
CA ASP A 37 -11.14 8.82 -3.48
C ASP A 37 -11.61 8.68 -2.03
N MET A 38 -11.27 7.59 -1.36
CA MET A 38 -11.75 7.39 0.02
C MET A 38 -10.88 6.39 0.78
N GLU A 39 -11.11 6.30 2.08
CA GLU A 39 -10.43 5.33 2.91
C GLU A 39 -11.21 4.02 2.95
N THR A 40 -10.58 2.95 2.52
CA THR A 40 -11.21 1.65 2.46
C THR A 40 -10.49 0.68 3.38
N ILE A 41 -11.20 -0.33 3.87
CA ILE A 41 -10.62 -1.28 4.79
C ILE A 41 -10.34 -2.60 4.08
N TYR A 42 -9.15 -3.14 4.30
CA TYR A 42 -8.71 -4.35 3.63
C TYR A 42 -8.32 -5.41 4.66
N GLU A 43 -8.70 -6.66 4.37
CA GLU A 43 -8.39 -7.76 5.27
C GLU A 43 -6.96 -8.24 5.05
N LEU A 44 -6.26 -8.45 6.13
CA LEU A 44 -4.86 -8.84 6.07
C LEU A 44 -4.70 -10.34 6.32
N GLY A 45 -4.07 -11.01 5.37
CA GLY A 45 -3.72 -12.40 5.55
C GLY A 45 -2.33 -12.53 6.12
N ASN A 46 -1.89 -13.75 6.39
CA ASN A 46 -0.61 -13.98 7.04
C ASN A 46 0.55 -13.40 6.22
N LYS A 47 0.47 -13.58 4.90
CA LYS A 47 1.50 -13.07 4.01
C LYS A 47 1.46 -11.54 3.97
N MET A 48 0.26 -10.98 4.13
CA MET A 48 0.10 -9.54 4.20
C MET A 48 0.78 -8.98 5.45
N ILE A 49 0.54 -9.62 6.60
CA ILE A 49 1.25 -9.28 7.82
C ILE A 49 2.76 -9.37 7.58
N ASP A 50 3.17 -10.47 6.97
CA ASP A 50 4.57 -10.68 6.61
C ASP A 50 5.13 -9.50 5.82
N GLY A 51 4.42 -9.15 4.76
CA GLY A 51 4.84 -8.06 3.89
C GLY A 51 4.91 -6.72 4.60
N LEU A 52 3.85 -6.37 5.35
CA LEU A 52 3.80 -5.08 6.02
C LEU A 52 4.86 -5.01 7.12
N THR A 53 5.10 -6.13 7.76
CA THR A 53 6.18 -6.25 8.74
C THR A 53 7.52 -5.96 8.07
N LYS A 54 7.75 -6.61 6.94
CA LYS A 54 8.99 -6.46 6.20
C LYS A 54 9.20 -4.99 5.78
N GLU A 55 8.14 -4.36 5.31
CA GLU A 55 8.24 -2.98 4.84
C GLU A 55 8.21 -2.01 6.01
N LYS A 56 7.94 -2.53 7.20
CA LYS A 56 7.86 -1.73 8.43
C LYS A 56 6.77 -0.68 8.29
N VAL A 57 5.55 -1.14 8.09
CA VAL A 57 4.43 -0.25 7.83
C VAL A 57 3.76 0.19 9.12
N LEU A 58 3.64 1.50 9.27
CA LEU A 58 2.92 2.09 10.40
C LEU A 58 1.90 3.09 9.89
N ALA A 59 1.06 3.58 10.77
CA ALA A 59 0.07 4.58 10.40
C ALA A 59 0.79 5.85 9.95
N GLY A 60 0.49 6.28 8.73
CA GLY A 60 1.19 7.41 8.17
C GLY A 60 2.08 7.01 7.01
N ASP A 61 2.37 5.73 6.88
CA ASP A 61 3.14 5.22 5.75
C ASP A 61 2.21 4.90 4.58
N VAL A 62 2.75 4.89 3.37
CA VAL A 62 1.97 4.50 2.18
C VAL A 62 2.51 3.19 1.60
N ILE A 63 1.62 2.26 1.27
CA ILE A 63 2.06 0.99 0.72
C ILE A 63 1.08 0.45 -0.31
N SER A 64 1.56 -0.48 -1.12
CA SER A 64 0.76 -1.14 -2.13
C SER A 64 0.74 -2.64 -1.83
N ILE A 65 -0.39 -3.27 -2.06
CA ILE A 65 -0.54 -4.68 -1.78
C ILE A 65 -0.83 -5.45 -3.06
N ASP A 66 -0.03 -6.46 -3.32
CA ASP A 66 -0.21 -7.30 -4.50
C ASP A 66 -1.11 -8.47 -4.16
N LYS A 67 -2.31 -8.49 -4.71
CA LYS A 67 -3.27 -9.54 -4.41
C LYS A 67 -2.81 -10.88 -4.98
N ALA A 68 -2.05 -10.82 -6.05
CA ALA A 68 -1.59 -12.02 -6.73
C ALA A 68 -0.45 -12.70 -5.98
N SER A 69 0.62 -11.96 -5.71
CA SER A 69 1.79 -12.52 -5.06
C SER A 69 1.69 -12.46 -3.54
N GLY A 70 0.94 -11.48 -3.04
CA GLY A 70 0.83 -11.28 -1.60
C GLY A 70 1.93 -10.38 -1.08
N LYS A 71 2.61 -9.71 -1.99
CA LYS A 71 3.72 -8.83 -1.67
C LYS A 71 3.25 -7.40 -1.39
N ILE A 72 3.83 -6.77 -0.38
CA ILE A 72 3.50 -5.39 -0.05
C ILE A 72 4.70 -4.48 -0.35
N THR A 73 4.44 -3.35 -1.00
CA THR A 73 5.50 -2.43 -1.38
C THR A 73 5.18 -1.00 -0.96
N LYS A 74 6.00 -0.45 -0.06
CA LYS A 74 5.88 0.93 0.36
C LYS A 74 6.28 1.85 -0.80
N LEU A 75 5.38 2.76 -1.18
CA LEU A 75 5.55 3.51 -2.43
C LEU A 75 6.57 4.64 -2.31
N GLY A 76 6.40 5.54 -1.36
CA GLY A 76 7.36 6.62 -1.24
C GLY A 76 6.76 7.99 -0.94
N ARG A 77 5.44 8.13 -0.96
CA ARG A 77 4.83 9.42 -0.62
C ARG A 77 4.87 9.64 0.88
N SER A 78 4.06 8.86 1.57
CA SER A 78 4.00 8.89 3.01
C SER A 78 5.05 7.94 3.59
N PHE A 79 6.15 8.51 4.05
CA PHE A 79 7.27 7.73 4.54
C PHE A 79 7.61 8.13 5.97
N ALA A 80 8.82 7.78 6.41
CA ALA A 80 9.27 8.09 7.75
C ALA A 80 10.78 8.02 7.81
N ARG A 81 11.39 9.09 8.29
CA ARG A 81 12.83 9.24 8.36
C ARG A 81 13.50 8.94 7.03
N SER A 82 13.13 9.70 6.01
CA SER A 82 13.82 9.65 4.73
C SER A 82 14.99 10.62 4.76
N ARG A 83 16.13 10.21 4.21
CA ARG A 83 17.31 11.07 4.24
C ARG A 83 17.16 12.25 3.32
N ASP A 84 17.06 13.42 3.92
CA ASP A 84 16.97 14.67 3.18
C ASP A 84 18.34 15.30 3.09
N TYR A 85 19.30 14.64 3.68
CA TYR A 85 20.66 15.11 3.71
C TYR A 85 21.47 14.40 2.66
N ASP A 86 21.78 15.13 1.62
CA ASP A 86 22.54 14.58 0.51
C ASP A 86 23.85 15.32 0.33
N ALA A 87 24.15 16.16 1.30
CA ALA A 87 25.40 16.91 1.33
C ALA A 87 26.45 16.15 2.11
N MET A 88 26.64 14.89 1.74
CA MET A 88 27.46 13.96 2.50
C MET A 88 28.93 14.15 2.20
N GLY A 89 29.54 15.14 2.84
CA GLY A 89 30.97 15.34 2.72
C GLY A 89 31.70 14.82 3.95
N ALA A 90 31.23 15.24 5.12
CA ALA A 90 31.79 14.77 6.38
C ALA A 90 30.91 13.68 6.95
N ASP A 91 29.90 13.33 6.19
CA ASP A 91 28.99 12.26 6.56
C ASP A 91 29.43 10.97 5.90
N THR A 92 30.31 10.25 6.56
CA THR A 92 30.84 8.99 6.05
C THR A 92 29.88 7.84 6.29
N ARG A 93 28.60 8.10 6.07
CA ARG A 93 27.56 7.10 6.28
C ARG A 93 26.88 6.78 4.96
N PHE A 94 27.66 6.28 4.01
CA PHE A 94 27.14 5.95 2.68
C PHE A 94 26.49 4.58 2.69
N VAL A 95 25.58 4.40 3.64
CA VAL A 95 24.89 3.13 3.82
C VAL A 95 23.73 2.99 2.85
N GLN A 96 24.01 3.16 1.58
CA GLN A 96 23.03 2.95 0.53
C GLN A 96 22.84 1.45 0.35
N CYS A 97 21.98 0.88 1.17
CA CYS A 97 21.72 -0.56 1.16
C CYS A 97 20.97 -0.95 -0.10
N PRO A 98 21.58 -1.81 -0.94
CA PRO A 98 20.94 -2.34 -2.14
C PRO A 98 19.68 -3.11 -1.81
N GLU A 99 18.53 -2.46 -1.95
CA GLU A 99 17.25 -3.05 -1.59
C GLU A 99 16.47 -3.43 -2.84
N GLY A 100 17.16 -3.45 -3.96
CA GLY A 100 16.52 -3.79 -5.22
C GLY A 100 16.56 -2.65 -6.21
N GLU A 101 17.61 -2.60 -7.00
CA GLU A 101 17.77 -1.57 -8.02
C GLU A 101 16.89 -1.89 -9.22
N LEU A 102 15.58 -1.85 -9.00
CA LEU A 102 14.61 -2.14 -10.04
C LEU A 102 14.68 -1.06 -11.11
N GLN A 103 15.14 -1.47 -12.30
CA GLN A 103 15.44 -0.54 -13.40
C GLN A 103 16.65 0.33 -13.03
N LYS A 104 17.57 0.45 -13.97
CA LYS A 104 18.81 1.20 -13.75
C LYS A 104 18.55 2.70 -13.77
N ARG A 105 17.85 3.17 -12.75
CA ARG A 105 17.60 4.60 -12.58
C ARG A 105 18.92 5.34 -12.48
N LYS A 106 19.68 5.01 -11.44
CA LYS A 106 21.06 5.46 -11.28
C LYS A 106 21.15 6.96 -10.97
N THR A 107 21.88 7.28 -9.93
CA THR A 107 22.18 8.67 -9.60
C THR A 107 23.40 9.14 -10.38
N GLY A 1 -4.75 -6.74 -18.17
CA GLY A 1 -4.49 -7.82 -17.19
C GLY A 1 -3.04 -7.87 -16.78
N PRO A 2 -2.48 -9.08 -16.61
CA PRO A 2 -1.07 -9.26 -16.23
C PRO A 2 -0.13 -8.92 -17.38
N HIS A 3 0.08 -7.63 -17.60
CA HIS A 3 0.95 -7.16 -18.68
C HIS A 3 1.65 -5.89 -18.26
N MET A 4 2.81 -6.04 -17.62
CA MET A 4 3.59 -4.91 -17.11
C MET A 4 2.85 -4.19 -15.99
N GLU A 5 1.86 -4.86 -15.45
CA GLU A 5 1.08 -4.34 -14.34
C GLU A 5 0.31 -5.48 -13.67
N THR A 6 0.02 -5.29 -12.39
CA THR A 6 -0.68 -6.28 -11.61
C THR A 6 -1.84 -5.61 -10.87
N GLU A 7 -2.76 -6.38 -10.33
CA GLU A 7 -3.79 -5.83 -9.47
C GLU A 7 -3.19 -5.47 -8.12
N LEU A 8 -3.13 -4.18 -7.86
CA LEU A 8 -2.51 -3.66 -6.65
C LEU A 8 -3.47 -2.75 -5.92
N ILE A 9 -3.38 -2.74 -4.61
CA ILE A 9 -4.12 -1.79 -3.81
C ILE A 9 -3.14 -0.94 -3.00
N GLU A 10 -3.26 0.37 -3.12
CA GLU A 10 -2.31 1.29 -2.52
C GLU A 10 -2.99 2.55 -2.02
N GLY A 11 -2.37 3.17 -1.04
CA GLY A 11 -2.89 4.40 -0.47
C GLY A 11 -2.17 4.76 0.81
N GLU A 12 -2.69 5.75 1.51
CA GLU A 12 -2.09 6.20 2.76
C GLU A 12 -2.72 5.45 3.93
N VAL A 13 -1.87 4.91 4.79
CA VAL A 13 -2.34 4.12 5.92
C VAL A 13 -2.99 5.00 6.96
N VAL A 14 -4.27 4.76 7.18
CA VAL A 14 -5.03 5.52 8.16
C VAL A 14 -5.01 4.81 9.50
N GLU A 15 -5.08 3.49 9.46
CA GLU A 15 -5.15 2.69 10.68
C GLU A 15 -4.62 1.28 10.41
N ILE A 16 -4.04 0.69 11.44
CA ILE A 16 -3.48 -0.64 11.37
C ILE A 16 -3.91 -1.46 12.59
N GLN A 17 -4.76 -2.44 12.38
CA GLN A 17 -5.21 -3.28 13.47
C GLN A 17 -4.72 -4.71 13.25
N ILE A 18 -3.71 -5.09 13.99
CA ILE A 18 -3.15 -6.43 13.88
C ILE A 18 -3.39 -7.21 15.17
N ASP A 19 -4.12 -8.31 15.05
CA ASP A 19 -4.43 -9.16 16.18
C ASP A 19 -3.17 -9.81 16.73
N ARG A 20 -3.13 -10.05 18.03
CA ARG A 20 -1.96 -10.65 18.67
C ARG A 20 -2.33 -11.93 19.40
N SER A 21 -3.40 -12.57 18.94
CA SER A 21 -3.82 -13.85 19.48
C SER A 21 -3.83 -14.89 18.37
N ILE A 22 -3.64 -14.42 17.14
CA ILE A 22 -3.56 -15.29 15.97
C ILE A 22 -2.09 -15.48 15.57
N THR A 23 -1.23 -14.78 16.28
CA THR A 23 0.21 -14.81 16.06
C THR A 23 0.74 -16.21 15.73
N GLY A 24 0.16 -17.23 16.36
CA GLY A 24 0.66 -18.57 16.21
C GLY A 24 -0.13 -19.42 15.23
N GLY A 25 -0.57 -18.83 14.13
CA GLY A 25 -1.20 -19.62 13.08
C GLY A 25 -2.16 -18.81 12.23
N HIS A 26 -1.78 -18.59 10.97
CA HIS A 26 -2.62 -17.89 9.99
C HIS A 26 -2.93 -16.48 10.46
N LYS A 27 -1.89 -15.65 10.58
CA LYS A 27 -2.02 -14.29 11.11
C LYS A 27 -3.05 -13.49 10.29
N GLN A 28 -3.73 -12.57 10.95
CA GLN A 28 -4.76 -11.78 10.32
C GLN A 28 -4.83 -10.39 10.92
N GLY A 29 -5.44 -9.46 10.20
CA GLY A 29 -5.56 -8.11 10.70
C GLY A 29 -6.42 -7.24 9.80
N LYS A 30 -6.63 -6.01 10.24
CA LYS A 30 -7.45 -5.06 9.52
C LYS A 30 -6.63 -3.81 9.20
N LEU A 31 -6.46 -3.50 7.92
CA LEU A 31 -5.76 -2.29 7.52
C LEU A 31 -6.74 -1.27 6.97
N THR A 32 -6.55 -0.03 7.35
CA THR A 32 -7.35 1.06 6.83
C THR A 32 -6.50 1.94 5.91
N ILE A 33 -6.88 2.02 4.64
CA ILE A 33 -6.11 2.77 3.67
C ILE A 33 -6.93 3.89 3.04
N LYS A 34 -6.31 5.05 2.92
CA LYS A 34 -6.90 6.21 2.28
C LYS A 34 -6.54 6.21 0.81
N THR A 35 -7.55 6.18 -0.04
CA THR A 35 -7.32 6.22 -1.47
C THR A 35 -7.56 7.63 -2.00
N THR A 36 -7.56 7.77 -3.31
CA THR A 36 -7.81 9.05 -3.93
C THR A 36 -9.18 9.62 -3.53
N ASP A 37 -10.18 8.76 -3.34
CA ASP A 37 -11.54 9.24 -3.08
C ASP A 37 -12.00 8.99 -1.63
N MET A 38 -11.65 7.85 -1.07
CA MET A 38 -12.15 7.50 0.27
C MET A 38 -11.19 6.59 1.02
N GLU A 39 -11.47 6.38 2.29
CA GLU A 39 -10.70 5.42 3.07
C GLU A 39 -11.45 4.10 3.11
N THR A 40 -10.76 3.03 2.78
CA THR A 40 -11.36 1.72 2.74
C THR A 40 -10.54 0.74 3.58
N ILE A 41 -11.19 -0.27 4.13
CA ILE A 41 -10.53 -1.23 4.99
C ILE A 41 -10.24 -2.52 4.23
N TYR A 42 -9.02 -3.00 4.35
CA TYR A 42 -8.59 -4.22 3.70
C TYR A 42 -8.03 -5.19 4.72
N GLU A 43 -8.39 -6.46 4.58
CA GLU A 43 -7.94 -7.48 5.51
C GLU A 43 -6.58 -8.01 5.11
N LEU A 44 -5.75 -8.30 6.10
CA LEU A 44 -4.44 -8.84 5.84
C LEU A 44 -4.42 -10.32 6.16
N GLY A 45 -3.95 -11.11 5.21
CA GLY A 45 -3.68 -12.50 5.47
C GLY A 45 -2.27 -12.69 6.03
N ASN A 46 -1.88 -13.93 6.25
CA ASN A 46 -0.57 -14.24 6.83
C ASN A 46 0.55 -13.58 6.01
N LYS A 47 0.44 -13.68 4.69
CA LYS A 47 1.47 -13.12 3.81
C LYS A 47 1.45 -11.59 3.86
N MET A 48 0.27 -11.02 4.08
CA MET A 48 0.14 -9.57 4.18
C MET A 48 0.78 -9.06 5.47
N ILE A 49 0.49 -9.70 6.60
CA ILE A 49 1.18 -9.39 7.85
C ILE A 49 2.68 -9.49 7.64
N ASP A 50 3.10 -10.56 6.99
CA ASP A 50 4.50 -10.78 6.66
C ASP A 50 5.06 -9.59 5.89
N GLY A 51 4.38 -9.24 4.81
CA GLY A 51 4.84 -8.17 3.95
C GLY A 51 4.87 -6.82 4.63
N LEU A 52 3.78 -6.46 5.31
CA LEU A 52 3.71 -5.16 5.97
C LEU A 52 4.77 -5.05 7.07
N THR A 53 4.99 -6.16 7.76
CA THR A 53 6.04 -6.23 8.77
C THR A 53 7.42 -6.09 8.12
N LYS A 54 7.62 -6.76 6.99
CA LYS A 54 8.88 -6.70 6.27
C LYS A 54 9.17 -5.28 5.77
N GLU A 55 8.13 -4.56 5.39
CA GLU A 55 8.27 -3.19 4.92
C GLU A 55 8.24 -2.21 6.08
N LYS A 56 7.90 -2.73 7.27
CA LYS A 56 7.82 -1.95 8.49
C LYS A 56 6.77 -0.84 8.37
N VAL A 57 5.62 -1.21 7.84
CA VAL A 57 4.54 -0.26 7.59
C VAL A 57 3.88 0.19 8.88
N LEU A 58 3.79 1.49 9.08
CA LEU A 58 3.08 2.05 10.21
C LEU A 58 2.05 3.07 9.74
N ALA A 59 1.20 3.54 10.65
CA ALA A 59 0.15 4.49 10.29
C ALA A 59 0.75 5.78 9.75
N GLY A 60 0.25 6.23 8.61
CA GLY A 60 0.82 7.39 7.95
C GLY A 60 1.61 7.01 6.72
N ASP A 61 2.09 5.77 6.69
CA ASP A 61 2.89 5.28 5.56
C ASP A 61 2.04 5.02 4.34
N VAL A 62 2.67 5.03 3.17
CA VAL A 62 2.00 4.67 1.92
C VAL A 62 2.58 3.37 1.38
N ILE A 63 1.72 2.41 1.07
CA ILE A 63 2.18 1.11 0.60
C ILE A 63 1.27 0.58 -0.49
N SER A 64 1.77 -0.42 -1.21
CA SER A 64 1.01 -1.07 -2.27
C SER A 64 1.00 -2.57 -2.04
N ILE A 65 -0.15 -3.19 -2.20
CA ILE A 65 -0.31 -4.61 -1.93
C ILE A 65 -0.65 -5.36 -3.21
N ASP A 66 0.12 -6.40 -3.50
CA ASP A 66 -0.07 -7.20 -4.71
C ASP A 66 -0.98 -8.39 -4.40
N LYS A 67 -2.18 -8.38 -4.97
CA LYS A 67 -3.17 -9.42 -4.70
C LYS A 67 -2.72 -10.76 -5.28
N ALA A 68 -1.96 -10.69 -6.36
CA ALA A 68 -1.52 -11.88 -7.06
C ALA A 68 -0.49 -12.66 -6.26
N SER A 69 0.59 -11.99 -5.91
CA SER A 69 1.73 -12.63 -5.29
C SER A 69 1.64 -12.58 -3.76
N GLY A 70 0.94 -11.57 -3.25
CA GLY A 70 0.88 -11.37 -1.82
C GLY A 70 2.01 -10.48 -1.34
N LYS A 71 2.65 -9.82 -2.29
CA LYS A 71 3.79 -8.96 -2.01
C LYS A 71 3.34 -7.55 -1.64
N ILE A 72 3.93 -7.00 -0.59
CA ILE A 72 3.67 -5.63 -0.19
C ILE A 72 4.90 -4.77 -0.47
N THR A 73 4.68 -3.63 -1.11
CA THR A 73 5.77 -2.72 -1.42
C THR A 73 5.46 -1.33 -0.89
N LYS A 74 6.26 -0.86 0.04
CA LYS A 74 6.09 0.46 0.61
C LYS A 74 6.60 1.52 -0.35
N LEU A 75 5.79 2.54 -0.58
CA LEU A 75 6.18 3.67 -1.41
C LEU A 75 6.70 4.79 -0.53
N GLY A 76 6.02 4.99 0.59
CA GLY A 76 6.45 5.98 1.55
C GLY A 76 5.67 7.27 1.40
N ARG A 77 5.67 7.80 0.19
CA ARG A 77 4.99 9.04 -0.10
C ARG A 77 3.65 8.76 -0.77
N SER A 78 2.69 9.66 -0.55
CA SER A 78 1.33 9.50 -1.07
C SER A 78 1.27 9.72 -2.58
N PHE A 79 1.78 8.76 -3.33
CA PHE A 79 1.75 8.82 -4.77
C PHE A 79 0.36 8.53 -5.30
N ALA A 80 0.10 9.00 -6.50
CA ALA A 80 -1.19 8.82 -7.13
C ALA A 80 -1.03 8.45 -8.58
N ARG A 81 -1.78 7.45 -9.02
CA ARG A 81 -1.77 7.06 -10.43
C ARG A 81 -2.75 7.96 -11.19
N SER A 82 -2.37 9.22 -11.27
CA SER A 82 -3.23 10.25 -11.84
C SER A 82 -3.08 10.32 -13.35
N ARG A 83 -4.00 11.06 -13.96
CA ARG A 83 -3.99 11.27 -15.40
C ARG A 83 -4.00 12.77 -15.69
N ASP A 84 -4.11 13.12 -16.97
CA ASP A 84 -4.13 14.54 -17.37
C ASP A 84 -5.50 15.15 -17.11
N TYR A 85 -6.06 14.79 -15.96
CA TYR A 85 -7.37 15.25 -15.54
C TYR A 85 -7.47 15.10 -14.03
N ASP A 86 -6.37 15.37 -13.37
CA ASP A 86 -6.29 15.27 -11.90
C ASP A 86 -6.85 16.52 -11.26
N ALA A 87 -7.94 17.01 -11.81
CA ALA A 87 -8.63 18.19 -11.31
C ALA A 87 -10.13 17.92 -11.22
N MET A 88 -10.49 16.72 -10.82
CA MET A 88 -11.89 16.31 -10.73
C MET A 88 -12.44 16.58 -9.35
N GLY A 89 -12.76 17.84 -9.08
CA GLY A 89 -13.34 18.20 -7.81
C GLY A 89 -14.82 17.90 -7.76
N ALA A 90 -15.15 16.67 -7.40
CA ALA A 90 -16.53 16.23 -7.39
C ALA A 90 -16.93 15.70 -6.02
N ASP A 91 -16.77 16.54 -5.01
CA ASP A 91 -17.13 16.17 -3.64
C ASP A 91 -18.61 16.43 -3.37
N THR A 92 -19.40 16.46 -4.43
CA THR A 92 -20.83 16.67 -4.35
C THR A 92 -21.53 15.40 -3.85
N ARG A 93 -21.25 15.05 -2.61
CA ARG A 93 -21.79 13.84 -2.01
C ARG A 93 -23.12 14.12 -1.32
N PHE A 94 -24.07 14.64 -2.07
CA PHE A 94 -25.42 14.82 -1.57
C PHE A 94 -26.19 13.56 -1.85
N VAL A 95 -25.83 12.56 -1.12
CA VAL A 95 -26.18 11.22 -1.45
C VAL A 95 -26.97 10.54 -0.32
N GLN A 96 -27.92 11.28 0.23
CA GLN A 96 -28.80 10.76 1.26
C GLN A 96 -29.53 9.50 0.78
N CYS A 97 -29.12 8.37 1.31
CA CYS A 97 -29.70 7.09 0.92
C CYS A 97 -30.51 6.53 2.09
N PRO A 98 -31.76 6.10 1.81
CA PRO A 98 -32.64 5.51 2.82
C PRO A 98 -31.96 4.39 3.59
N GLU A 99 -32.03 4.47 4.90
CA GLU A 99 -31.40 3.50 5.78
C GLU A 99 -32.21 3.35 7.06
N GLY A 100 -32.63 2.13 7.35
CA GLY A 100 -33.42 1.89 8.55
C GLY A 100 -32.97 0.64 9.30
N GLU A 101 -33.27 -0.52 8.72
CA GLU A 101 -32.93 -1.80 9.32
C GLU A 101 -33.47 -1.91 10.74
N LEU A 102 -34.79 -1.86 10.86
CA LEU A 102 -35.44 -1.96 12.16
C LEU A 102 -36.78 -2.67 12.04
N GLN A 103 -37.16 -3.41 13.07
CA GLN A 103 -38.40 -4.15 13.08
C GLN A 103 -39.44 -3.42 13.93
N LYS A 104 -39.42 -2.10 13.83
CA LYS A 104 -40.34 -1.26 14.59
C LYS A 104 -41.21 -0.47 13.62
N ARG A 105 -42.11 -1.18 12.96
CA ARG A 105 -42.99 -0.56 11.99
C ARG A 105 -44.34 -0.26 12.64
N LYS A 106 -44.39 0.87 13.33
CA LYS A 106 -45.58 1.25 14.08
C LYS A 106 -46.36 2.32 13.33
N THR A 107 -47.34 1.89 12.55
CA THR A 107 -48.15 2.81 11.79
C THR A 107 -49.55 2.89 12.37
N GLY A 1 -8.46 -9.69 -13.51
CA GLY A 1 -8.78 -8.65 -12.51
C GLY A 1 -9.12 -7.33 -13.16
N PRO A 2 -10.23 -6.68 -12.74
CA PRO A 2 -10.70 -5.43 -13.34
C PRO A 2 -9.87 -4.21 -12.93
N HIS A 3 -8.56 -4.32 -13.10
CA HIS A 3 -7.65 -3.22 -12.79
C HIS A 3 -6.50 -3.18 -13.77
N MET A 4 -6.58 -4.02 -14.80
CA MET A 4 -5.49 -4.21 -15.76
C MET A 4 -4.29 -4.87 -15.08
N GLU A 5 -3.83 -5.98 -15.63
CA GLU A 5 -2.77 -6.76 -15.04
C GLU A 5 -3.17 -7.20 -13.63
N THR A 6 -2.17 -7.43 -12.80
CA THR A 6 -2.40 -7.74 -11.41
C THR A 6 -3.13 -6.60 -10.71
N GLU A 7 -3.93 -6.93 -9.71
CA GLU A 7 -4.66 -5.92 -8.97
C GLU A 7 -3.85 -5.44 -7.78
N LEU A 8 -3.44 -4.19 -7.84
CA LEU A 8 -2.66 -3.60 -6.76
C LEU A 8 -3.46 -2.55 -6.04
N ILE A 9 -3.40 -2.58 -4.73
CA ILE A 9 -4.07 -1.58 -3.91
C ILE A 9 -3.05 -0.77 -3.13
N GLU A 10 -3.13 0.54 -3.24
CA GLU A 10 -2.16 1.42 -2.61
C GLU A 10 -2.80 2.70 -2.12
N GLY A 11 -2.25 3.25 -1.05
CA GLY A 11 -2.77 4.48 -0.49
C GLY A 11 -2.11 4.82 0.82
N GLU A 12 -2.65 5.82 1.51
CA GLU A 12 -2.13 6.22 2.81
C GLU A 12 -2.71 5.33 3.90
N VAL A 13 -1.86 4.80 4.73
CA VAL A 13 -2.31 3.99 5.84
C VAL A 13 -2.92 4.87 6.92
N VAL A 14 -4.19 4.64 7.21
CA VAL A 14 -4.88 5.42 8.22
C VAL A 14 -4.93 4.65 9.53
N GLU A 15 -4.98 3.33 9.44
CA GLU A 15 -5.07 2.50 10.63
C GLU A 15 -4.47 1.12 10.38
N ILE A 16 -3.94 0.54 11.44
CA ILE A 16 -3.30 -0.77 11.39
C ILE A 16 -3.71 -1.58 12.61
N GLN A 17 -4.53 -2.61 12.40
CA GLN A 17 -4.91 -3.48 13.48
C GLN A 17 -4.38 -4.89 13.24
N ILE A 18 -3.43 -5.30 14.04
CA ILE A 18 -2.86 -6.63 13.93
C ILE A 18 -3.08 -7.41 15.21
N ASP A 19 -3.78 -8.53 15.11
CA ASP A 19 -4.00 -9.41 16.24
C ASP A 19 -2.67 -9.91 16.79
N ARG A 20 -2.51 -9.83 18.10
CA ARG A 20 -1.25 -10.22 18.73
C ARG A 20 -1.45 -11.46 19.58
N SER A 21 -2.54 -12.16 19.29
CA SER A 21 -2.89 -13.37 20.00
C SER A 21 -2.60 -14.58 19.12
N ILE A 22 -2.17 -14.29 17.91
CA ILE A 22 -1.90 -15.31 16.91
C ILE A 22 -0.71 -16.19 17.31
N THR A 23 -0.96 -17.49 17.31
CA THR A 23 0.09 -18.46 17.54
C THR A 23 0.13 -19.44 16.37
N GLY A 24 1.17 -20.25 16.33
CA GLY A 24 1.35 -21.18 15.23
C GLY A 24 1.79 -20.48 13.96
N GLY A 25 0.82 -20.03 13.18
CA GLY A 25 1.14 -19.37 11.93
C GLY A 25 -0.10 -18.98 11.16
N HIS A 26 -1.04 -18.34 11.83
CA HIS A 26 -2.29 -17.93 11.20
C HIS A 26 -2.52 -16.45 11.41
N LYS A 27 -1.57 -15.64 10.96
CA LYS A 27 -1.61 -14.20 11.19
C LYS A 27 -2.80 -13.58 10.45
N GLN A 28 -3.39 -12.59 11.08
CA GLN A 28 -4.53 -11.89 10.52
C GLN A 28 -4.56 -10.46 11.04
N GLY A 29 -5.16 -9.57 10.27
CA GLY A 29 -5.22 -8.19 10.67
C GLY A 29 -6.21 -7.39 9.86
N LYS A 30 -6.37 -6.14 10.20
CA LYS A 30 -7.26 -5.24 9.51
C LYS A 30 -6.50 -3.97 9.14
N LEU A 31 -6.39 -3.68 7.86
CA LEU A 31 -5.71 -2.46 7.43
C LEU A 31 -6.70 -1.45 6.90
N THR A 32 -6.50 -0.20 7.28
CA THR A 32 -7.31 0.89 6.77
C THR A 32 -6.46 1.79 5.88
N ILE A 33 -6.89 1.96 4.63
CA ILE A 33 -6.14 2.76 3.66
C ILE A 33 -7.01 3.88 3.07
N LYS A 34 -6.39 5.04 2.91
CA LYS A 34 -7.01 6.16 2.24
C LYS A 34 -6.78 6.07 0.74
N THR A 35 -7.84 6.02 -0.03
CA THR A 35 -7.71 5.93 -1.47
C THR A 35 -8.02 7.28 -2.11
N THR A 36 -8.09 7.30 -3.43
CA THR A 36 -8.37 8.52 -4.18
C THR A 36 -9.63 9.25 -3.69
N ASP A 37 -10.62 8.52 -3.20
CA ASP A 37 -11.88 9.14 -2.81
C ASP A 37 -12.23 8.88 -1.34
N MET A 38 -11.96 7.69 -0.83
CA MET A 38 -12.38 7.35 0.52
C MET A 38 -11.39 6.44 1.23
N GLU A 39 -11.54 6.33 2.53
CA GLU A 39 -10.75 5.40 3.32
C GLU A 39 -11.50 4.09 3.44
N THR A 40 -10.86 3.02 3.01
CA THR A 40 -11.48 1.71 2.96
C THR A 40 -10.62 0.70 3.70
N ILE A 41 -11.25 -0.33 4.24
CA ILE A 41 -10.53 -1.35 4.97
C ILE A 41 -10.26 -2.56 4.09
N TYR A 42 -9.05 -3.09 4.20
CA TYR A 42 -8.65 -4.25 3.42
C TYR A 42 -8.24 -5.40 4.34
N GLU A 43 -8.57 -6.62 3.93
CA GLU A 43 -8.29 -7.81 4.70
C GLU A 43 -6.80 -8.11 4.70
N LEU A 44 -6.27 -8.43 5.86
CA LEU A 44 -4.86 -8.80 5.97
C LEU A 44 -4.71 -10.28 6.24
N GLY A 45 -4.00 -10.95 5.35
CA GLY A 45 -3.68 -12.35 5.56
C GLY A 45 -2.26 -12.53 6.04
N ASN A 46 -1.84 -13.76 6.26
CA ASN A 46 -0.51 -14.06 6.77
C ASN A 46 0.55 -13.39 5.90
N LYS A 47 0.35 -13.46 4.59
CA LYS A 47 1.28 -12.84 3.64
C LYS A 47 1.29 -11.32 3.82
N MET A 48 0.13 -10.75 4.08
CA MET A 48 0.02 -9.31 4.27
C MET A 48 0.70 -8.86 5.55
N ILE A 49 0.42 -9.55 6.66
CA ILE A 49 1.10 -9.25 7.93
C ILE A 49 2.61 -9.35 7.75
N ASP A 50 3.05 -10.46 7.16
CA ASP A 50 4.46 -10.69 6.92
C ASP A 50 5.05 -9.56 6.08
N GLY A 51 4.34 -9.20 5.02
CA GLY A 51 4.79 -8.15 4.13
C GLY A 51 4.86 -6.79 4.81
N LEU A 52 3.81 -6.41 5.52
CA LEU A 52 3.78 -5.10 6.16
C LEU A 52 4.81 -5.02 7.29
N THR A 53 4.95 -6.12 8.02
CA THR A 53 5.98 -6.21 9.05
C THR A 53 7.38 -6.10 8.42
N LYS A 54 7.59 -6.81 7.32
CA LYS A 54 8.86 -6.79 6.60
C LYS A 54 9.21 -5.37 6.16
N GLU A 55 8.20 -4.66 5.68
CA GLU A 55 8.39 -3.29 5.19
C GLU A 55 8.33 -2.27 6.32
N LYS A 56 7.99 -2.75 7.51
CA LYS A 56 7.92 -1.92 8.72
C LYS A 56 6.89 -0.81 8.56
N VAL A 57 5.77 -1.14 7.93
CA VAL A 57 4.72 -0.17 7.62
C VAL A 57 4.01 0.33 8.86
N LEU A 58 3.84 1.64 8.96
CA LEU A 58 3.08 2.24 10.04
C LEU A 58 2.06 3.24 9.50
N ALA A 59 1.16 3.68 10.36
CA ALA A 59 0.14 4.66 9.96
C ALA A 59 0.78 5.94 9.45
N GLY A 60 0.33 6.41 8.31
CA GLY A 60 0.93 7.57 7.69
C GLY A 60 1.82 7.22 6.52
N ASP A 61 2.14 5.94 6.39
CA ASP A 61 2.93 5.45 5.27
C ASP A 61 2.05 5.17 4.06
N VAL A 62 2.66 5.15 2.89
CA VAL A 62 1.99 4.74 1.67
C VAL A 62 2.62 3.46 1.14
N ILE A 63 1.78 2.46 0.88
CA ILE A 63 2.26 1.15 0.45
C ILE A 63 1.34 0.57 -0.60
N SER A 64 1.82 -0.42 -1.31
CA SER A 64 1.05 -1.09 -2.34
C SER A 64 0.99 -2.58 -2.04
N ILE A 65 -0.17 -3.17 -2.23
CA ILE A 65 -0.38 -4.57 -1.93
C ILE A 65 -0.73 -5.33 -3.20
N ASP A 66 0.01 -6.40 -3.46
CA ASP A 66 -0.26 -7.27 -4.59
C ASP A 66 -1.18 -8.40 -4.14
N LYS A 67 -2.41 -8.40 -4.63
CA LYS A 67 -3.39 -9.39 -4.17
C LYS A 67 -3.06 -10.78 -4.69
N ALA A 68 -2.35 -10.84 -5.80
CA ALA A 68 -2.01 -12.11 -6.40
C ALA A 68 -0.85 -12.79 -5.67
N SER A 69 0.28 -12.10 -5.58
CA SER A 69 1.48 -12.67 -4.99
C SER A 69 1.47 -12.51 -3.47
N GLY A 70 0.70 -11.54 -2.98
CA GLY A 70 0.64 -11.28 -1.56
C GLY A 70 1.79 -10.42 -1.09
N LYS A 71 2.44 -9.76 -2.04
CA LYS A 71 3.60 -8.93 -1.77
C LYS A 71 3.19 -7.50 -1.44
N ILE A 72 3.82 -6.92 -0.43
CA ILE A 72 3.59 -5.53 -0.07
C ILE A 72 4.85 -4.71 -0.36
N THR A 73 4.68 -3.60 -1.05
CA THR A 73 5.80 -2.74 -1.40
C THR A 73 5.55 -1.32 -0.91
N LYS A 74 6.43 -0.80 -0.07
CA LYS A 74 6.27 0.56 0.42
C LYS A 74 6.77 1.55 -0.62
N LEU A 75 5.92 2.52 -0.94
CA LEU A 75 6.28 3.57 -1.88
C LEU A 75 6.80 4.77 -1.12
N GLY A 76 6.09 5.11 -0.05
CA GLY A 76 6.45 6.24 0.76
C GLY A 76 5.30 7.20 0.86
N ARG A 77 5.09 7.97 -0.19
CA ARG A 77 3.91 8.80 -0.30
C ARG A 77 3.59 9.07 -1.77
N SER A 78 2.33 8.92 -2.13
CA SER A 78 1.87 9.12 -3.49
C SER A 78 1.25 10.50 -3.64
N PHE A 79 1.81 11.46 -2.90
CA PHE A 79 1.30 12.81 -2.88
C PHE A 79 2.38 13.76 -2.39
N ALA A 80 2.19 15.05 -2.65
CA ALA A 80 3.15 16.05 -2.24
C ALA A 80 2.49 17.03 -1.28
N ARG A 81 2.37 16.63 -0.03
CA ARG A 81 1.78 17.47 1.01
C ARG A 81 2.83 17.91 2.00
N SER A 82 2.39 18.38 3.16
CA SER A 82 3.28 18.67 4.26
C SER A 82 3.99 17.38 4.71
N ARG A 83 5.28 17.50 4.99
CA ARG A 83 6.08 16.34 5.39
C ARG A 83 5.57 15.75 6.70
N ASP A 84 5.75 14.44 6.85
CA ASP A 84 5.28 13.74 8.04
C ASP A 84 6.43 13.60 9.02
N TYR A 85 7.28 14.64 9.03
CA TYR A 85 8.50 14.66 9.84
C TYR A 85 9.55 13.71 9.27
N ASP A 86 9.17 12.46 9.05
CA ASP A 86 10.03 11.46 8.43
C ASP A 86 11.33 11.27 9.21
N ALA A 87 11.22 10.65 10.37
CA ALA A 87 12.38 10.37 11.20
C ALA A 87 12.81 8.91 11.05
N MET A 88 12.62 8.39 9.84
CA MET A 88 12.91 6.99 9.56
C MET A 88 14.38 6.81 9.21
N GLY A 89 15.22 7.28 10.10
CA GLY A 89 16.65 7.19 9.93
C GLY A 89 17.37 7.57 11.20
N ALA A 90 16.72 7.33 12.32
CA ALA A 90 17.26 7.66 13.61
C ALA A 90 17.16 6.47 14.56
N ASP A 91 17.81 5.38 14.18
CA ASP A 91 17.77 4.16 14.97
C ASP A 91 18.80 4.23 16.10
N THR A 92 19.38 5.43 16.22
CA THR A 92 20.37 5.76 17.24
C THR A 92 21.50 4.75 17.31
N ARG A 93 22.17 4.54 16.19
CA ARG A 93 23.27 3.59 16.11
C ARG A 93 24.61 4.30 16.21
N PHE A 94 24.56 5.56 16.62
CA PHE A 94 25.76 6.39 16.69
C PHE A 94 25.79 7.18 17.99
N VAL A 95 25.60 6.48 19.11
CA VAL A 95 25.61 7.12 20.41
C VAL A 95 26.81 6.64 21.21
N GLN A 96 27.48 7.58 21.86
CA GLN A 96 28.66 7.26 22.66
C GLN A 96 28.34 7.39 24.14
N CYS A 97 28.67 6.35 24.91
CA CYS A 97 28.46 6.36 26.35
C CYS A 97 29.06 5.10 27.01
N PRO A 98 28.67 3.88 26.58
CA PRO A 98 29.21 2.65 27.16
C PRO A 98 30.69 2.43 26.83
N GLU A 99 31.29 1.45 27.51
CA GLU A 99 32.69 1.08 27.31
C GLU A 99 33.62 2.27 27.50
N GLY A 100 34.07 2.46 28.73
CA GLY A 100 34.96 3.56 29.01
C GLY A 100 35.21 3.76 30.48
N GLU A 101 34.26 4.35 31.19
CA GLU A 101 34.42 4.68 32.59
C GLU A 101 34.15 3.46 33.47
N LEU A 102 34.97 2.43 33.31
CA LEU A 102 34.85 1.23 34.14
C LEU A 102 36.22 0.80 34.66
N GLN A 103 36.78 1.62 35.54
CA GLN A 103 38.06 1.30 36.15
C GLN A 103 37.84 0.49 37.43
N LYS A 104 38.22 -0.78 37.38
CA LYS A 104 38.04 -1.69 38.52
C LYS A 104 36.58 -1.70 38.95
N ARG A 105 35.71 -2.07 38.03
CA ARG A 105 34.28 -2.15 38.30
C ARG A 105 33.74 -3.47 37.79
N LYS A 106 34.42 -4.55 38.15
CA LYS A 106 34.05 -5.88 37.72
C LYS A 106 34.32 -6.89 38.83
N THR A 107 33.25 -7.50 39.32
CA THR A 107 33.36 -8.41 40.44
C THR A 107 32.34 -9.53 40.30
N GLY A 1 4.83 -3.06 -21.48
CA GLY A 1 4.06 -4.18 -22.07
C GLY A 1 3.43 -5.04 -21.01
N PRO A 2 3.30 -6.36 -21.25
CA PRO A 2 2.74 -7.29 -20.28
C PRO A 2 3.66 -7.46 -19.06
N HIS A 3 3.14 -7.11 -17.90
CA HIS A 3 3.91 -7.19 -16.67
C HIS A 3 3.10 -7.85 -15.57
N MET A 4 2.24 -8.78 -15.98
CA MET A 4 1.29 -9.42 -15.08
C MET A 4 0.43 -8.39 -14.40
N GLU A 5 -0.59 -8.01 -15.11
CA GLU A 5 -1.53 -7.01 -14.66
C GLU A 5 -2.34 -7.55 -13.50
N THR A 6 -2.04 -7.06 -12.32
CA THR A 6 -2.64 -7.58 -11.10
C THR A 6 -3.48 -6.52 -10.42
N GLU A 7 -4.35 -6.94 -9.50
CA GLU A 7 -5.13 -6.02 -8.71
C GLU A 7 -4.32 -5.55 -7.53
N LEU A 8 -3.97 -4.27 -7.53
CA LEU A 8 -3.16 -3.72 -6.48
C LEU A 8 -3.94 -2.69 -5.68
N ILE A 9 -3.73 -2.70 -4.37
CA ILE A 9 -4.29 -1.68 -3.52
C ILE A 9 -3.18 -0.87 -2.89
N GLU A 10 -3.18 0.43 -3.14
CA GLU A 10 -2.12 1.30 -2.69
C GLU A 10 -2.69 2.62 -2.19
N GLY A 11 -2.09 3.16 -1.14
CA GLY A 11 -2.57 4.39 -0.56
C GLY A 11 -1.92 4.70 0.76
N GLU A 12 -2.40 5.75 1.42
CA GLU A 12 -1.88 6.13 2.71
C GLU A 12 -2.57 5.32 3.79
N VAL A 13 -1.81 4.87 4.76
CA VAL A 13 -2.35 4.08 5.84
C VAL A 13 -3.02 4.98 6.86
N VAL A 14 -4.30 4.75 7.09
CA VAL A 14 -5.04 5.52 8.07
C VAL A 14 -5.10 4.76 9.39
N GLU A 15 -5.15 3.44 9.31
CA GLU A 15 -5.20 2.59 10.51
C GLU A 15 -4.63 1.22 10.24
N ILE A 16 -4.11 0.63 11.30
CA ILE A 16 -3.51 -0.71 11.26
C ILE A 16 -3.85 -1.49 12.53
N GLN A 17 -4.58 -2.58 12.38
CA GLN A 17 -4.85 -3.47 13.49
C GLN A 17 -4.34 -4.87 13.16
N ILE A 18 -3.31 -5.30 13.86
CA ILE A 18 -2.71 -6.61 13.60
C ILE A 18 -2.71 -7.45 14.87
N ASP A 19 -3.25 -8.66 14.78
CA ASP A 19 -3.26 -9.57 15.91
C ASP A 19 -1.87 -10.17 16.10
N ARG A 20 -1.20 -9.77 17.17
CA ARG A 20 0.13 -10.26 17.46
C ARG A 20 0.10 -11.30 18.56
N SER A 21 -0.98 -12.08 18.57
CA SER A 21 -1.14 -13.14 19.54
C SER A 21 -1.46 -14.47 18.86
N ILE A 22 -1.64 -14.42 17.54
CA ILE A 22 -1.88 -15.62 16.75
C ILE A 22 -0.74 -16.61 16.95
N THR A 23 0.46 -16.10 16.70
CA THR A 23 1.70 -16.82 16.93
C THR A 23 1.94 -17.97 15.94
N GLY A 24 0.94 -18.84 15.78
CA GLY A 24 1.06 -20.03 14.93
C GLY A 24 1.46 -19.74 13.49
N GLY A 25 0.50 -19.81 12.57
CA GLY A 25 0.82 -19.67 11.17
C GLY A 25 -0.34 -19.16 10.35
N HIS A 26 -1.19 -18.37 10.98
CA HIS A 26 -2.35 -17.81 10.31
C HIS A 26 -2.61 -16.41 10.84
N LYS A 27 -1.59 -15.57 10.77
CA LYS A 27 -1.67 -14.22 11.28
C LYS A 27 -2.66 -13.39 10.45
N GLN A 28 -3.33 -12.47 11.10
CA GLN A 28 -4.42 -11.74 10.46
C GLN A 28 -4.60 -10.37 11.12
N GLY A 29 -5.34 -9.50 10.45
CA GLY A 29 -5.57 -8.18 10.97
C GLY A 29 -6.43 -7.33 10.05
N LYS A 30 -6.55 -6.06 10.37
CA LYS A 30 -7.40 -5.15 9.62
C LYS A 30 -6.60 -3.90 9.21
N LEU A 31 -6.52 -3.66 7.92
CA LEU A 31 -5.80 -2.51 7.39
C LEU A 31 -6.80 -1.47 6.89
N THR A 32 -6.55 -0.22 7.21
CA THR A 32 -7.33 0.88 6.65
C THR A 32 -6.44 1.76 5.77
N ILE A 33 -6.78 1.86 4.49
CA ILE A 33 -6.00 2.64 3.53
C ILE A 33 -6.83 3.75 2.89
N LYS A 34 -6.21 4.91 2.76
CA LYS A 34 -6.80 6.04 2.08
C LYS A 34 -6.49 5.95 0.60
N THR A 35 -7.51 5.76 -0.21
CA THR A 35 -7.32 5.63 -1.64
C THR A 35 -7.56 6.97 -2.33
N THR A 36 -7.62 6.94 -3.65
CA THR A 36 -7.88 8.14 -4.42
C THR A 36 -9.25 8.71 -4.07
N ASP A 37 -10.23 7.84 -3.88
CA ASP A 37 -11.59 8.25 -3.59
C ASP A 37 -11.83 8.40 -2.08
N MET A 38 -11.57 7.34 -1.32
CA MET A 38 -11.91 7.32 0.09
C MET A 38 -11.05 6.33 0.86
N GLU A 39 -11.15 6.35 2.17
CA GLU A 39 -10.49 5.38 3.00
C GLU A 39 -11.34 4.11 3.11
N THR A 40 -10.75 2.99 2.74
CA THR A 40 -11.44 1.71 2.79
C THR A 40 -10.64 0.73 3.63
N ILE A 41 -11.32 -0.25 4.22
CA ILE A 41 -10.67 -1.19 5.11
C ILE A 41 -10.49 -2.54 4.41
N TYR A 42 -9.28 -3.07 4.49
CA TYR A 42 -8.94 -4.33 3.86
C TYR A 42 -8.40 -5.31 4.88
N GLU A 43 -8.69 -6.58 4.68
CA GLU A 43 -8.20 -7.63 5.57
C GLU A 43 -6.86 -8.16 5.07
N LEU A 44 -5.99 -8.52 6.00
CA LEU A 44 -4.68 -9.04 5.64
C LEU A 44 -4.62 -10.54 5.86
N GLY A 45 -4.07 -11.24 4.89
CA GLY A 45 -3.73 -12.64 5.08
C GLY A 45 -2.39 -12.76 5.75
N ASN A 46 -1.97 -13.98 6.07
CA ASN A 46 -0.71 -14.20 6.78
C ASN A 46 0.46 -13.60 6.01
N LYS A 47 0.40 -13.69 4.69
CA LYS A 47 1.43 -13.13 3.83
C LYS A 47 1.39 -11.60 3.86
N MET A 48 0.20 -11.02 3.97
CA MET A 48 0.07 -9.57 4.07
C MET A 48 0.73 -9.07 5.34
N ILE A 49 0.43 -9.72 6.47
CA ILE A 49 1.11 -9.41 7.72
C ILE A 49 2.62 -9.52 7.54
N ASP A 50 3.03 -10.61 6.92
CA ASP A 50 4.45 -10.85 6.62
C ASP A 50 5.05 -9.67 5.87
N GLY A 51 4.39 -9.29 4.79
CA GLY A 51 4.86 -8.19 3.96
C GLY A 51 4.88 -6.85 4.68
N LEU A 52 3.77 -6.48 5.31
CA LEU A 52 3.66 -5.17 5.96
C LEU A 52 4.63 -5.04 7.12
N THR A 53 4.83 -6.14 7.82
CA THR A 53 5.81 -6.18 8.91
C THR A 53 7.23 -6.02 8.37
N LYS A 54 7.56 -6.76 7.32
CA LYS A 54 8.90 -6.72 6.75
C LYS A 54 9.21 -5.36 6.14
N GLU A 55 8.20 -4.73 5.54
CA GLU A 55 8.40 -3.45 4.90
C GLU A 55 8.27 -2.30 5.89
N LYS A 56 7.97 -2.66 7.14
CA LYS A 56 7.90 -1.71 8.25
C LYS A 56 6.82 -0.66 8.00
N VAL A 57 5.58 -1.11 7.87
CA VAL A 57 4.47 -0.21 7.58
C VAL A 57 3.81 0.28 8.86
N LEU A 58 3.66 1.59 8.97
CA LEU A 58 2.96 2.20 10.08
C LEU A 58 1.84 3.08 9.57
N ALA A 59 1.07 3.66 10.48
CA ALA A 59 0.04 4.61 10.12
C ALA A 59 0.67 5.90 9.59
N GLY A 60 0.12 6.40 8.49
CA GLY A 60 0.67 7.59 7.87
C GLY A 60 1.54 7.27 6.67
N ASP A 61 2.05 6.04 6.62
CA ASP A 61 2.91 5.61 5.52
C ASP A 61 2.07 5.21 4.31
N VAL A 62 2.70 5.20 3.14
CA VAL A 62 2.04 4.78 1.92
C VAL A 62 2.65 3.49 1.39
N ILE A 63 1.81 2.52 1.06
CA ILE A 63 2.28 1.22 0.57
C ILE A 63 1.38 0.71 -0.56
N SER A 64 1.88 -0.26 -1.29
CA SER A 64 1.15 -0.90 -2.36
C SER A 64 1.10 -2.40 -2.13
N ILE A 65 -0.07 -3.00 -2.27
CA ILE A 65 -0.26 -4.41 -1.95
C ILE A 65 -0.64 -5.20 -3.20
N ASP A 66 0.11 -6.27 -3.46
CA ASP A 66 -0.21 -7.17 -4.56
C ASP A 66 -1.05 -8.33 -4.02
N LYS A 67 -2.32 -8.36 -4.41
CA LYS A 67 -3.27 -9.33 -3.87
C LYS A 67 -2.92 -10.75 -4.31
N ALA A 68 -2.32 -10.86 -5.48
CA ALA A 68 -1.99 -12.15 -6.05
C ALA A 68 -0.84 -12.82 -5.32
N SER A 69 0.29 -12.13 -5.30
CA SER A 69 1.53 -12.69 -4.78
C SER A 69 1.62 -12.47 -3.26
N GLY A 70 0.88 -11.48 -2.78
CA GLY A 70 0.91 -11.15 -1.37
C GLY A 70 2.05 -10.23 -1.02
N LYS A 71 2.65 -9.64 -2.05
CA LYS A 71 3.79 -8.78 -1.89
C LYS A 71 3.38 -7.35 -1.59
N ILE A 72 3.98 -6.76 -0.56
CA ILE A 72 3.73 -5.39 -0.19
C ILE A 72 4.96 -4.53 -0.49
N THR A 73 4.75 -3.40 -1.12
CA THR A 73 5.82 -2.48 -1.45
C THR A 73 5.58 -1.13 -0.78
N LYS A 74 6.57 -0.62 -0.08
CA LYS A 74 6.40 0.64 0.62
C LYS A 74 6.90 1.81 -0.22
N LEU A 75 5.99 2.73 -0.51
CA LEU A 75 6.34 3.90 -1.30
C LEU A 75 6.77 5.04 -0.37
N GLY A 76 6.04 5.19 0.72
CA GLY A 76 6.37 6.19 1.71
C GLY A 76 5.53 7.45 1.56
N ARG A 77 5.79 8.19 0.50
CA ARG A 77 5.06 9.41 0.20
C ARG A 77 3.88 9.10 -0.70
N SER A 78 2.76 9.77 -0.43
CA SER A 78 1.55 9.67 -1.24
C SER A 78 1.86 9.84 -2.74
N PHE A 79 1.02 9.23 -3.56
CA PHE A 79 1.23 9.22 -5.01
C PHE A 79 0.94 10.58 -5.62
N ALA A 80 0.91 10.63 -6.95
CA ALA A 80 0.67 11.86 -7.69
C ALA A 80 1.79 12.85 -7.42
N ARG A 81 2.98 12.51 -7.90
CA ARG A 81 4.19 13.28 -7.68
C ARG A 81 4.52 13.48 -6.20
N SER A 82 5.62 12.90 -5.76
CA SER A 82 6.06 13.05 -4.37
C SER A 82 6.51 14.47 -4.11
N ARG A 83 6.86 15.14 -5.19
CA ARG A 83 7.25 16.54 -5.17
C ARG A 83 7.07 17.13 -6.57
N ASP A 84 6.93 18.44 -6.64
CA ASP A 84 6.74 19.12 -7.92
C ASP A 84 7.83 20.15 -8.16
N TYR A 85 8.99 19.92 -7.54
CA TYR A 85 10.11 20.85 -7.63
C TYR A 85 11.04 20.48 -8.79
N ASP A 86 10.74 19.34 -9.40
CA ASP A 86 11.59 18.77 -10.46
C ASP A 86 12.90 18.27 -9.87
N ALA A 87 12.83 17.12 -9.22
CA ALA A 87 14.01 16.53 -8.60
C ALA A 87 13.93 15.01 -8.63
N MET A 88 14.17 14.44 -9.79
CA MET A 88 14.14 13.00 -9.96
C MET A 88 15.51 12.49 -10.42
N GLY A 89 15.71 11.19 -10.35
CA GLY A 89 16.97 10.61 -10.77
C GLY A 89 17.83 10.19 -9.60
N ALA A 90 18.16 11.14 -8.74
CA ALA A 90 19.00 10.87 -7.58
C ALA A 90 18.25 11.19 -6.29
N ASP A 91 16.96 10.90 -6.29
CA ASP A 91 16.13 11.19 -5.14
C ASP A 91 16.09 10.00 -4.21
N THR A 92 16.98 10.02 -3.24
CA THR A 92 17.09 8.96 -2.25
C THR A 92 16.21 9.24 -1.02
N ARG A 93 15.06 9.85 -1.26
CA ARG A 93 14.16 10.21 -0.18
C ARG A 93 12.91 9.32 -0.18
N PHE A 94 13.06 8.11 -0.72
CA PHE A 94 11.94 7.17 -0.77
C PHE A 94 12.13 6.08 0.28
N VAL A 95 13.00 6.38 1.23
CA VAL A 95 13.25 5.49 2.37
C VAL A 95 13.05 6.25 3.66
N GLN A 96 12.16 7.23 3.61
CA GLN A 96 11.88 8.09 4.74
C GLN A 96 10.37 8.20 4.94
N CYS A 97 9.94 8.39 6.17
CA CYS A 97 8.53 8.53 6.47
C CYS A 97 8.23 9.93 7.02
N PRO A 98 7.82 10.86 6.14
CA PRO A 98 7.45 12.21 6.54
C PRO A 98 6.05 12.25 7.18
N GLU A 99 5.83 11.37 8.15
CA GLU A 99 4.56 11.29 8.84
C GLU A 99 4.47 12.37 9.89
N GLY A 100 3.82 13.46 9.52
CA GLY A 100 3.66 14.57 10.42
C GLY A 100 3.63 15.89 9.67
N GLU A 101 3.01 15.87 8.50
CA GLU A 101 2.94 17.05 7.66
C GLU A 101 1.78 17.94 8.07
N LEU A 102 1.90 18.56 9.24
CA LEU A 102 0.88 19.47 9.71
C LEU A 102 1.08 20.83 9.06
N GLN A 103 0.11 21.22 8.26
CA GLN A 103 0.19 22.45 7.51
C GLN A 103 -0.13 23.64 8.40
N LYS A 104 0.88 24.44 8.71
CA LYS A 104 0.70 25.62 9.57
C LYS A 104 0.13 26.79 8.77
N ARG A 105 -0.89 26.50 7.95
CA ARG A 105 -1.48 27.49 7.07
C ARG A 105 -2.69 28.15 7.74
N LYS A 106 -2.60 28.30 9.04
CA LYS A 106 -3.69 28.89 9.81
C LYS A 106 -3.32 30.32 10.18
N THR A 107 -3.95 31.27 9.53
CA THR A 107 -3.71 32.68 9.79
C THR A 107 -5.03 33.45 9.76
N GLY A 1 3.20 -12.43 -16.46
CA GLY A 1 3.73 -11.39 -15.56
C GLY A 1 3.26 -10.00 -15.95
N PRO A 2 4.17 -9.14 -16.40
CA PRO A 2 3.86 -7.74 -16.72
C PRO A 2 2.99 -7.58 -17.97
N HIS A 3 2.70 -8.69 -18.65
CA HIS A 3 1.81 -8.65 -19.81
C HIS A 3 0.37 -8.48 -19.34
N MET A 4 0.04 -9.08 -18.21
CA MET A 4 -1.27 -8.94 -17.61
C MET A 4 -1.23 -7.86 -16.55
N GLU A 5 -2.29 -7.07 -16.47
CA GLU A 5 -2.36 -6.00 -15.50
C GLU A 5 -2.76 -6.54 -14.14
N THR A 6 -1.93 -6.28 -13.14
CA THR A 6 -2.19 -6.74 -11.78
C THR A 6 -3.10 -5.75 -11.06
N GLU A 7 -3.90 -6.26 -10.14
CA GLU A 7 -4.68 -5.39 -9.29
C GLU A 7 -3.89 -5.10 -8.03
N LEU A 8 -3.68 -3.82 -7.76
CA LEU A 8 -2.89 -3.40 -6.62
C LEU A 8 -3.66 -2.43 -5.75
N ILE A 9 -3.55 -2.60 -4.45
CA ILE A 9 -4.14 -1.64 -3.52
C ILE A 9 -3.04 -0.82 -2.87
N GLU A 10 -3.12 0.49 -3.05
CA GLU A 10 -2.13 1.40 -2.50
C GLU A 10 -2.81 2.67 -2.00
N GLY A 11 -2.18 3.29 -1.02
CA GLY A 11 -2.73 4.52 -0.46
C GLY A 11 -2.09 4.88 0.85
N GLU A 12 -2.65 5.88 1.51
CA GLU A 12 -2.15 6.32 2.80
C GLU A 12 -2.71 5.42 3.89
N VAL A 13 -1.83 4.92 4.73
CA VAL A 13 -2.26 4.10 5.86
C VAL A 13 -2.90 4.98 6.91
N VAL A 14 -4.18 4.74 7.19
CA VAL A 14 -4.90 5.53 8.16
C VAL A 14 -5.01 4.79 9.47
N GLU A 15 -5.04 3.46 9.40
CA GLU A 15 -5.19 2.64 10.60
C GLU A 15 -4.57 1.26 10.38
N ILE A 16 -4.09 0.68 11.47
CA ILE A 16 -3.40 -0.61 11.44
C ILE A 16 -3.80 -1.44 12.67
N GLN A 17 -4.50 -2.54 12.43
CA GLN A 17 -4.81 -3.49 13.48
C GLN A 17 -4.24 -4.86 13.12
N ILE A 18 -3.26 -5.31 13.87
CA ILE A 18 -2.67 -6.62 13.63
C ILE A 18 -2.84 -7.50 14.86
N ASP A 19 -3.53 -8.61 14.69
CA ASP A 19 -3.78 -9.53 15.78
C ASP A 19 -2.51 -10.30 16.13
N ARG A 20 -2.08 -10.19 17.38
CA ARG A 20 -0.90 -10.90 17.85
C ARG A 20 -1.31 -12.04 18.76
N SER A 21 -2.48 -12.60 18.47
CA SER A 21 -2.98 -13.74 19.21
C SER A 21 -2.72 -15.00 18.40
N ILE A 22 -2.34 -14.79 17.14
CA ILE A 22 -2.03 -15.85 16.20
C ILE A 22 -0.87 -16.71 16.69
N THR A 23 -1.08 -18.02 16.68
CA THR A 23 -0.07 -18.98 17.11
C THR A 23 1.17 -18.90 16.20
N GLY A 24 0.98 -19.06 14.90
CA GLY A 24 2.08 -18.91 13.97
C GLY A 24 1.74 -19.42 12.58
N GLY A 25 0.47 -19.35 12.23
CA GLY A 25 0.05 -19.80 10.92
C GLY A 25 -0.71 -18.72 10.18
N HIS A 26 -2.03 -18.76 10.27
CA HIS A 26 -2.86 -17.78 9.58
C HIS A 26 -2.88 -16.47 10.33
N LYS A 27 -1.93 -15.61 10.01
CA LYS A 27 -1.86 -14.30 10.62
C LYS A 27 -2.87 -13.39 9.93
N GLN A 28 -3.51 -12.54 10.69
CA GLN A 28 -4.59 -11.71 10.16
C GLN A 28 -4.63 -10.35 10.83
N GLY A 29 -5.25 -9.40 10.16
CA GLY A 29 -5.36 -8.07 10.71
C GLY A 29 -6.27 -7.18 9.88
N LYS A 30 -6.42 -5.95 10.33
CA LYS A 30 -7.27 -4.97 9.68
C LYS A 30 -6.43 -3.76 9.27
N LEU A 31 -6.38 -3.48 7.97
CA LEU A 31 -5.68 -2.29 7.51
C LEU A 31 -6.67 -1.30 6.94
N THR A 32 -6.50 -0.04 7.30
CA THR A 32 -7.32 1.01 6.74
C THR A 32 -6.46 1.90 5.83
N ILE A 33 -6.86 2.01 4.57
CA ILE A 33 -6.10 2.78 3.59
C ILE A 33 -6.97 3.85 2.93
N LYS A 34 -6.37 5.00 2.73
CA LYS A 34 -6.98 6.07 1.96
C LYS A 34 -6.66 5.88 0.48
N THR A 35 -7.66 5.61 -0.33
CA THR A 35 -7.43 5.47 -1.75
C THR A 35 -7.58 6.83 -2.42
N THR A 36 -7.55 6.86 -3.74
CA THR A 36 -7.76 8.09 -4.46
C THR A 36 -9.12 8.71 -4.12
N ASP A 37 -10.09 7.88 -3.80
CA ASP A 37 -11.44 8.36 -3.55
C ASP A 37 -11.74 8.42 -2.05
N MET A 38 -11.56 7.31 -1.35
CA MET A 38 -12.01 7.20 0.04
C MET A 38 -11.18 6.19 0.81
N GLU A 39 -11.37 6.12 2.12
CA GLU A 39 -10.67 5.14 2.93
C GLU A 39 -11.47 3.85 3.02
N THR A 40 -10.82 2.75 2.67
CA THR A 40 -11.44 1.44 2.72
C THR A 40 -10.64 0.52 3.65
N ILE A 41 -11.31 -0.45 4.26
CA ILE A 41 -10.67 -1.34 5.19
C ILE A 41 -10.42 -2.70 4.53
N TYR A 42 -9.19 -3.16 4.62
CA TYR A 42 -8.80 -4.42 4.00
C TYR A 42 -8.31 -5.40 5.05
N GLU A 43 -8.69 -6.66 4.89
CA GLU A 43 -8.28 -7.69 5.82
C GLU A 43 -7.09 -8.44 5.28
N LEU A 44 -6.06 -8.56 6.10
CA LEU A 44 -4.80 -9.11 5.67
C LEU A 44 -4.69 -10.60 5.99
N GLY A 45 -4.09 -11.34 5.07
CA GLY A 45 -3.75 -12.72 5.32
C GLY A 45 -2.33 -12.87 5.80
N ASN A 46 -1.89 -14.12 5.98
CA ASN A 46 -0.56 -14.43 6.49
C ASN A 46 0.54 -13.67 5.74
N LYS A 47 0.48 -13.72 4.41
CA LYS A 47 1.50 -13.08 3.59
C LYS A 47 1.45 -11.57 3.73
N MET A 48 0.25 -11.04 3.83
CA MET A 48 0.08 -9.60 4.01
C MET A 48 0.68 -9.12 5.33
N ILE A 49 0.32 -9.78 6.44
CA ILE A 49 0.93 -9.47 7.73
C ILE A 49 2.45 -9.56 7.65
N ASP A 50 2.92 -10.63 7.01
CA ASP A 50 4.35 -10.87 6.88
C ASP A 50 5.00 -9.72 6.11
N GLY A 51 4.37 -9.34 5.01
CA GLY A 51 4.87 -8.25 4.18
C GLY A 51 4.82 -6.89 4.87
N LEU A 52 3.69 -6.56 5.47
CA LEU A 52 3.53 -5.24 6.08
C LEU A 52 4.47 -5.08 7.26
N THR A 53 4.67 -6.15 8.00
CA THR A 53 5.62 -6.15 9.10
C THR A 53 7.05 -5.98 8.58
N LYS A 54 7.38 -6.73 7.53
CA LYS A 54 8.72 -6.69 6.96
C LYS A 54 9.03 -5.33 6.36
N GLU A 55 8.03 -4.71 5.75
CA GLU A 55 8.19 -3.38 5.16
C GLU A 55 8.09 -2.29 6.22
N LYS A 56 7.77 -2.71 7.45
CA LYS A 56 7.70 -1.82 8.60
C LYS A 56 6.63 -0.76 8.38
N VAL A 57 5.48 -1.18 7.87
CA VAL A 57 4.40 -0.26 7.55
C VAL A 57 3.79 0.33 8.81
N LEU A 58 3.70 1.65 8.83
CA LEU A 58 3.10 2.37 9.95
C LEU A 58 2.03 3.32 9.43
N ALA A 59 1.17 3.79 10.32
CA ALA A 59 0.15 4.76 9.95
C ALA A 59 0.79 6.03 9.40
N GLY A 60 0.30 6.48 8.25
CA GLY A 60 0.89 7.63 7.60
C GLY A 60 1.70 7.24 6.38
N ASP A 61 2.12 5.98 6.33
CA ASP A 61 2.94 5.48 5.23
C ASP A 61 2.10 5.26 3.98
N VAL A 62 2.77 5.26 2.84
CA VAL A 62 2.14 4.87 1.59
C VAL A 62 2.73 3.55 1.11
N ILE A 63 1.88 2.56 0.94
CA ILE A 63 2.34 1.23 0.55
C ILE A 63 1.41 0.65 -0.51
N SER A 64 1.92 -0.29 -1.28
CA SER A 64 1.15 -0.93 -2.33
C SER A 64 1.11 -2.42 -2.08
N ILE A 65 -0.05 -3.03 -2.28
CA ILE A 65 -0.21 -4.44 -2.02
C ILE A 65 -0.60 -5.20 -3.29
N ASP A 66 0.18 -6.22 -3.61
CA ASP A 66 -0.09 -7.07 -4.75
C ASP A 66 -0.93 -8.25 -4.29
N LYS A 67 -2.19 -8.30 -4.73
CA LYS A 67 -3.11 -9.34 -4.25
C LYS A 67 -2.77 -10.69 -4.87
N ALA A 68 -2.08 -10.67 -6.00
CA ALA A 68 -1.73 -11.89 -6.70
C ALA A 68 -0.59 -12.64 -6.01
N SER A 69 0.52 -11.96 -5.82
CA SER A 69 1.70 -12.57 -5.23
C SER A 69 1.72 -12.39 -3.71
N GLY A 70 0.92 -11.46 -3.22
CA GLY A 70 0.85 -11.22 -1.79
C GLY A 70 1.97 -10.32 -1.31
N LYS A 71 2.63 -9.66 -2.25
CA LYS A 71 3.76 -8.81 -1.93
C LYS A 71 3.32 -7.40 -1.56
N ILE A 72 3.92 -6.89 -0.50
CA ILE A 72 3.70 -5.52 -0.07
C ILE A 72 4.91 -4.67 -0.41
N THR A 73 4.70 -3.56 -1.09
CA THR A 73 5.78 -2.69 -1.50
C THR A 73 5.58 -1.28 -0.96
N LYS A 74 6.46 -0.86 -0.06
CA LYS A 74 6.39 0.48 0.50
C LYS A 74 6.84 1.52 -0.53
N LEU A 75 6.04 2.57 -0.68
CA LEU A 75 6.40 3.67 -1.55
C LEU A 75 6.96 4.81 -0.72
N GLY A 76 6.30 5.10 0.39
CA GLY A 76 6.72 6.16 1.27
C GLY A 76 5.69 7.24 1.40
N ARG A 77 5.67 8.16 0.46
CA ARG A 77 4.70 9.25 0.48
C ARG A 77 4.10 9.48 -0.91
N SER A 78 4.79 9.02 -1.94
CA SER A 78 4.33 9.21 -3.31
C SER A 78 3.41 8.08 -3.75
N PHE A 79 2.29 8.46 -4.37
CA PHE A 79 1.32 7.49 -4.87
C PHE A 79 1.64 7.13 -6.30
N ALA A 80 0.75 6.36 -6.92
CA ALA A 80 0.91 6.02 -8.31
C ALA A 80 0.56 7.20 -9.21
N ARG A 81 1.59 7.90 -9.67
CA ARG A 81 1.39 9.01 -10.59
C ARG A 81 1.16 8.47 -12.00
N SER A 82 0.25 9.09 -12.72
CA SER A 82 -0.11 8.66 -14.08
C SER A 82 -0.92 7.37 -14.04
N ARG A 83 -2.09 7.40 -14.68
CA ARG A 83 -2.98 6.25 -14.69
C ARG A 83 -2.65 5.31 -15.84
N ASP A 84 -3.22 4.11 -15.76
CA ASP A 84 -2.91 3.04 -16.72
C ASP A 84 -3.56 3.30 -18.07
N TYR A 85 -4.53 4.19 -18.07
CA TYR A 85 -5.22 4.59 -19.28
C TYR A 85 -5.30 6.10 -19.35
N ASP A 86 -5.75 6.71 -18.26
CA ASP A 86 -5.77 8.16 -18.12
C ASP A 86 -6.73 8.81 -19.10
N ALA A 87 -7.96 9.01 -18.66
CA ALA A 87 -8.98 9.67 -19.45
C ALA A 87 -9.75 10.66 -18.59
N MET A 88 -9.01 11.49 -17.88
CA MET A 88 -9.61 12.43 -16.94
C MET A 88 -9.02 13.83 -17.11
N GLY A 89 -8.74 14.17 -18.36
CA GLY A 89 -8.25 15.50 -18.67
C GLY A 89 -9.32 16.55 -18.51
N ALA A 90 -9.34 17.19 -17.36
CA ALA A 90 -10.38 18.16 -17.04
C ALA A 90 -10.05 19.54 -17.59
N ASP A 91 -10.51 19.81 -18.80
CA ASP A 91 -10.29 21.10 -19.43
C ASP A 91 -11.61 21.72 -19.84
N THR A 92 -12.68 21.28 -19.19
CA THR A 92 -14.04 21.69 -19.50
C THR A 92 -14.33 21.60 -21.00
N ARG A 93 -14.08 20.43 -21.56
CA ARG A 93 -14.26 20.20 -22.99
C ARG A 93 -15.69 19.76 -23.27
N PHE A 94 -16.65 20.50 -22.75
CA PHE A 94 -18.05 20.14 -22.87
C PHE A 94 -18.79 21.15 -23.69
N VAL A 95 -18.69 21.00 -24.99
CA VAL A 95 -19.39 21.89 -25.90
C VAL A 95 -19.23 21.39 -27.33
N GLN A 96 -20.34 21.41 -28.07
CA GLN A 96 -20.33 20.95 -29.45
C GLN A 96 -20.71 22.10 -30.38
N CYS A 97 -19.71 22.75 -30.93
CA CYS A 97 -19.93 23.88 -31.81
C CYS A 97 -18.92 23.88 -32.94
N PRO A 98 -19.38 24.00 -34.19
CA PRO A 98 -18.51 24.09 -35.35
C PRO A 98 -17.64 25.33 -35.30
N GLU A 99 -16.39 25.18 -35.71
CA GLU A 99 -15.40 26.25 -35.64
C GLU A 99 -15.08 26.57 -34.17
N GLY A 100 -15.18 25.54 -33.34
CA GLY A 100 -14.93 25.70 -31.92
C GLY A 100 -14.35 24.46 -31.27
N GLU A 101 -14.67 23.30 -31.82
CA GLU A 101 -14.20 22.03 -31.28
C GLU A 101 -12.76 21.74 -31.72
N LEU A 102 -11.86 22.67 -31.45
CA LEU A 102 -10.45 22.49 -31.79
C LEU A 102 -9.73 21.75 -30.68
N GLN A 103 -10.23 20.56 -30.36
CA GLN A 103 -9.70 19.75 -29.28
C GLN A 103 -8.69 18.75 -29.80
N LYS A 104 -7.41 19.01 -29.56
CA LYS A 104 -6.35 18.12 -29.98
C LYS A 104 -5.70 17.45 -28.78
N ARG A 105 -6.52 16.75 -28.00
CA ARG A 105 -6.08 16.06 -26.79
C ARG A 105 -5.39 17.02 -25.83
N LYS A 106 -5.83 18.28 -25.85
CA LYS A 106 -5.24 19.35 -25.06
C LYS A 106 -3.73 19.42 -25.29
N THR A 107 -3.35 19.94 -26.45
CA THR A 107 -1.94 20.11 -26.77
C THR A 107 -1.39 21.36 -26.09
N GLY A 1 1.07 -11.10 -23.29
CA GLY A 1 0.40 -10.29 -22.25
C GLY A 1 0.76 -8.82 -22.39
N PRO A 2 -0.06 -8.05 -23.12
CA PRO A 2 0.18 -6.61 -23.33
C PRO A 2 -0.01 -5.81 -22.06
N HIS A 3 1.09 -5.63 -21.32
CA HIS A 3 1.09 -4.89 -20.07
C HIS A 3 0.18 -5.57 -19.05
N MET A 4 0.73 -6.54 -18.33
CA MET A 4 -0.03 -7.32 -17.37
C MET A 4 -0.73 -6.43 -16.34
N GLU A 5 -2.04 -6.59 -16.25
CA GLU A 5 -2.83 -5.82 -15.30
C GLU A 5 -3.10 -6.66 -14.07
N THR A 6 -3.11 -6.03 -12.92
CA THR A 6 -3.42 -6.68 -11.67
C THR A 6 -4.22 -5.74 -10.80
N GLU A 7 -5.03 -6.27 -9.90
CA GLU A 7 -5.75 -5.44 -8.96
C GLU A 7 -4.83 -5.08 -7.81
N LEU A 8 -4.50 -3.80 -7.71
CA LEU A 8 -3.53 -3.36 -6.74
C LEU A 8 -4.12 -2.28 -5.85
N ILE A 9 -3.90 -2.43 -4.56
CA ILE A 9 -4.36 -1.45 -3.61
C ILE A 9 -3.17 -0.74 -2.97
N GLU A 10 -3.12 0.57 -3.19
CA GLU A 10 -2.04 1.38 -2.67
C GLU A 10 -2.58 2.72 -2.19
N GLY A 11 -2.03 3.23 -1.10
CA GLY A 11 -2.53 4.47 -0.53
C GLY A 11 -1.88 4.80 0.79
N GLU A 12 -2.40 5.84 1.43
CA GLU A 12 -1.91 6.26 2.73
C GLU A 12 -2.56 5.41 3.81
N VAL A 13 -1.76 4.93 4.74
CA VAL A 13 -2.28 4.13 5.84
C VAL A 13 -2.95 5.02 6.87
N VAL A 14 -4.21 4.72 7.16
CA VAL A 14 -4.96 5.47 8.16
C VAL A 14 -5.01 4.70 9.46
N GLU A 15 -5.05 3.38 9.36
CA GLU A 15 -5.16 2.53 10.54
C GLU A 15 -4.53 1.17 10.29
N ILE A 16 -4.04 0.59 11.35
CA ILE A 16 -3.40 -0.73 11.32
C ILE A 16 -3.81 -1.54 12.54
N GLN A 17 -4.58 -2.58 12.31
CA GLN A 17 -4.96 -3.48 13.38
C GLN A 17 -4.34 -4.85 13.15
N ILE A 18 -3.34 -5.18 13.94
CA ILE A 18 -2.66 -6.48 13.81
C ILE A 18 -2.72 -7.23 15.13
N ASP A 19 -3.33 -8.40 15.11
CA ASP A 19 -3.43 -9.20 16.31
C ASP A 19 -2.14 -9.99 16.54
N ARG A 20 -1.43 -9.64 17.61
CA ARG A 20 -0.21 -10.34 17.98
C ARG A 20 -0.48 -11.26 19.16
N SER A 21 -1.71 -11.74 19.24
CA SER A 21 -2.13 -12.59 20.33
C SER A 21 -2.42 -14.00 19.82
N ILE A 22 -2.53 -14.13 18.51
CA ILE A 22 -2.75 -15.42 17.86
C ILE A 22 -1.64 -16.41 18.19
N THR A 23 -2.01 -17.49 18.83
CA THR A 23 -1.10 -18.60 19.03
C THR A 23 -1.31 -19.65 17.94
N GLY A 24 -0.22 -20.12 17.35
CA GLY A 24 -0.34 -21.03 16.23
C GLY A 24 0.49 -20.58 15.05
N GLY A 25 -0.14 -20.50 13.89
CA GLY A 25 0.58 -20.08 12.69
C GLY A 25 -0.34 -19.45 11.66
N HIS A 26 -1.39 -18.79 12.13
CA HIS A 26 -2.32 -18.10 11.23
C HIS A 26 -2.60 -16.71 11.78
N LYS A 27 -2.02 -15.70 11.14
CA LYS A 27 -2.14 -14.34 11.63
C LYS A 27 -3.25 -13.61 10.89
N GLN A 28 -3.83 -12.62 11.55
CA GLN A 28 -4.91 -11.85 11.00
C GLN A 28 -4.73 -10.39 11.31
N GLY A 29 -5.20 -9.54 10.43
CA GLY A 29 -5.08 -8.12 10.63
C GLY A 29 -6.07 -7.34 9.81
N LYS A 30 -6.17 -6.06 10.09
CA LYS A 30 -7.08 -5.19 9.37
C LYS A 30 -6.35 -3.92 8.95
N LEU A 31 -6.29 -3.68 7.64
CA LEU A 31 -5.62 -2.50 7.12
C LEU A 31 -6.66 -1.47 6.68
N THR A 32 -6.49 -0.24 7.12
CA THR A 32 -7.29 0.86 6.62
C THR A 32 -6.43 1.78 5.77
N ILE A 33 -6.74 1.87 4.49
CA ILE A 33 -5.96 2.68 3.56
C ILE A 33 -6.82 3.76 2.92
N LYS A 34 -6.20 4.92 2.73
CA LYS A 34 -6.81 6.02 2.01
C LYS A 34 -6.48 5.90 0.54
N THR A 35 -7.49 5.78 -0.30
CA THR A 35 -7.26 5.72 -1.73
C THR A 35 -7.41 7.12 -2.31
N THR A 36 -7.44 7.21 -3.63
CA THR A 36 -7.71 8.46 -4.30
C THR A 36 -9.09 8.99 -3.90
N ASP A 37 -10.05 8.08 -3.78
CA ASP A 37 -11.44 8.46 -3.52
C ASP A 37 -11.79 8.47 -2.03
N MET A 38 -11.38 7.44 -1.28
CA MET A 38 -11.77 7.35 0.14
C MET A 38 -10.97 6.30 0.88
N GLU A 39 -11.13 6.27 2.19
CA GLU A 39 -10.48 5.28 3.03
C GLU A 39 -11.32 4.01 3.10
N THR A 40 -10.71 2.90 2.72
CA THR A 40 -11.38 1.62 2.70
C THR A 40 -10.59 0.61 3.54
N ILE A 41 -11.26 -0.41 4.07
CA ILE A 41 -10.61 -1.38 4.93
C ILE A 41 -10.39 -2.70 4.19
N TYR A 42 -9.21 -3.28 4.38
CA TYR A 42 -8.82 -4.49 3.67
C TYR A 42 -8.36 -5.56 4.66
N GLU A 43 -8.71 -6.81 4.34
CA GLU A 43 -8.36 -7.95 5.18
C GLU A 43 -6.90 -8.35 5.00
N LEU A 44 -6.24 -8.64 6.11
CA LEU A 44 -4.83 -9.01 6.09
C LEU A 44 -4.65 -10.47 6.47
N GLY A 45 -4.00 -11.22 5.58
CA GLY A 45 -3.65 -12.60 5.88
C GLY A 45 -2.20 -12.75 6.27
N ASN A 46 -1.76 -13.99 6.45
CA ASN A 46 -0.38 -14.28 6.89
C ASN A 46 0.64 -13.55 6.03
N LYS A 47 0.47 -13.64 4.72
CA LYS A 47 1.40 -13.02 3.78
C LYS A 47 1.38 -11.51 3.90
N MET A 48 0.21 -10.96 4.19
CA MET A 48 0.06 -9.52 4.35
C MET A 48 0.70 -9.04 5.64
N ILE A 49 0.45 -9.75 6.74
CA ILE A 49 1.10 -9.43 8.01
C ILE A 49 2.62 -9.47 7.84
N ASP A 50 3.12 -10.55 7.25
CA ASP A 50 4.56 -10.71 7.04
C ASP A 50 5.09 -9.58 6.17
N GLY A 51 4.35 -9.26 5.13
CA GLY A 51 4.74 -8.21 4.21
C GLY A 51 4.78 -6.84 4.87
N LEU A 52 3.72 -6.48 5.59
CA LEU A 52 3.66 -5.16 6.21
C LEU A 52 4.68 -5.05 7.34
N THR A 53 4.85 -6.13 8.08
CA THR A 53 5.85 -6.19 9.14
C THR A 53 7.25 -6.05 8.54
N LYS A 54 7.48 -6.73 7.43
CA LYS A 54 8.77 -6.67 6.73
C LYS A 54 9.09 -5.25 6.29
N GLU A 55 8.07 -4.55 5.79
CA GLU A 55 8.25 -3.18 5.31
C GLU A 55 8.19 -2.19 6.47
N LYS A 56 7.85 -2.71 7.65
CA LYS A 56 7.75 -1.91 8.87
C LYS A 56 6.71 -0.81 8.72
N VAL A 57 5.59 -1.16 8.12
CA VAL A 57 4.54 -0.19 7.79
C VAL A 57 3.88 0.36 9.06
N LEU A 58 3.72 1.67 9.11
CA LEU A 58 2.99 2.31 10.20
C LEU A 58 2.00 3.33 9.64
N ALA A 59 1.11 3.82 10.50
CA ALA A 59 0.13 4.81 10.10
C ALA A 59 0.83 6.06 9.57
N GLY A 60 0.44 6.49 8.38
CA GLY A 60 1.11 7.61 7.74
C GLY A 60 1.92 7.18 6.52
N ASP A 61 2.29 5.90 6.47
CA ASP A 61 3.03 5.38 5.34
C ASP A 61 2.13 5.19 4.13
N VAL A 62 2.74 5.16 2.96
CA VAL A 62 2.05 4.76 1.74
C VAL A 62 2.60 3.42 1.29
N ILE A 63 1.72 2.45 1.06
CA ILE A 63 2.17 1.13 0.64
C ILE A 63 1.27 0.59 -0.45
N SER A 64 1.78 -0.38 -1.17
CA SER A 64 1.05 -1.01 -2.25
C SER A 64 0.97 -2.51 -2.02
N ILE A 65 -0.19 -3.08 -2.24
CA ILE A 65 -0.41 -4.49 -2.00
C ILE A 65 -0.79 -5.19 -3.31
N ASP A 66 -0.09 -6.26 -3.60
CA ASP A 66 -0.34 -7.05 -4.80
C ASP A 66 -1.20 -8.26 -4.46
N LYS A 67 -2.39 -8.32 -5.06
CA LYS A 67 -3.32 -9.42 -4.78
C LYS A 67 -2.87 -10.71 -5.44
N ALA A 68 -2.04 -10.60 -6.46
CA ALA A 68 -1.58 -11.76 -7.21
C ALA A 68 -0.62 -12.62 -6.40
N SER A 69 0.43 -12.00 -5.88
CA SER A 69 1.47 -12.73 -5.17
C SER A 69 1.47 -12.43 -3.68
N GLY A 70 0.72 -11.41 -3.27
CA GLY A 70 0.67 -11.05 -1.86
C GLY A 70 1.83 -10.17 -1.45
N LYS A 71 2.44 -9.51 -2.43
CA LYS A 71 3.58 -8.64 -2.18
C LYS A 71 3.14 -7.27 -1.69
N ILE A 72 3.72 -6.84 -0.57
CA ILE A 72 3.52 -5.49 -0.07
C ILE A 72 4.79 -4.67 -0.31
N THR A 73 4.64 -3.54 -0.97
CA THR A 73 5.75 -2.67 -1.26
C THR A 73 5.48 -1.28 -0.70
N LYS A 74 6.31 -0.82 0.22
CA LYS A 74 6.13 0.49 0.81
C LYS A 74 6.71 1.58 -0.10
N LEU A 75 5.88 2.56 -0.39
CA LEU A 75 6.27 3.69 -1.23
C LEU A 75 6.50 4.91 -0.35
N GLY A 76 5.45 5.33 0.34
CA GLY A 76 5.51 6.57 1.10
C GLY A 76 5.71 7.76 0.19
N ARG A 77 5.00 7.79 -0.93
CA ARG A 77 5.19 8.84 -1.92
C ARG A 77 3.86 9.32 -2.49
N SER A 78 3.28 8.52 -3.38
CA SER A 78 2.07 8.92 -4.07
C SER A 78 0.99 7.83 -3.96
N PHE A 79 -0.20 8.13 -4.46
CA PHE A 79 -1.32 7.21 -4.40
C PHE A 79 -1.43 6.40 -5.68
N ALA A 80 -2.58 5.78 -5.89
CA ALA A 80 -2.83 5.01 -7.08
C ALA A 80 -2.83 5.92 -8.29
N ARG A 81 -2.20 5.46 -9.36
CA ARG A 81 -2.08 6.26 -10.56
C ARG A 81 -3.47 6.61 -11.12
N SER A 82 -3.88 7.85 -10.88
CA SER A 82 -5.18 8.32 -11.32
C SER A 82 -5.10 8.80 -12.76
N ARG A 83 -3.93 8.66 -13.34
CA ARG A 83 -3.68 9.05 -14.71
C ARG A 83 -3.61 7.82 -15.60
N ASP A 84 -4.31 7.89 -16.72
CA ASP A 84 -4.27 6.85 -17.74
C ASP A 84 -4.14 7.50 -19.10
N TYR A 85 -3.55 8.68 -19.09
CA TYR A 85 -3.45 9.50 -20.27
C TYR A 85 -2.21 10.37 -20.16
N ASP A 86 -1.40 10.37 -21.19
CA ASP A 86 -0.16 11.13 -21.22
C ASP A 86 -0.16 12.08 -22.39
N ALA A 87 -0.42 11.53 -23.54
CA ALA A 87 -0.53 12.27 -24.78
C ALA A 87 0.82 12.81 -25.20
N MET A 88 1.62 11.96 -25.81
CA MET A 88 2.93 12.37 -26.29
C MET A 88 2.83 13.00 -27.66
N GLY A 89 2.16 14.13 -27.73
CA GLY A 89 1.96 14.79 -29.00
C GLY A 89 3.10 15.72 -29.35
N ALA A 90 3.72 15.49 -30.50
CA ALA A 90 4.79 16.35 -30.98
C ALA A 90 4.23 17.43 -31.89
N ASP A 91 3.13 18.03 -31.44
CA ASP A 91 2.42 19.04 -32.24
C ASP A 91 2.87 20.44 -31.85
N THR A 92 3.90 20.51 -31.04
CA THR A 92 4.45 21.79 -30.62
C THR A 92 5.53 22.26 -31.61
N ARG A 93 5.14 22.29 -32.88
CA ARG A 93 6.05 22.63 -33.96
C ARG A 93 5.58 23.88 -34.68
N PHE A 94 4.97 24.79 -33.92
CA PHE A 94 4.37 25.97 -34.49
C PHE A 94 5.26 27.17 -34.37
N VAL A 95 6.19 27.26 -35.29
CA VAL A 95 7.04 28.39 -35.39
C VAL A 95 7.67 28.46 -36.77
N GLN A 96 7.61 29.63 -37.38
CA GLN A 96 8.10 29.81 -38.75
C GLN A 96 9.54 30.30 -38.75
N CYS A 97 10.34 29.73 -37.87
CA CYS A 97 11.74 30.06 -37.76
C CYS A 97 12.46 29.73 -39.07
N PRO A 98 13.12 30.72 -39.68
CA PRO A 98 13.84 30.54 -40.94
C PRO A 98 15.10 29.69 -40.77
N GLU A 99 15.04 28.46 -41.24
CA GLU A 99 16.18 27.54 -41.15
C GLU A 99 17.19 27.83 -42.24
N GLY A 100 17.73 29.04 -42.22
CA GLY A 100 18.70 29.44 -43.21
C GLY A 100 20.09 29.56 -42.61
N GLU A 101 20.33 30.65 -41.90
CA GLU A 101 21.62 30.89 -41.27
C GLU A 101 21.61 30.42 -39.82
N LEU A 102 20.76 29.43 -39.57
CA LEU A 102 20.63 28.83 -38.25
C LEU A 102 20.87 27.33 -38.34
N GLN A 103 21.98 26.89 -37.78
CA GLN A 103 22.37 25.49 -37.86
C GLN A 103 22.82 24.97 -36.50
N LYS A 104 21.98 25.20 -35.51
CA LYS A 104 22.25 24.74 -34.15
C LYS A 104 21.02 24.06 -33.57
N ARG A 105 20.61 22.96 -34.21
CA ARG A 105 19.45 22.18 -33.78
C ARG A 105 18.15 22.97 -33.92
N LYS A 106 17.40 22.68 -34.97
CA LYS A 106 16.10 23.32 -35.14
C LYS A 106 15.00 22.31 -34.81
N THR A 107 13.92 22.80 -34.22
CA THR A 107 12.79 21.96 -33.83
C THR A 107 13.19 21.00 -32.71
N GLY A 1 0.63 -5.93 -16.69
CA GLY A 1 1.73 -6.62 -17.43
C GLY A 1 1.30 -6.98 -18.84
N PRO A 2 2.15 -7.71 -19.58
CA PRO A 2 1.88 -8.10 -20.97
C PRO A 2 0.61 -8.94 -21.12
N HIS A 3 -0.48 -8.29 -21.52
CA HIS A 3 -1.78 -8.94 -21.69
C HIS A 3 -2.23 -9.60 -20.39
N MET A 4 -1.85 -8.99 -19.28
CA MET A 4 -2.19 -9.52 -17.96
C MET A 4 -2.37 -8.39 -16.97
N GLU A 5 -3.40 -8.50 -16.16
CA GLU A 5 -3.73 -7.48 -15.19
C GLU A 5 -3.66 -8.06 -13.78
N THR A 6 -3.16 -7.27 -12.84
CA THR A 6 -3.09 -7.70 -11.46
C THR A 6 -3.75 -6.66 -10.55
N GLU A 7 -4.35 -7.13 -9.48
CA GLU A 7 -4.99 -6.25 -8.51
C GLU A 7 -3.96 -5.71 -7.52
N LEU A 8 -3.71 -4.43 -7.59
CA LEU A 8 -2.79 -3.77 -6.68
C LEU A 8 -3.51 -2.66 -5.95
N ILE A 9 -3.40 -2.66 -4.63
CA ILE A 9 -4.08 -1.68 -3.82
C ILE A 9 -3.08 -0.87 -3.01
N GLU A 10 -3.13 0.44 -3.17
CA GLU A 10 -2.17 1.32 -2.54
C GLU A 10 -2.83 2.61 -2.05
N GLY A 11 -2.25 3.18 -1.01
CA GLY A 11 -2.78 4.40 -0.45
C GLY A 11 -2.10 4.74 0.86
N GLU A 12 -2.67 5.68 1.60
CA GLU A 12 -2.08 6.13 2.84
C GLU A 12 -2.67 5.35 4.01
N VAL A 13 -1.81 4.78 4.83
CA VAL A 13 -2.27 3.97 5.94
C VAL A 13 -2.80 4.86 7.05
N VAL A 14 -4.07 4.71 7.33
CA VAL A 14 -4.73 5.56 8.30
C VAL A 14 -4.99 4.82 9.60
N GLU A 15 -5.12 3.50 9.52
CA GLU A 15 -5.35 2.67 10.69
C GLU A 15 -4.80 1.29 10.49
N ILE A 16 -4.30 0.72 11.58
CA ILE A 16 -3.68 -0.60 11.57
C ILE A 16 -4.13 -1.43 12.76
N GLN A 17 -4.87 -2.49 12.49
CA GLN A 17 -5.27 -3.42 13.53
C GLN A 17 -4.67 -4.80 13.26
N ILE A 18 -3.73 -5.19 14.10
CA ILE A 18 -3.08 -6.48 13.96
C ILE A 18 -3.32 -7.31 15.22
N ASP A 19 -3.97 -8.45 15.04
CA ASP A 19 -4.25 -9.35 16.16
C ASP A 19 -2.96 -9.87 16.76
N ARG A 20 -2.88 -9.92 18.09
CA ARG A 20 -1.66 -10.34 18.76
C ARG A 20 -1.90 -11.57 19.61
N SER A 21 -2.89 -12.36 19.23
CA SER A 21 -3.17 -13.61 19.92
C SER A 21 -3.11 -14.77 18.92
N ILE A 22 -2.93 -14.44 17.66
CA ILE A 22 -2.83 -15.44 16.60
C ILE A 22 -1.66 -16.39 16.84
N THR A 23 -1.96 -17.67 16.85
CA THR A 23 -0.94 -18.68 16.89
C THR A 23 -1.33 -19.80 15.93
N GLY A 24 -0.35 -20.33 15.22
CA GLY A 24 -0.63 -21.34 14.22
C GLY A 24 -0.54 -20.80 12.80
N GLY A 25 0.53 -20.07 12.53
CA GLY A 25 0.78 -19.55 11.19
C GLY A 25 -0.16 -18.45 10.73
N HIS A 26 -1.43 -18.77 10.56
CA HIS A 26 -2.39 -17.91 9.87
C HIS A 26 -2.67 -16.62 10.64
N LYS A 27 -1.97 -15.56 10.26
CA LYS A 27 -2.15 -14.27 10.89
C LYS A 27 -3.20 -13.46 10.16
N GLN A 28 -3.90 -12.61 10.90
CA GLN A 28 -4.95 -11.79 10.33
C GLN A 28 -4.89 -10.39 10.89
N GLY A 29 -5.34 -9.43 10.11
CA GLY A 29 -5.35 -8.05 10.55
C GLY A 29 -6.26 -7.20 9.70
N LYS A 30 -6.45 -5.96 10.10
CA LYS A 30 -7.29 -5.04 9.37
C LYS A 30 -6.48 -3.81 8.98
N LEU A 31 -6.36 -3.57 7.68
CA LEU A 31 -5.65 -2.40 7.19
C LEU A 31 -6.68 -1.39 6.68
N THR A 32 -6.58 -0.17 7.16
CA THR A 32 -7.41 0.90 6.68
C THR A 32 -6.54 1.84 5.86
N ILE A 33 -6.78 1.88 4.56
CA ILE A 33 -5.96 2.69 3.67
C ILE A 33 -6.79 3.80 3.03
N LYS A 34 -6.20 4.97 2.97
CA LYS A 34 -6.82 6.11 2.31
C LYS A 34 -6.39 6.13 0.86
N THR A 35 -7.35 5.97 -0.02
CA THR A 35 -7.06 5.95 -1.44
C THR A 35 -7.25 7.34 -2.02
N THR A 36 -7.18 7.46 -3.33
CA THR A 36 -7.46 8.73 -3.98
C THR A 36 -8.89 9.18 -3.67
N ASP A 37 -9.81 8.21 -3.58
CA ASP A 37 -11.22 8.50 -3.33
C ASP A 37 -11.52 8.59 -1.83
N MET A 38 -11.24 7.52 -1.10
CA MET A 38 -11.67 7.42 0.30
C MET A 38 -10.86 6.37 1.05
N GLU A 39 -11.05 6.31 2.37
CA GLU A 39 -10.40 5.29 3.18
C GLU A 39 -11.25 4.02 3.20
N THR A 40 -10.63 2.93 2.77
CA THR A 40 -11.30 1.65 2.68
C THR A 40 -10.57 0.62 3.54
N ILE A 41 -11.28 -0.41 3.99
CA ILE A 41 -10.70 -1.40 4.87
C ILE A 41 -10.38 -2.69 4.11
N TYR A 42 -9.15 -3.14 4.25
CA TYR A 42 -8.69 -4.33 3.56
C TYR A 42 -8.26 -5.39 4.57
N GLU A 43 -8.62 -6.64 4.29
CA GLU A 43 -8.33 -7.74 5.20
C GLU A 43 -6.95 -8.31 4.95
N LEU A 44 -6.23 -8.56 6.03
CA LEU A 44 -4.83 -8.94 5.95
C LEU A 44 -4.62 -10.43 6.23
N GLY A 45 -3.97 -11.11 5.29
CA GLY A 45 -3.60 -12.50 5.50
C GLY A 45 -2.17 -12.62 6.02
N ASN A 46 -1.71 -13.85 6.18
CA ASN A 46 -0.34 -14.11 6.67
C ASN A 46 0.67 -13.39 5.79
N LYS A 47 0.46 -13.48 4.48
CA LYS A 47 1.34 -12.86 3.51
C LYS A 47 1.35 -11.35 3.68
N MET A 48 0.19 -10.79 4.02
CA MET A 48 0.05 -9.37 4.20
C MET A 48 0.75 -8.90 5.47
N ILE A 49 0.49 -9.58 6.58
CA ILE A 49 1.19 -9.30 7.84
C ILE A 49 2.71 -9.38 7.65
N ASP A 50 3.15 -10.42 6.98
CA ASP A 50 4.58 -10.62 6.72
C ASP A 50 5.12 -9.48 5.87
N GLY A 51 4.38 -9.15 4.83
CA GLY A 51 4.77 -8.08 3.92
C GLY A 51 4.82 -6.72 4.60
N LEU A 52 3.78 -6.37 5.34
CA LEU A 52 3.72 -5.07 6.00
C LEU A 52 4.79 -4.95 7.08
N THR A 53 5.02 -6.06 7.77
CA THR A 53 6.09 -6.12 8.76
C THR A 53 7.45 -5.98 8.09
N LYS A 54 7.61 -6.65 6.96
CA LYS A 54 8.83 -6.57 6.15
C LYS A 54 9.14 -5.12 5.80
N GLU A 55 8.11 -4.40 5.38
CA GLU A 55 8.26 -3.02 4.94
C GLU A 55 8.21 -2.04 6.11
N LYS A 56 7.90 -2.58 7.29
CA LYS A 56 7.82 -1.82 8.54
C LYS A 56 6.73 -0.76 8.44
N VAL A 57 5.59 -1.14 7.88
CA VAL A 57 4.50 -0.21 7.63
C VAL A 57 3.83 0.23 8.93
N LEU A 58 3.72 1.54 9.10
CA LEU A 58 3.03 2.11 10.24
C LEU A 58 2.03 3.15 9.74
N ALA A 59 1.17 3.62 10.63
CA ALA A 59 0.20 4.66 10.29
C ALA A 59 0.91 5.89 9.74
N GLY A 60 0.53 6.30 8.54
CA GLY A 60 1.19 7.41 7.90
C GLY A 60 1.96 6.97 6.66
N ASP A 61 2.33 5.70 6.61
CA ASP A 61 3.07 5.16 5.48
C ASP A 61 2.16 4.93 4.29
N VAL A 62 2.75 4.97 3.11
CA VAL A 62 2.04 4.62 1.89
C VAL A 62 2.64 3.35 1.29
N ILE A 63 1.80 2.38 1.00
CA ILE A 63 2.26 1.09 0.50
C ILE A 63 1.27 0.56 -0.53
N SER A 64 1.71 -0.43 -1.28
CA SER A 64 0.86 -1.10 -2.24
C SER A 64 0.85 -2.59 -1.93
N ILE A 65 -0.30 -3.21 -2.09
CA ILE A 65 -0.47 -4.61 -1.76
C ILE A 65 -0.79 -5.41 -3.01
N ASP A 66 -0.02 -6.44 -3.26
CA ASP A 66 -0.21 -7.31 -4.41
C ASP A 66 -1.14 -8.45 -4.02
N LYS A 67 -2.38 -8.43 -4.53
CA LYS A 67 -3.37 -9.43 -4.16
C LYS A 67 -3.01 -10.79 -4.72
N ALA A 68 -2.31 -10.78 -5.85
CA ALA A 68 -1.95 -12.02 -6.52
C ALA A 68 -0.82 -12.75 -5.80
N SER A 69 0.28 -12.06 -5.54
CA SER A 69 1.45 -12.69 -4.96
C SER A 69 1.46 -12.56 -3.44
N GLY A 70 0.80 -11.54 -2.92
CA GLY A 70 0.77 -11.32 -1.48
C GLY A 70 1.91 -10.43 -1.02
N LYS A 71 2.59 -9.82 -1.97
CA LYS A 71 3.72 -8.96 -1.70
C LYS A 71 3.28 -7.53 -1.42
N ILE A 72 3.86 -6.94 -0.38
CA ILE A 72 3.58 -5.56 -0.03
C ILE A 72 4.82 -4.70 -0.28
N THR A 73 4.63 -3.58 -0.95
CA THR A 73 5.73 -2.68 -1.27
C THR A 73 5.43 -1.29 -0.74
N LYS A 74 6.36 -0.69 -0.01
CA LYS A 74 6.17 0.65 0.51
C LYS A 74 6.67 1.69 -0.50
N LEU A 75 5.80 2.61 -0.85
CA LEU A 75 6.10 3.62 -1.87
C LEU A 75 6.50 4.94 -1.22
N GLY A 76 5.60 5.48 -0.41
CA GLY A 76 5.86 6.76 0.22
C GLY A 76 4.77 7.78 -0.03
N ARG A 77 4.26 7.82 -1.26
CA ARG A 77 3.26 8.80 -1.62
C ARG A 77 2.10 8.16 -2.39
N SER A 78 2.39 7.63 -3.58
CA SER A 78 1.36 7.02 -4.44
C SER A 78 0.24 8.01 -4.74
N PHE A 79 0.61 9.24 -5.02
CA PHE A 79 -0.34 10.28 -5.41
C PHE A 79 0.27 11.14 -6.51
N ALA A 80 -0.59 11.72 -7.33
CA ALA A 80 -0.16 12.54 -8.45
C ALA A 80 -0.39 14.01 -8.13
N ARG A 81 0.55 14.84 -8.52
CA ARG A 81 0.46 16.27 -8.25
C ARG A 81 0.27 17.06 -9.55
N SER A 82 -0.56 18.08 -9.48
CA SER A 82 -0.70 19.00 -10.59
C SER A 82 0.37 20.08 -10.46
N ARG A 83 1.18 20.22 -11.50
CA ARG A 83 2.35 21.08 -11.49
C ARG A 83 3.41 20.58 -10.52
N ASP A 84 4.65 20.51 -10.97
CA ASP A 84 5.73 19.98 -10.16
C ASP A 84 6.85 21.00 -9.98
N TYR A 85 6.62 22.19 -10.50
CA TYR A 85 7.62 23.25 -10.38
C TYR A 85 7.25 24.16 -9.21
N ASP A 86 6.19 24.93 -9.39
CA ASP A 86 5.64 25.78 -8.33
C ASP A 86 6.69 26.68 -7.70
N ALA A 87 7.42 27.41 -8.53
CA ALA A 87 8.46 28.32 -8.03
C ALA A 87 8.47 29.60 -8.83
N MET A 88 7.30 30.01 -9.32
CA MET A 88 7.17 31.23 -10.11
C MET A 88 6.37 32.28 -9.35
N GLY A 89 6.20 32.05 -8.05
CA GLY A 89 5.37 32.92 -7.24
C GLY A 89 3.96 32.37 -7.12
N ALA A 90 3.15 33.01 -6.29
CA ALA A 90 1.78 32.57 -6.04
C ALA A 90 1.77 31.14 -5.52
N ASP A 91 2.19 30.98 -4.28
CA ASP A 91 2.30 29.66 -3.66
C ASP A 91 0.91 29.07 -3.39
N THR A 92 -0.03 29.98 -3.26
CA THR A 92 -1.47 29.68 -3.17
C THR A 92 -1.82 28.59 -2.15
N ARG A 93 -1.11 28.55 -1.04
CA ARG A 93 -1.43 27.61 0.02
C ARG A 93 -2.28 28.29 1.08
N PHE A 94 -3.57 28.36 0.81
CA PHE A 94 -4.52 29.02 1.67
C PHE A 94 -5.76 28.19 1.79
N VAL A 95 -5.90 27.55 2.93
CA VAL A 95 -7.05 26.73 3.24
C VAL A 95 -7.11 25.54 2.29
N GLN A 96 -5.93 25.00 1.99
CA GLN A 96 -5.77 23.89 1.06
C GLN A 96 -6.15 24.29 -0.35
N CYS A 97 -7.42 24.21 -0.62
CA CYS A 97 -7.99 24.56 -1.89
C CYS A 97 -9.48 24.78 -1.70
N PRO A 98 -10.09 25.74 -2.42
CA PRO A 98 -11.52 26.03 -2.32
C PRO A 98 -12.39 24.91 -2.89
N GLU A 99 -12.28 23.72 -2.32
CA GLU A 99 -13.07 22.58 -2.74
C GLU A 99 -14.44 22.61 -2.05
N GLY A 100 -15.25 23.59 -2.41
CA GLY A 100 -16.58 23.70 -1.85
C GLY A 100 -17.55 22.78 -2.56
N GLU A 101 -17.26 21.48 -2.47
CA GLU A 101 -18.04 20.48 -3.18
C GLU A 101 -19.35 20.17 -2.44
N LEU A 102 -20.20 21.17 -2.34
CA LEU A 102 -21.50 21.01 -1.69
C LEU A 102 -22.48 20.35 -2.65
N GLN A 103 -22.64 19.04 -2.50
CA GLN A 103 -23.52 18.24 -3.37
C GLN A 103 -23.09 18.41 -4.83
N LYS A 104 -21.80 18.19 -5.09
CA LYS A 104 -21.21 18.36 -6.42
C LYS A 104 -21.41 19.78 -6.93
N ARG A 105 -21.50 20.74 -6.01
CA ARG A 105 -21.68 22.14 -6.34
C ARG A 105 -22.96 22.36 -7.16
N LYS A 106 -23.05 23.52 -7.81
CA LYS A 106 -24.23 23.87 -8.62
C LYS A 106 -25.47 23.93 -7.74
N THR A 107 -25.31 24.44 -6.54
CA THR A 107 -26.40 24.55 -5.60
C THR A 107 -27.09 25.90 -5.75
N GLY A 1 -0.51 -6.24 -20.72
CA GLY A 1 -1.02 -5.36 -21.80
C GLY A 1 -2.36 -4.77 -21.43
N PRO A 2 -3.31 -4.70 -22.38
CA PRO A 2 -4.67 -4.22 -22.12
C PRO A 2 -5.41 -5.15 -21.15
N HIS A 3 -4.93 -6.38 -21.05
CA HIS A 3 -5.46 -7.34 -20.09
C HIS A 3 -4.32 -7.88 -19.23
N MET A 4 -4.58 -8.95 -18.46
CA MET A 4 -3.63 -9.48 -17.50
C MET A 4 -3.40 -8.47 -16.39
N GLU A 5 -4.40 -7.63 -16.20
CA GLU A 5 -4.36 -6.58 -15.21
C GLU A 5 -4.21 -7.16 -13.81
N THR A 6 -3.08 -6.87 -13.20
CA THR A 6 -2.84 -7.33 -11.84
C THR A 6 -3.51 -6.38 -10.85
N GLU A 7 -4.16 -6.94 -9.86
CA GLU A 7 -4.85 -6.14 -8.85
C GLU A 7 -3.85 -5.54 -7.88
N LEU A 8 -3.70 -4.23 -7.93
CA LEU A 8 -2.76 -3.54 -7.06
C LEU A 8 -3.47 -2.42 -6.32
N ILE A 9 -3.27 -2.38 -5.03
CA ILE A 9 -3.85 -1.34 -4.19
C ILE A 9 -2.75 -0.57 -3.49
N GLU A 10 -2.86 0.74 -3.50
CA GLU A 10 -1.94 1.59 -2.76
C GLU A 10 -2.68 2.77 -2.15
N GLY A 11 -2.15 3.29 -1.06
CA GLY A 11 -2.76 4.44 -0.42
C GLY A 11 -2.09 4.78 0.88
N GLU A 12 -2.65 5.75 1.58
CA GLU A 12 -2.11 6.20 2.85
C GLU A 12 -2.70 5.37 3.98
N VAL A 13 -1.86 4.83 4.83
CA VAL A 13 -2.33 4.03 5.93
C VAL A 13 -2.96 4.92 6.98
N VAL A 14 -4.24 4.72 7.24
CA VAL A 14 -4.94 5.55 8.20
C VAL A 14 -5.05 4.81 9.53
N GLU A 15 -5.13 3.49 9.47
CA GLU A 15 -5.28 2.69 10.67
C GLU A 15 -4.72 1.29 10.47
N ILE A 16 -4.25 0.71 11.56
CA ILE A 16 -3.66 -0.62 11.56
C ILE A 16 -4.06 -1.37 12.82
N GLN A 17 -4.73 -2.49 12.65
CA GLN A 17 -5.00 -3.38 13.77
C GLN A 17 -4.44 -4.77 13.46
N ILE A 18 -3.41 -5.16 14.19
CA ILE A 18 -2.77 -6.45 13.96
C ILE A 18 -2.89 -7.33 15.20
N ASP A 19 -3.45 -8.52 15.01
CA ASP A 19 -3.61 -9.49 16.09
C ASP A 19 -2.26 -10.05 16.51
N ARG A 20 -1.96 -9.97 17.80
CA ARG A 20 -0.69 -10.46 18.33
C ARG A 20 -0.90 -11.68 19.21
N SER A 21 -1.94 -12.44 18.91
CA SER A 21 -2.24 -13.65 19.64
C SER A 21 -2.46 -14.80 18.66
N ILE A 22 -1.40 -15.21 17.98
CA ILE A 22 -1.48 -16.20 16.92
C ILE A 22 -0.37 -17.24 17.06
N THR A 23 -0.72 -18.49 17.34
CA THR A 23 0.26 -19.55 17.43
C THR A 23 0.34 -20.33 16.11
N GLY A 24 -0.81 -20.81 15.64
CA GLY A 24 -0.88 -21.61 14.43
C GLY A 24 -0.18 -20.97 13.24
N GLY A 25 -0.32 -19.66 13.09
CA GLY A 25 0.33 -18.98 11.99
C GLY A 25 -0.65 -18.19 11.15
N HIS A 26 -1.94 -18.42 11.40
CA HIS A 26 -3.00 -17.72 10.70
C HIS A 26 -3.16 -16.29 11.21
N LYS A 27 -2.10 -15.51 11.03
CA LYS A 27 -2.09 -14.13 11.48
C LYS A 27 -3.12 -13.33 10.70
N GLN A 28 -3.74 -12.38 11.36
CA GLN A 28 -4.84 -11.64 10.77
C GLN A 28 -4.89 -10.23 11.36
N GLY A 29 -5.46 -9.31 10.60
CA GLY A 29 -5.55 -7.94 11.07
C GLY A 29 -6.41 -7.09 10.16
N LYS A 30 -6.54 -5.83 10.52
CA LYS A 30 -7.37 -4.90 9.78
C LYS A 30 -6.52 -3.71 9.29
N LEU A 31 -6.45 -3.53 7.98
CA LEU A 31 -5.73 -2.42 7.39
C LEU A 31 -6.71 -1.37 6.89
N THR A 32 -6.56 -0.15 7.33
CA THR A 32 -7.33 0.96 6.78
C THR A 32 -6.43 1.82 5.87
N ILE A 33 -6.75 1.86 4.58
CA ILE A 33 -5.97 2.64 3.63
C ILE A 33 -6.82 3.76 3.01
N LYS A 34 -6.22 4.93 2.90
CA LYS A 34 -6.83 6.07 2.25
C LYS A 34 -6.35 6.13 0.80
N THR A 35 -7.26 5.99 -0.14
CA THR A 35 -6.89 6.03 -1.54
C THR A 35 -7.14 7.43 -2.09
N THR A 36 -7.01 7.58 -3.39
CA THR A 36 -7.22 8.86 -4.04
C THR A 36 -8.61 9.45 -3.72
N ASP A 37 -9.62 8.59 -3.61
CA ASP A 37 -10.99 9.06 -3.46
C ASP A 37 -11.62 8.64 -2.12
N MET A 38 -11.34 7.43 -1.65
CA MET A 38 -12.02 6.94 -0.45
C MET A 38 -11.13 6.01 0.37
N GLU A 39 -11.28 6.07 1.69
CA GLU A 39 -10.59 5.14 2.57
C GLU A 39 -11.31 3.79 2.60
N THR A 40 -10.56 2.73 2.36
CA THR A 40 -11.10 1.39 2.33
C THR A 40 -10.35 0.49 3.31
N ILE A 41 -11.05 -0.52 3.84
CA ILE A 41 -10.45 -1.42 4.80
C ILE A 41 -10.14 -2.77 4.15
N TYR A 42 -8.96 -3.28 4.44
CA TYR A 42 -8.52 -4.56 3.90
C TYR A 42 -8.08 -5.47 5.03
N GLU A 43 -8.46 -6.74 4.98
CA GLU A 43 -8.06 -7.69 6.01
C GLU A 43 -6.81 -8.42 5.58
N LEU A 44 -5.85 -8.52 6.50
CA LEU A 44 -4.56 -9.11 6.19
C LEU A 44 -4.50 -10.57 6.61
N GLY A 45 -4.03 -11.42 5.71
CA GLY A 45 -3.71 -12.78 6.06
C GLY A 45 -2.25 -12.94 6.41
N ASN A 46 -1.79 -14.19 6.52
CA ASN A 46 -0.41 -14.48 6.91
C ASN A 46 0.59 -13.75 6.02
N LYS A 47 0.37 -13.82 4.70
CA LYS A 47 1.26 -13.20 3.73
C LYS A 47 1.23 -11.69 3.87
N MET A 48 0.06 -11.15 4.15
CA MET A 48 -0.12 -9.71 4.26
C MET A 48 0.56 -9.16 5.51
N ILE A 49 0.33 -9.81 6.66
CA ILE A 49 1.07 -9.47 7.88
C ILE A 49 2.56 -9.52 7.61
N ASP A 50 3.01 -10.57 6.95
CA ASP A 50 4.42 -10.74 6.63
C ASP A 50 4.93 -9.56 5.81
N GLY A 51 4.18 -9.24 4.76
CA GLY A 51 4.56 -8.16 3.87
C GLY A 51 4.63 -6.82 4.56
N LEU A 52 3.60 -6.47 5.33
CA LEU A 52 3.57 -5.19 6.01
C LEU A 52 4.65 -5.14 7.08
N THR A 53 4.90 -6.27 7.71
CA THR A 53 5.99 -6.40 8.68
C THR A 53 7.35 -6.18 8.02
N LYS A 54 7.57 -6.83 6.88
CA LYS A 54 8.81 -6.67 6.13
C LYS A 54 9.07 -5.20 5.79
N GLU A 55 8.01 -4.49 5.40
CA GLU A 55 8.15 -3.09 4.99
C GLU A 55 8.10 -2.14 6.19
N LYS A 56 7.75 -2.71 7.35
CA LYS A 56 7.64 -1.94 8.60
C LYS A 56 6.58 -0.86 8.47
N VAL A 57 5.42 -1.26 7.97
CA VAL A 57 4.33 -0.32 7.70
C VAL A 57 3.68 0.20 8.98
N LEU A 58 3.55 1.51 9.07
CA LEU A 58 2.86 2.14 10.17
C LEU A 58 1.79 3.10 9.65
N ALA A 59 0.93 3.58 10.53
CA ALA A 59 -0.08 4.55 10.16
C ALA A 59 0.57 5.85 9.72
N GLY A 60 0.18 6.34 8.55
CA GLY A 60 0.81 7.52 8.00
C GLY A 60 1.67 7.19 6.79
N ASP A 61 2.08 5.94 6.67
CA ASP A 61 2.91 5.51 5.54
C ASP A 61 2.04 5.20 4.34
N VAL A 62 2.66 5.23 3.17
CA VAL A 62 1.97 4.86 1.94
C VAL A 62 2.59 3.58 1.37
N ILE A 63 1.75 2.60 1.10
CA ILE A 63 2.23 1.29 0.66
C ILE A 63 1.33 0.74 -0.44
N SER A 64 1.85 -0.21 -1.19
CA SER A 64 1.11 -0.84 -2.27
C SER A 64 1.08 -2.35 -2.06
N ILE A 65 -0.07 -2.95 -2.33
CA ILE A 65 -0.27 -4.37 -2.09
C ILE A 65 -0.56 -5.10 -3.39
N ASP A 66 0.16 -6.19 -3.63
CA ASP A 66 -0.07 -7.04 -4.78
C ASP A 66 -1.00 -8.19 -4.39
N LYS A 67 -2.24 -8.15 -4.85
CA LYS A 67 -3.23 -9.14 -4.45
C LYS A 67 -2.93 -10.51 -5.04
N ALA A 68 -2.24 -10.53 -6.17
CA ALA A 68 -1.91 -11.76 -6.86
C ALA A 68 -0.88 -12.57 -6.08
N SER A 69 0.22 -11.94 -5.73
CA SER A 69 1.36 -12.61 -5.14
C SER A 69 1.35 -12.48 -3.60
N GLY A 70 0.65 -11.48 -3.11
CA GLY A 70 0.62 -11.22 -1.67
C GLY A 70 1.79 -10.36 -1.23
N LYS A 71 2.44 -9.75 -2.20
CA LYS A 71 3.62 -8.92 -1.96
C LYS A 71 3.22 -7.47 -1.64
N ILE A 72 3.81 -6.93 -0.58
CA ILE A 72 3.57 -5.54 -0.20
C ILE A 72 4.82 -4.72 -0.45
N THR A 73 4.66 -3.60 -1.14
CA THR A 73 5.76 -2.71 -1.43
C THR A 73 5.49 -1.32 -0.88
N LYS A 74 6.30 -0.88 0.06
CA LYS A 74 6.14 0.43 0.64
C LYS A 74 6.70 1.50 -0.29
N LEU A 75 5.96 2.58 -0.43
CA LEU A 75 6.39 3.69 -1.28
C LEU A 75 6.90 4.83 -0.39
N GLY A 76 6.15 5.10 0.67
CA GLY A 76 6.46 6.19 1.55
C GLY A 76 5.51 7.34 1.33
N ARG A 77 5.18 7.55 0.06
CA ARG A 77 4.19 8.53 -0.34
C ARG A 77 3.67 8.21 -1.73
N SER A 78 2.42 8.54 -1.98
CA SER A 78 1.78 8.26 -3.26
C SER A 78 0.37 8.82 -3.25
N PHE A 79 0.11 9.77 -4.14
CA PHE A 79 -1.19 10.41 -4.24
C PHE A 79 -1.85 10.08 -5.56
N ALA A 80 -2.67 10.99 -6.07
CA ALA A 80 -3.29 10.83 -7.36
C ALA A 80 -2.23 10.76 -8.46
N ARG A 81 -1.86 9.55 -8.84
CA ARG A 81 -0.79 9.35 -9.80
C ARG A 81 -1.34 8.81 -11.11
N SER A 82 -0.51 8.82 -12.12
CA SER A 82 -0.90 8.34 -13.42
C SER A 82 0.04 7.22 -13.87
N ARG A 83 -0.51 6.02 -14.00
CA ARG A 83 0.26 4.88 -14.46
C ARG A 83 0.71 5.09 -15.90
N ASP A 84 1.98 4.83 -16.14
CA ASP A 84 2.57 5.05 -17.47
C ASP A 84 2.44 3.80 -18.32
N TYR A 85 1.64 2.86 -17.86
CA TYR A 85 1.38 1.65 -18.61
C TYR A 85 0.38 1.96 -19.72
N ASP A 86 -0.62 2.77 -19.39
CA ASP A 86 -1.66 3.17 -20.34
C ASP A 86 -2.41 1.96 -20.88
N ALA A 87 -3.19 1.35 -20.01
CA ALA A 87 -3.96 0.17 -20.37
C ALA A 87 -5.32 0.18 -19.69
N MET A 88 -6.06 1.27 -19.88
CA MET A 88 -7.41 1.38 -19.35
C MET A 88 -8.39 0.56 -20.16
N GLY A 89 -9.52 0.24 -19.56
CA GLY A 89 -10.50 -0.59 -20.22
C GLY A 89 -11.47 0.21 -21.07
N ALA A 90 -11.19 0.28 -22.36
CA ALA A 90 -12.06 0.97 -23.29
C ALA A 90 -12.33 0.09 -24.49
N ASP A 91 -13.60 -0.23 -24.72
CA ASP A 91 -13.98 -1.11 -25.82
C ASP A 91 -13.98 -0.33 -27.14
N THR A 92 -12.79 -0.18 -27.69
CA THR A 92 -12.61 0.51 -28.96
C THR A 92 -11.19 0.23 -29.49
N ARG A 93 -10.81 -1.03 -29.37
CA ARG A 93 -9.45 -1.46 -29.74
C ARG A 93 -9.34 -1.69 -31.23
N PHE A 94 -9.33 -0.61 -31.98
CA PHE A 94 -9.16 -0.66 -33.43
C PHE A 94 -7.70 -0.43 -33.78
N VAL A 95 -6.83 -0.77 -32.85
CA VAL A 95 -5.40 -0.71 -33.05
C VAL A 95 -4.83 -2.12 -32.93
N GLN A 96 -3.85 -2.43 -33.76
CA GLN A 96 -3.29 -3.76 -33.79
C GLN A 96 -2.05 -3.84 -32.90
N CYS A 97 -2.18 -4.54 -31.80
CA CYS A 97 -1.09 -4.72 -30.86
C CYS A 97 -0.80 -6.20 -30.69
N PRO A 98 0.23 -6.72 -31.39
CA PRO A 98 0.60 -8.14 -31.34
C PRO A 98 0.86 -8.63 -29.93
N GLU A 99 0.55 -9.89 -29.70
CA GLU A 99 0.73 -10.51 -28.40
C GLU A 99 2.19 -10.84 -28.16
N GLY A 100 2.90 -9.90 -27.56
CA GLY A 100 4.31 -10.07 -27.31
C GLY A 100 4.93 -8.82 -26.75
N GLU A 101 4.40 -7.66 -27.16
CA GLU A 101 4.90 -6.37 -26.73
C GLU A 101 6.41 -6.29 -26.98
N LEU A 102 6.80 -6.55 -28.22
CA LEU A 102 8.20 -6.61 -28.59
C LEU A 102 8.66 -5.30 -29.21
N GLN A 103 9.45 -4.54 -28.48
CA GLN A 103 10.07 -3.34 -29.02
C GLN A 103 11.56 -3.52 -29.10
N LYS A 104 12.03 -4.65 -28.61
CA LYS A 104 13.44 -4.99 -28.63
C LYS A 104 13.83 -5.55 -29.99
N ARG A 105 13.86 -4.66 -30.98
CA ARG A 105 14.26 -5.03 -32.33
C ARG A 105 15.36 -4.09 -32.80
N LYS A 106 15.98 -3.42 -31.84
CA LYS A 106 16.98 -2.41 -32.13
C LYS A 106 17.90 -2.25 -30.93
N THR A 107 19.04 -1.61 -31.13
CA THR A 107 19.98 -1.36 -30.07
C THR A 107 20.72 -0.04 -30.33
N GLY A 1 -1.67 -7.46 -20.38
CA GLY A 1 -1.58 -6.13 -19.74
C GLY A 1 -0.22 -5.49 -19.93
N PRO A 2 0.11 -4.46 -19.14
CA PRO A 2 1.41 -3.79 -19.19
C PRO A 2 2.54 -4.74 -18.81
N HIS A 3 2.42 -5.34 -17.62
CA HIS A 3 3.41 -6.30 -17.16
C HIS A 3 2.73 -7.57 -16.66
N MET A 4 2.08 -7.48 -15.50
CA MET A 4 1.42 -8.64 -14.91
C MET A 4 -0.05 -8.35 -14.66
N GLU A 5 -0.44 -7.12 -15.05
CA GLU A 5 -1.79 -6.59 -14.88
C GLU A 5 -2.44 -6.98 -13.56
N THR A 6 -1.64 -6.86 -12.51
CA THR A 6 -2.08 -7.22 -11.18
C THR A 6 -2.99 -6.15 -10.60
N GLU A 7 -3.85 -6.55 -9.68
CA GLU A 7 -4.69 -5.60 -8.96
C GLU A 7 -3.99 -5.16 -7.70
N LEU A 8 -3.61 -3.89 -7.65
CA LEU A 8 -2.83 -3.38 -6.55
C LEU A 8 -3.62 -2.34 -5.77
N ILE A 9 -3.51 -2.42 -4.46
CA ILE A 9 -4.10 -1.41 -3.60
C ILE A 9 -2.99 -0.62 -2.93
N GLU A 10 -2.96 0.67 -3.22
CA GLU A 10 -1.91 1.53 -2.72
C GLU A 10 -2.52 2.84 -2.23
N GLY A 11 -2.00 3.32 -1.12
CA GLY A 11 -2.54 4.52 -0.52
C GLY A 11 -1.86 4.87 0.77
N GLU A 12 -2.44 5.82 1.49
CA GLU A 12 -1.92 6.24 2.76
C GLU A 12 -2.58 5.42 3.86
N VAL A 13 -1.77 4.87 4.74
CA VAL A 13 -2.28 4.05 5.81
C VAL A 13 -3.02 4.90 6.84
N VAL A 14 -4.30 4.62 7.01
CA VAL A 14 -5.11 5.36 7.97
C VAL A 14 -5.09 4.66 9.32
N GLU A 15 -5.12 3.33 9.27
CA GLU A 15 -5.23 2.55 10.50
C GLU A 15 -4.67 1.15 10.29
N ILE A 16 -4.06 0.62 11.33
CA ILE A 16 -3.48 -0.73 11.31
C ILE A 16 -3.88 -1.51 12.56
N GLN A 17 -4.61 -2.59 12.35
CA GLN A 17 -4.97 -3.49 13.43
C GLN A 17 -4.39 -4.87 13.18
N ILE A 18 -3.49 -5.32 14.04
CA ILE A 18 -2.93 -6.66 13.90
C ILE A 18 -3.19 -7.45 15.17
N ASP A 19 -3.81 -8.61 15.03
CA ASP A 19 -4.06 -9.46 16.18
C ASP A 19 -2.83 -10.31 16.48
N ARG A 20 -2.30 -10.14 17.67
CA ARG A 20 -1.16 -10.93 18.12
C ARG A 20 -1.62 -11.97 19.13
N SER A 21 -2.84 -12.48 18.93
CA SER A 21 -3.39 -13.49 19.82
C SER A 21 -3.30 -14.86 19.15
N ILE A 22 -3.00 -14.86 17.85
CA ILE A 22 -2.81 -16.09 17.09
C ILE A 22 -1.75 -16.98 17.74
N THR A 23 -2.05 -18.26 17.85
CA THR A 23 -1.19 -19.21 18.53
C THR A 23 0.25 -19.15 18.00
N GLY A 24 0.41 -19.39 16.70
CA GLY A 24 1.72 -19.36 16.10
C GLY A 24 1.69 -19.84 14.66
N GLY A 25 1.57 -18.90 13.73
CA GLY A 25 1.50 -19.26 12.33
C GLY A 25 0.67 -18.30 11.51
N HIS A 26 -0.57 -18.69 11.23
CA HIS A 26 -1.45 -17.92 10.37
C HIS A 26 -2.02 -16.72 11.10
N LYS A 27 -1.47 -15.55 10.77
CA LYS A 27 -1.82 -14.32 11.45
C LYS A 27 -2.91 -13.58 10.68
N GLN A 28 -3.63 -12.71 11.38
CA GLN A 28 -4.71 -11.95 10.76
C GLN A 28 -4.71 -10.52 11.27
N GLY A 29 -5.27 -9.62 10.48
CA GLY A 29 -5.35 -8.23 10.87
C GLY A 29 -6.29 -7.44 9.99
N LYS A 30 -6.42 -6.16 10.27
CA LYS A 30 -7.29 -5.29 9.51
C LYS A 30 -6.53 -4.01 9.13
N LEU A 31 -6.39 -3.75 7.83
CA LEU A 31 -5.74 -2.54 7.38
C LEU A 31 -6.74 -1.55 6.82
N THR A 32 -6.55 -0.29 7.15
CA THR A 32 -7.35 0.78 6.61
C THR A 32 -6.48 1.69 5.74
N ILE A 33 -6.81 1.78 4.45
CA ILE A 33 -6.01 2.56 3.51
C ILE A 33 -6.83 3.68 2.89
N LYS A 34 -6.22 4.85 2.82
CA LYS A 34 -6.82 6.02 2.21
C LYS A 34 -6.42 6.09 0.76
N THR A 35 -7.39 6.05 -0.13
CA THR A 35 -7.11 6.14 -1.56
C THR A 35 -7.43 7.53 -2.05
N THR A 36 -7.32 7.76 -3.34
CA THR A 36 -7.64 9.06 -3.91
C THR A 36 -9.09 9.42 -3.63
N ASP A 37 -9.98 8.43 -3.74
CA ASP A 37 -11.40 8.66 -3.50
C ASP A 37 -11.75 8.60 -2.01
N MET A 38 -11.45 7.48 -1.37
CA MET A 38 -11.89 7.26 0.00
C MET A 38 -11.02 6.24 0.73
N GLU A 39 -11.23 6.12 2.03
CA GLU A 39 -10.54 5.14 2.83
C GLU A 39 -11.38 3.89 2.98
N THR A 40 -10.83 2.77 2.54
CA THR A 40 -11.53 1.50 2.56
C THR A 40 -10.75 0.50 3.41
N ILE A 41 -11.43 -0.47 3.97
CA ILE A 41 -10.81 -1.42 4.87
C ILE A 41 -10.53 -2.74 4.17
N TYR A 42 -9.29 -3.20 4.26
CA TYR A 42 -8.86 -4.43 3.63
C TYR A 42 -8.33 -5.38 4.70
N GLU A 43 -8.77 -6.63 4.68
CA GLU A 43 -8.39 -7.58 5.71
C GLU A 43 -7.05 -8.21 5.41
N LEU A 44 -6.25 -8.37 6.46
CA LEU A 44 -4.88 -8.83 6.33
C LEU A 44 -4.76 -10.32 6.66
N GLY A 45 -4.18 -11.06 5.74
CA GLY A 45 -3.86 -12.45 5.99
C GLY A 45 -2.41 -12.62 6.36
N ASN A 46 -1.96 -13.87 6.46
CA ASN A 46 -0.59 -14.19 6.88
C ASN A 46 0.42 -13.51 5.97
N LYS A 47 0.17 -13.59 4.66
CA LYS A 47 1.05 -12.98 3.67
C LYS A 47 1.15 -11.47 3.87
N MET A 48 0.02 -10.87 4.23
CA MET A 48 -0.06 -9.43 4.42
C MET A 48 0.75 -8.99 5.63
N ILE A 49 0.54 -9.66 6.76
CA ILE A 49 1.32 -9.39 7.97
C ILE A 49 2.81 -9.48 7.67
N ASP A 50 3.20 -10.54 6.96
CA ASP A 50 4.61 -10.76 6.60
C ASP A 50 5.14 -9.58 5.79
N GLY A 51 4.36 -9.19 4.79
CA GLY A 51 4.75 -8.09 3.93
C GLY A 51 4.84 -6.76 4.65
N LEU A 52 3.80 -6.40 5.40
CA LEU A 52 3.79 -5.11 6.09
C LEU A 52 4.88 -5.04 7.15
N THR A 53 5.13 -6.17 7.80
CA THR A 53 6.22 -6.27 8.76
C THR A 53 7.57 -6.10 8.07
N LYS A 54 7.73 -6.76 6.93
CA LYS A 54 8.97 -6.67 6.15
C LYS A 54 9.26 -5.24 5.73
N GLU A 55 8.22 -4.49 5.40
CA GLU A 55 8.37 -3.10 4.97
C GLU A 55 8.32 -2.15 6.16
N LYS A 56 8.00 -2.72 7.33
CA LYS A 56 7.92 -1.97 8.59
C LYS A 56 6.86 -0.88 8.50
N VAL A 57 5.72 -1.22 7.91
CA VAL A 57 4.66 -0.26 7.66
C VAL A 57 3.99 0.20 8.95
N LEU A 58 3.85 1.51 9.08
CA LEU A 58 3.12 2.09 10.19
C LEU A 58 2.07 3.06 9.67
N ALA A 59 1.16 3.49 10.55
CA ALA A 59 0.11 4.41 10.16
C ALA A 59 0.70 5.73 9.67
N GLY A 60 0.26 6.17 8.50
CA GLY A 60 0.85 7.35 7.89
C GLY A 60 1.71 7.02 6.69
N ASP A 61 2.11 5.76 6.57
CA ASP A 61 2.96 5.32 5.45
C ASP A 61 2.15 5.13 4.18
N VAL A 62 2.85 5.16 3.05
CA VAL A 62 2.26 4.84 1.77
C VAL A 62 2.78 3.50 1.28
N ILE A 63 1.90 2.55 1.00
CA ILE A 63 2.31 1.23 0.56
C ILE A 63 1.41 0.73 -0.55
N SER A 64 1.92 -0.23 -1.31
CA SER A 64 1.17 -0.85 -2.38
C SER A 64 1.09 -2.35 -2.13
N ILE A 65 -0.07 -2.91 -2.30
CA ILE A 65 -0.30 -4.31 -1.96
C ILE A 65 -0.66 -5.12 -3.20
N ASP A 66 0.08 -6.20 -3.41
CA ASP A 66 -0.17 -7.10 -4.53
C ASP A 66 -1.15 -8.18 -4.10
N LYS A 67 -2.39 -8.11 -4.58
CA LYS A 67 -3.41 -9.06 -4.16
C LYS A 67 -3.09 -10.46 -4.67
N ALA A 68 -2.44 -10.53 -5.82
CA ALA A 68 -2.12 -11.80 -6.43
C ALA A 68 -0.98 -12.50 -5.69
N SER A 69 0.15 -11.83 -5.58
CA SER A 69 1.34 -12.43 -4.98
C SER A 69 1.29 -12.34 -3.45
N GLY A 70 0.57 -11.34 -2.95
CA GLY A 70 0.49 -11.14 -1.51
C GLY A 70 1.64 -10.30 -1.00
N LYS A 71 2.38 -9.71 -1.93
CA LYS A 71 3.55 -8.91 -1.60
C LYS A 71 3.18 -7.45 -1.35
N ILE A 72 3.79 -6.85 -0.34
CA ILE A 72 3.57 -5.45 -0.03
C ILE A 72 4.83 -4.64 -0.32
N THR A 73 4.67 -3.54 -1.03
CA THR A 73 5.79 -2.68 -1.39
C THR A 73 5.53 -1.26 -0.90
N LYS A 74 6.36 -0.79 0.02
CA LYS A 74 6.19 0.54 0.57
C LYS A 74 6.77 1.59 -0.38
N LEU A 75 6.00 2.65 -0.60
CA LEU A 75 6.41 3.74 -1.46
C LEU A 75 6.86 4.91 -0.60
N GLY A 76 6.04 5.26 0.38
CA GLY A 76 6.36 6.36 1.28
C GLY A 76 6.67 7.65 0.54
N ARG A 77 5.73 8.10 -0.29
CA ARG A 77 5.89 9.32 -1.07
C ARG A 77 4.63 9.65 -1.87
N SER A 78 4.06 8.64 -2.51
CA SER A 78 2.89 8.83 -3.36
C SER A 78 1.66 9.14 -2.52
N PHE A 79 1.18 10.37 -2.62
CA PHE A 79 0.01 10.77 -1.87
C PHE A 79 -1.27 10.41 -2.61
N ALA A 80 -2.26 10.06 -1.83
CA ALA A 80 -3.56 9.70 -2.37
C ALA A 80 -4.56 10.79 -2.05
N ARG A 81 -4.21 11.57 -1.07
CA ARG A 81 -5.03 12.68 -0.60
C ARG A 81 -4.14 13.90 -0.41
N SER A 82 -4.74 15.03 -0.06
CA SER A 82 -4.01 16.27 0.15
C SER A 82 -3.27 16.70 -1.13
N ARG A 83 -2.30 17.60 -0.99
CA ARG A 83 -1.49 18.03 -2.12
C ARG A 83 -0.59 16.90 -2.60
N ASP A 84 -0.22 16.95 -3.87
CA ASP A 84 0.62 15.91 -4.47
C ASP A 84 2.09 16.24 -4.24
N TYR A 85 2.31 17.32 -3.51
CA TYR A 85 3.65 17.77 -3.20
C TYR A 85 3.65 18.46 -1.85
N ASP A 86 4.49 18.00 -0.95
CA ASP A 86 4.57 18.52 0.40
C ASP A 86 5.96 19.09 0.64
N ALA A 87 6.58 19.53 -0.46
CA ALA A 87 7.94 20.05 -0.45
C ALA A 87 8.92 18.94 -0.13
N MET A 88 8.61 17.77 -0.65
CA MET A 88 9.43 16.58 -0.44
C MET A 88 10.83 16.79 -0.99
N GLY A 89 11.80 16.22 -0.31
CA GLY A 89 13.18 16.33 -0.74
C GLY A 89 14.11 15.58 0.17
N ALA A 90 15.26 15.18 -0.35
CA ALA A 90 16.25 14.49 0.44
C ALA A 90 17.42 15.42 0.76
N ASP A 91 17.28 16.15 1.85
CA ASP A 91 18.29 17.11 2.26
C ASP A 91 18.75 16.81 3.67
N THR A 92 18.83 15.52 3.97
CA THR A 92 19.16 15.05 5.29
C THR A 92 20.67 15.10 5.55
N ARG A 93 21.27 16.26 5.30
CA ARG A 93 22.69 16.46 5.53
C ARG A 93 22.92 16.79 7.00
N PHE A 94 22.55 15.86 7.86
CA PHE A 94 22.66 16.08 9.30
C PHE A 94 23.71 15.14 9.90
N VAL A 95 24.77 14.93 9.15
CA VAL A 95 25.90 14.14 9.62
C VAL A 95 27.16 14.99 9.61
N GLN A 96 27.80 15.09 10.75
CA GLN A 96 28.98 15.92 10.90
C GLN A 96 30.24 15.11 10.59
N CYS A 97 30.63 15.14 9.31
CA CYS A 97 31.80 14.40 8.84
C CYS A 97 31.61 12.90 9.04
N PRO A 98 30.96 12.24 8.07
CA PRO A 98 30.72 10.79 8.12
C PRO A 98 31.99 10.01 8.42
N GLU A 99 31.95 9.21 9.46
CA GLU A 99 33.11 8.44 9.90
C GLU A 99 33.15 7.10 9.19
N GLY A 100 33.07 7.15 7.86
CA GLY A 100 33.13 5.93 7.07
C GLY A 100 34.52 5.33 7.07
N GLU A 101 35.52 6.19 7.21
CA GLU A 101 36.90 5.75 7.28
C GLU A 101 37.19 5.13 8.64
N LEU A 102 37.47 3.84 8.65
CA LEU A 102 37.78 3.13 9.87
C LEU A 102 39.22 3.42 10.30
N GLN A 103 39.43 4.62 10.82
CA GLN A 103 40.75 5.06 11.24
C GLN A 103 41.03 4.62 12.68
N LYS A 104 40.77 3.34 12.97
CA LYS A 104 40.92 2.80 14.31
C LYS A 104 40.11 3.62 15.31
N ARG A 105 38.85 3.88 14.97
CA ARG A 105 37.98 4.67 15.82
C ARG A 105 37.45 3.83 16.97
N LYS A 106 37.48 2.52 16.77
CA LYS A 106 37.04 1.57 17.77
C LYS A 106 37.96 0.35 17.76
N THR A 107 39.08 0.47 18.43
CA THR A 107 40.07 -0.60 18.46
C THR A 107 39.91 -1.46 19.70
N GLY A 1 1.59 -8.38 -27.99
CA GLY A 1 2.11 -9.20 -26.86
C GLY A 1 1.08 -9.35 -25.75
N PRO A 2 1.39 -10.18 -24.74
CA PRO A 2 0.48 -10.41 -23.61
C PRO A 2 0.37 -9.19 -22.70
N HIS A 3 -0.86 -8.74 -22.48
CA HIS A 3 -1.13 -7.62 -21.60
C HIS A 3 -1.06 -8.07 -20.15
N MET A 4 -0.02 -7.65 -19.44
CA MET A 4 0.15 -8.01 -18.05
C MET A 4 -0.69 -7.09 -17.17
N GLU A 5 -1.42 -7.68 -16.25
CA GLU A 5 -2.31 -6.92 -15.38
C GLU A 5 -2.34 -7.55 -13.99
N THR A 6 -2.30 -6.70 -12.98
CA THR A 6 -2.39 -7.15 -11.61
C THR A 6 -3.24 -6.18 -10.79
N GLU A 7 -3.98 -6.72 -9.83
CA GLU A 7 -4.75 -5.89 -8.93
C GLU A 7 -3.89 -5.46 -7.76
N LEU A 8 -3.63 -4.16 -7.69
CA LEU A 8 -2.83 -3.60 -6.63
C LEU A 8 -3.63 -2.58 -5.84
N ILE A 9 -3.49 -2.62 -4.53
CA ILE A 9 -4.12 -1.63 -3.67
C ILE A 9 -3.05 -0.84 -2.91
N GLU A 10 -3.08 0.48 -3.06
CA GLU A 10 -2.10 1.34 -2.43
C GLU A 10 -2.74 2.64 -1.97
N GLY A 11 -2.17 3.23 -0.93
CA GLY A 11 -2.67 4.48 -0.41
C GLY A 11 -2.01 4.86 0.89
N GLU A 12 -2.58 5.86 1.56
CA GLU A 12 -2.08 6.32 2.83
C GLU A 12 -2.62 5.43 3.94
N VAL A 13 -1.72 4.85 4.73
CA VAL A 13 -2.14 4.04 5.86
C VAL A 13 -2.74 4.94 6.91
N VAL A 14 -4.00 4.70 7.23
CA VAL A 14 -4.67 5.50 8.23
C VAL A 14 -4.88 4.71 9.51
N GLU A 15 -4.95 3.39 9.38
CA GLU A 15 -5.16 2.54 10.54
C GLU A 15 -4.56 1.17 10.32
N ILE A 16 -4.08 0.60 11.40
CA ILE A 16 -3.44 -0.72 11.40
C ILE A 16 -3.93 -1.54 12.58
N GLN A 17 -4.75 -2.54 12.29
CA GLN A 17 -5.23 -3.46 13.30
C GLN A 17 -4.62 -4.83 13.10
N ILE A 18 -3.90 -5.30 14.10
CA ILE A 18 -3.25 -6.58 14.03
C ILE A 18 -3.66 -7.42 15.22
N ASP A 19 -3.77 -8.72 15.03
CA ASP A 19 -4.17 -9.62 16.09
C ASP A 19 -2.93 -10.18 16.77
N ARG A 20 -2.94 -10.27 18.09
CA ARG A 20 -1.78 -10.72 18.83
C ARG A 20 -2.08 -11.99 19.61
N SER A 21 -3.13 -12.69 19.22
CA SER A 21 -3.49 -13.95 19.84
C SER A 21 -3.06 -15.10 18.94
N ILE A 22 -2.59 -14.74 17.76
CA ILE A 22 -2.17 -15.70 16.74
C ILE A 22 -1.04 -16.56 17.26
N THR A 23 -1.26 -17.87 17.21
CA THR A 23 -0.28 -18.85 17.65
C THR A 23 0.97 -18.79 16.78
N GLY A 24 0.78 -18.94 15.48
CA GLY A 24 1.87 -18.80 14.54
C GLY A 24 1.36 -18.66 13.13
N GLY A 25 0.81 -19.74 12.61
CA GLY A 25 0.21 -19.71 11.29
C GLY A 25 -1.14 -19.02 11.32
N HIS A 26 -1.63 -18.67 10.13
CA HIS A 26 -2.93 -18.00 9.97
C HIS A 26 -2.96 -16.66 10.69
N LYS A 27 -2.00 -15.79 10.36
CA LYS A 27 -2.00 -14.45 10.93
C LYS A 27 -3.04 -13.62 10.23
N GLN A 28 -3.67 -12.71 10.96
CA GLN A 28 -4.76 -11.93 10.42
C GLN A 28 -4.79 -10.54 11.04
N GLY A 29 -5.33 -9.60 10.29
CA GLY A 29 -5.42 -8.24 10.76
C GLY A 29 -6.38 -7.43 9.90
N LYS A 30 -6.49 -6.15 10.20
CA LYS A 30 -7.36 -5.27 9.45
C LYS A 30 -6.62 -3.98 9.13
N LEU A 31 -6.45 -3.67 7.87
CA LEU A 31 -5.77 -2.44 7.47
C LEU A 31 -6.76 -1.44 6.91
N THR A 32 -6.56 -0.19 7.24
CA THR A 32 -7.36 0.88 6.68
C THR A 32 -6.47 1.78 5.81
N ILE A 33 -6.84 1.91 4.55
CA ILE A 33 -6.06 2.72 3.62
C ILE A 33 -6.90 3.84 3.05
N LYS A 34 -6.32 5.03 3.06
CA LYS A 34 -6.97 6.22 2.52
C LYS A 34 -6.48 6.47 1.11
N THR A 35 -7.41 6.51 0.18
CA THR A 35 -7.06 6.79 -1.21
C THR A 35 -7.45 8.22 -1.54
N THR A 36 -7.29 8.61 -2.78
CA THR A 36 -7.70 9.94 -3.20
C THR A 36 -9.22 10.09 -3.07
N ASP A 37 -9.96 9.06 -3.46
CA ASP A 37 -11.41 9.09 -3.41
C ASP A 37 -11.97 8.79 -2.01
N MET A 38 -11.62 7.63 -1.46
CA MET A 38 -12.22 7.18 -0.20
C MET A 38 -11.25 6.37 0.63
N GLU A 39 -11.64 6.06 1.86
CA GLU A 39 -10.86 5.21 2.73
C GLU A 39 -11.57 3.87 2.89
N THR A 40 -10.90 2.80 2.56
CA THR A 40 -11.50 1.48 2.58
C THR A 40 -10.68 0.54 3.46
N ILE A 41 -11.35 -0.44 4.07
CA ILE A 41 -10.70 -1.36 4.97
C ILE A 41 -10.41 -2.68 4.27
N TYR A 42 -9.20 -3.19 4.44
CA TYR A 42 -8.77 -4.40 3.76
C TYR A 42 -8.32 -5.44 4.77
N GLU A 43 -8.66 -6.69 4.50
CA GLU A 43 -8.31 -7.80 5.37
C GLU A 43 -6.86 -8.20 5.19
N LEU A 44 -6.18 -8.44 6.30
CA LEU A 44 -4.77 -8.81 6.26
C LEU A 44 -4.60 -10.30 6.47
N GLY A 45 -3.95 -10.95 5.51
CA GLY A 45 -3.63 -12.36 5.64
C GLY A 45 -2.17 -12.54 6.02
N ASN A 46 -1.70 -13.77 6.05
CA ASN A 46 -0.32 -14.07 6.42
C ASN A 46 0.67 -13.28 5.59
N LYS A 47 0.45 -13.24 4.28
CA LYS A 47 1.32 -12.50 3.37
C LYS A 47 1.29 -11.02 3.67
N MET A 48 0.12 -10.51 4.00
CA MET A 48 -0.02 -9.10 4.34
C MET A 48 0.73 -8.76 5.61
N ILE A 49 0.53 -9.56 6.66
CA ILE A 49 1.28 -9.37 7.91
C ILE A 49 2.78 -9.45 7.64
N ASP A 50 3.16 -10.47 6.89
CA ASP A 50 4.55 -10.65 6.48
C ASP A 50 5.07 -9.40 5.79
N GLY A 51 4.35 -9.00 4.76
CA GLY A 51 4.76 -7.87 3.94
C GLY A 51 4.83 -6.57 4.72
N LEU A 52 3.78 -6.26 5.48
CA LEU A 52 3.73 -5.00 6.20
C LEU A 52 4.80 -4.95 7.28
N THR A 53 5.00 -6.06 7.96
CA THR A 53 6.03 -6.15 8.99
C THR A 53 7.42 -6.02 8.39
N LYS A 54 7.68 -6.80 7.33
CA LYS A 54 8.97 -6.81 6.67
C LYS A 54 9.29 -5.45 6.05
N GLU A 55 8.25 -4.71 5.68
CA GLU A 55 8.42 -3.40 5.06
C GLU A 55 8.42 -2.29 6.10
N LYS A 56 8.15 -2.67 7.36
CA LYS A 56 8.11 -1.72 8.47
C LYS A 56 7.01 -0.69 8.27
N VAL A 57 5.84 -1.14 7.88
CA VAL A 57 4.73 -0.25 7.59
C VAL A 57 4.15 0.32 8.88
N LEU A 58 3.98 1.63 8.90
CA LEU A 58 3.35 2.33 10.01
C LEU A 58 2.26 3.23 9.47
N ALA A 59 1.30 3.56 10.33
CA ALA A 59 0.25 4.49 9.96
C ALA A 59 0.86 5.82 9.51
N GLY A 60 0.44 6.30 8.36
CA GLY A 60 1.03 7.49 7.80
C GLY A 60 1.90 7.19 6.59
N ASP A 61 2.25 5.92 6.39
CA ASP A 61 3.07 5.52 5.25
C ASP A 61 2.19 5.20 4.05
N VAL A 62 2.80 5.17 2.88
CA VAL A 62 2.12 4.74 1.67
C VAL A 62 2.71 3.43 1.17
N ILE A 63 1.85 2.44 1.02
CA ILE A 63 2.30 1.11 0.65
C ILE A 63 1.36 0.51 -0.39
N SER A 64 1.86 -0.47 -1.12
CA SER A 64 1.09 -1.12 -2.17
C SER A 64 1.02 -2.61 -1.90
N ILE A 65 -0.15 -3.19 -2.11
CA ILE A 65 -0.37 -4.59 -1.83
C ILE A 65 -0.73 -5.33 -3.11
N ASP A 66 0.00 -6.40 -3.39
CA ASP A 66 -0.20 -7.21 -4.58
C ASP A 66 -1.16 -8.36 -4.26
N LYS A 67 -2.36 -8.32 -4.81
CA LYS A 67 -3.37 -9.34 -4.52
C LYS A 67 -2.98 -10.69 -5.13
N ALA A 68 -2.22 -10.63 -6.21
CA ALA A 68 -1.84 -11.83 -6.93
C ALA A 68 -0.82 -12.66 -6.15
N SER A 69 0.22 -12.02 -5.64
CA SER A 69 1.30 -12.74 -4.98
C SER A 69 1.25 -12.57 -3.46
N GLY A 70 0.58 -11.53 -2.99
CA GLY A 70 0.56 -11.25 -1.56
C GLY A 70 1.74 -10.40 -1.14
N LYS A 71 2.42 -9.85 -2.13
CA LYS A 71 3.61 -9.04 -1.89
C LYS A 71 3.24 -7.58 -1.58
N ILE A 72 3.87 -7.03 -0.56
CA ILE A 72 3.67 -5.62 -0.21
C ILE A 72 4.92 -4.81 -0.53
N THR A 73 4.72 -3.68 -1.19
CA THR A 73 5.82 -2.79 -1.53
C THR A 73 5.56 -1.40 -0.95
N LYS A 74 6.52 -0.88 -0.22
CA LYS A 74 6.36 0.42 0.41
C LYS A 74 6.86 1.53 -0.52
N LEU A 75 6.01 2.51 -0.76
CA LEU A 75 6.34 3.60 -1.68
C LEU A 75 6.74 4.84 -0.89
N GLY A 76 5.85 5.31 -0.03
CA GLY A 76 6.10 6.54 0.70
C GLY A 76 5.84 7.76 -0.16
N ARG A 77 4.61 8.26 -0.13
CA ARG A 77 4.24 9.43 -0.90
C ARG A 77 3.52 10.44 -0.01
N SER A 78 2.32 10.09 0.42
CA SER A 78 1.56 10.89 1.36
C SER A 78 2.01 10.58 2.79
N PHE A 79 3.23 10.97 3.11
CA PHE A 79 3.80 10.69 4.42
C PHE A 79 4.34 11.97 5.04
N ALA A 80 4.94 11.86 6.22
CA ALA A 80 5.59 12.99 6.87
C ALA A 80 6.85 13.38 6.10
N ARG A 81 6.66 14.12 5.02
CA ARG A 81 7.73 14.49 4.11
C ARG A 81 8.67 15.51 4.76
N SER A 82 9.85 15.65 4.18
CA SER A 82 10.82 16.61 4.66
C SER A 82 10.54 17.99 4.06
N ARG A 83 11.34 18.98 4.42
CA ARG A 83 11.16 20.33 3.90
C ARG A 83 11.44 20.36 2.41
N ASP A 84 10.49 20.89 1.65
CA ASP A 84 10.64 21.00 0.20
C ASP A 84 11.39 22.27 -0.16
N TYR A 85 11.89 22.94 0.87
CA TYR A 85 12.67 24.15 0.71
C TYR A 85 14.08 23.82 0.24
N ASP A 86 14.42 22.53 0.29
CA ASP A 86 15.76 22.05 -0.08
C ASP A 86 16.81 22.65 0.85
N ALA A 87 16.87 22.10 2.05
CA ALA A 87 17.76 22.63 3.06
C ALA A 87 18.64 21.51 3.63
N MET A 88 19.54 21.00 2.82
CA MET A 88 20.52 20.03 3.26
C MET A 88 21.92 20.46 2.87
N GLY A 89 22.01 21.59 2.18
CA GLY A 89 23.28 22.12 1.74
C GLY A 89 23.70 23.32 2.55
N ALA A 90 22.79 24.27 2.71
CA ALA A 90 23.06 25.46 3.49
C ALA A 90 22.39 25.36 4.86
N ASP A 91 22.08 24.14 5.25
CA ASP A 91 21.43 23.89 6.52
C ASP A 91 22.50 23.52 7.52
N THR A 92 22.84 24.48 8.35
CA THR A 92 23.93 24.38 9.30
C THR A 92 23.70 23.31 10.36
N ARG A 93 23.82 22.06 9.94
CA ARG A 93 23.74 20.91 10.83
C ARG A 93 25.13 20.50 11.30
N PHE A 94 25.97 21.47 11.58
CA PHE A 94 27.35 21.20 11.98
C PHE A 94 27.41 20.94 13.46
N VAL A 95 26.68 19.91 13.86
CA VAL A 95 26.57 19.54 15.25
C VAL A 95 25.57 18.40 15.37
N GLN A 96 25.76 17.51 16.33
CA GLN A 96 24.89 16.37 16.50
C GLN A 96 24.18 16.43 17.85
N CYS A 97 23.99 17.64 18.34
CA CYS A 97 23.23 17.86 19.55
C CYS A 97 21.76 17.42 19.33
N PRO A 98 21.09 17.90 18.25
CA PRO A 98 19.76 17.40 17.89
C PRO A 98 19.84 16.06 17.17
N GLU A 99 20.43 15.08 17.85
CA GLU A 99 20.63 13.75 17.28
C GLU A 99 19.32 12.96 17.33
N GLY A 100 18.50 13.12 16.30
CA GLY A 100 17.21 12.46 16.28
C GLY A 100 16.16 13.26 17.01
N GLU A 101 16.27 14.57 16.91
CA GLU A 101 15.36 15.47 17.61
C GLU A 101 14.29 15.99 16.66
N LEU A 102 13.07 15.50 16.83
CA LEU A 102 11.95 15.94 16.02
C LEU A 102 11.01 16.79 16.87
N GLN A 103 11.60 17.52 17.83
CA GLN A 103 10.85 18.37 18.75
C GLN A 103 9.97 17.50 19.63
N LYS A 104 10.54 16.41 20.12
CA LYS A 104 9.81 15.45 20.92
C LYS A 104 9.82 15.84 22.40
N ARG A 105 9.04 16.87 22.71
CA ARG A 105 8.99 17.41 24.06
C ARG A 105 7.98 16.65 24.91
N LYS A 106 8.07 15.33 24.89
CA LYS A 106 7.17 14.47 25.65
C LYS A 106 7.70 14.29 27.07
N THR A 107 8.03 15.41 27.69
CA THR A 107 8.59 15.41 29.04
C THR A 107 7.49 15.32 30.08
N GLY A 1 -4.30 -11.95 -26.50
CA GLY A 1 -3.58 -12.36 -25.26
C GLY A 1 -4.01 -11.52 -24.07
N PRO A 2 -4.03 -12.08 -22.85
CA PRO A 2 -4.44 -11.35 -21.64
C PRO A 2 -3.46 -10.23 -21.28
N HIS A 3 -3.53 -9.13 -22.00
CA HIS A 3 -2.70 -7.97 -21.73
C HIS A 3 -3.44 -7.01 -20.81
N MET A 4 -3.11 -7.07 -19.53
CA MET A 4 -3.80 -6.26 -18.54
C MET A 4 -2.89 -5.99 -17.35
N GLU A 5 -3.27 -5.03 -16.52
CA GLU A 5 -2.49 -4.72 -15.33
C GLU A 5 -3.03 -5.48 -14.13
N THR A 6 -2.14 -5.84 -13.24
CA THR A 6 -2.50 -6.55 -12.03
C THR A 6 -3.27 -5.62 -11.11
N GLU A 7 -4.10 -6.19 -10.24
CA GLU A 7 -4.89 -5.39 -9.33
C GLU A 7 -4.08 -5.13 -8.08
N LEU A 8 -3.71 -3.87 -7.91
CA LEU A 8 -2.88 -3.44 -6.80
C LEU A 8 -3.62 -2.43 -5.96
N ILE A 9 -3.45 -2.50 -4.65
CA ILE A 9 -4.11 -1.57 -3.76
C ILE A 9 -3.08 -0.76 -3.01
N GLU A 10 -3.16 0.55 -3.17
CA GLU A 10 -2.19 1.45 -2.57
C GLU A 10 -2.86 2.72 -2.08
N GLY A 11 -2.24 3.36 -1.11
CA GLY A 11 -2.77 4.58 -0.56
C GLY A 11 -2.11 4.93 0.75
N GLU A 12 -2.63 5.95 1.42
CA GLU A 12 -2.12 6.35 2.72
C GLU A 12 -2.73 5.46 3.80
N VAL A 13 -1.89 4.96 4.68
CA VAL A 13 -2.36 4.12 5.77
C VAL A 13 -2.96 5.00 6.85
N VAL A 14 -4.21 4.78 7.17
CA VAL A 14 -4.88 5.58 8.18
C VAL A 14 -4.88 4.84 9.52
N GLU A 15 -4.95 3.53 9.45
CA GLU A 15 -5.00 2.71 10.66
C GLU A 15 -4.49 1.30 10.38
N ILE A 16 -3.92 0.68 11.41
CA ILE A 16 -3.37 -0.66 11.32
C ILE A 16 -3.74 -1.47 12.55
N GLN A 17 -4.48 -2.55 12.33
CA GLN A 17 -4.79 -3.48 13.41
C GLN A 17 -4.31 -4.88 13.05
N ILE A 18 -3.26 -5.32 13.72
CA ILE A 18 -2.69 -6.62 13.45
C ILE A 18 -2.70 -7.48 14.72
N ASP A 19 -3.26 -8.67 14.62
CA ASP A 19 -3.32 -9.56 15.76
C ASP A 19 -1.98 -10.23 16.00
N ARG A 20 -1.38 -9.94 17.14
CA ARG A 20 -0.08 -10.50 17.50
C ARG A 20 -0.24 -11.60 18.53
N SER A 21 -1.37 -12.30 18.48
CA SER A 21 -1.65 -13.36 19.42
C SER A 21 -1.91 -14.66 18.67
N ILE A 22 -2.04 -14.55 17.35
CA ILE A 22 -2.26 -15.69 16.47
C ILE A 22 -1.10 -16.69 16.56
N THR A 23 -1.43 -17.95 16.85
CA THR A 23 -0.42 -19.00 16.89
C THR A 23 -0.80 -20.10 15.90
N GLY A 24 0.20 -20.69 15.23
CA GLY A 24 -0.05 -21.73 14.28
C GLY A 24 -0.36 -21.20 12.90
N GLY A 25 0.42 -20.22 12.47
CA GLY A 25 0.18 -19.56 11.19
C GLY A 25 -1.19 -18.95 11.07
N HIS A 26 -1.55 -18.57 9.83
CA HIS A 26 -2.86 -18.01 9.52
C HIS A 26 -3.14 -16.76 10.35
N LYS A 27 -2.42 -15.70 10.06
CA LYS A 27 -2.59 -14.44 10.77
C LYS A 27 -3.63 -13.58 10.07
N GLN A 28 -4.21 -12.64 10.81
CA GLN A 28 -5.25 -11.77 10.28
C GLN A 28 -5.11 -10.37 10.84
N GLY A 29 -5.63 -9.39 10.12
CA GLY A 29 -5.60 -8.03 10.61
C GLY A 29 -6.43 -7.08 9.76
N LYS A 30 -6.53 -5.85 10.21
CA LYS A 30 -7.30 -4.82 9.53
C LYS A 30 -6.38 -3.70 9.05
N LEU A 31 -6.34 -3.48 7.75
CA LEU A 31 -5.62 -2.36 7.18
C LEU A 31 -6.62 -1.31 6.73
N THR A 32 -6.51 -0.12 7.28
CA THR A 32 -7.32 0.98 6.82
C THR A 32 -6.50 1.87 5.88
N ILE A 33 -6.85 1.88 4.60
CA ILE A 33 -6.11 2.65 3.60
C ILE A 33 -6.99 3.71 2.95
N LYS A 34 -6.41 4.87 2.73
CA LYS A 34 -7.06 5.94 1.99
C LYS A 34 -6.78 5.76 0.50
N THR A 35 -7.80 5.47 -0.27
CA THR A 35 -7.62 5.23 -1.69
C THR A 35 -7.84 6.50 -2.49
N THR A 36 -7.96 6.35 -3.80
CA THR A 36 -8.21 7.47 -4.69
C THR A 36 -9.56 8.13 -4.36
N ASP A 37 -10.51 7.33 -3.88
CA ASP A 37 -11.84 7.84 -3.55
C ASP A 37 -12.03 8.04 -2.05
N MET A 38 -11.75 7.02 -1.25
CA MET A 38 -12.06 7.07 0.19
C MET A 38 -11.26 6.04 0.96
N GLU A 39 -11.33 6.11 2.28
CA GLU A 39 -10.64 5.15 3.13
C GLU A 39 -11.44 3.86 3.27
N THR A 40 -10.83 2.77 2.85
CA THR A 40 -11.45 1.46 2.90
C THR A 40 -10.62 0.52 3.77
N ILE A 41 -11.26 -0.48 4.36
CA ILE A 41 -10.57 -1.41 5.25
C ILE A 41 -10.34 -2.75 4.57
N TYR A 42 -9.09 -3.16 4.51
CA TYR A 42 -8.71 -4.40 3.87
C TYR A 42 -8.21 -5.39 4.91
N GLU A 43 -8.61 -6.64 4.77
CA GLU A 43 -8.24 -7.66 5.73
C GLU A 43 -7.03 -8.44 5.24
N LEU A 44 -6.01 -8.49 6.06
CA LEU A 44 -4.74 -9.08 5.69
C LEU A 44 -4.68 -10.56 6.02
N GLY A 45 -4.19 -11.34 5.08
CA GLY A 45 -3.87 -12.73 5.37
C GLY A 45 -2.45 -12.85 5.91
N ASN A 46 -2.02 -14.06 6.22
CA ASN A 46 -0.70 -14.29 6.80
C ASN A 46 0.40 -13.66 5.96
N LYS A 47 0.29 -13.80 4.64
CA LYS A 47 1.27 -13.26 3.72
C LYS A 47 1.37 -11.74 3.85
N MET A 48 0.23 -11.11 4.05
CA MET A 48 0.17 -9.66 4.18
C MET A 48 0.76 -9.19 5.51
N ILE A 49 0.38 -9.85 6.61
CA ILE A 49 0.97 -9.54 7.91
C ILE A 49 2.49 -9.60 7.84
N ASP A 50 3.00 -10.67 7.24
CA ASP A 50 4.43 -10.86 7.10
C ASP A 50 5.03 -9.68 6.31
N GLY A 51 4.43 -9.40 5.16
CA GLY A 51 4.93 -8.34 4.31
C GLY A 51 4.90 -6.97 4.95
N LEU A 52 3.77 -6.61 5.57
CA LEU A 52 3.63 -5.30 6.18
C LEU A 52 4.57 -5.15 7.37
N THR A 53 4.80 -6.25 8.06
CA THR A 53 5.77 -6.28 9.15
C THR A 53 7.19 -6.07 8.62
N LYS A 54 7.56 -6.82 7.59
CA LYS A 54 8.90 -6.74 7.01
C LYS A 54 9.20 -5.35 6.49
N GLU A 55 8.20 -4.71 5.89
CA GLU A 55 8.36 -3.38 5.32
C GLU A 55 8.19 -2.31 6.39
N LYS A 56 7.77 -2.76 7.57
CA LYS A 56 7.55 -1.88 8.72
C LYS A 56 6.54 -0.80 8.40
N VAL A 57 5.41 -1.22 7.86
CA VAL A 57 4.34 -0.30 7.49
C VAL A 57 3.71 0.31 8.73
N LEU A 58 3.62 1.63 8.75
CA LEU A 58 3.02 2.34 9.86
C LEU A 58 1.95 3.30 9.36
N ALA A 59 1.05 3.70 10.26
CA ALA A 59 0.01 4.65 9.91
C ALA A 59 0.64 5.97 9.48
N GLY A 60 0.22 6.48 8.33
CA GLY A 60 0.81 7.67 7.79
C GLY A 60 1.66 7.39 6.57
N ASP A 61 2.13 6.15 6.44
CA ASP A 61 2.95 5.76 5.31
C ASP A 61 2.08 5.33 4.13
N VAL A 62 2.70 5.30 2.96
CA VAL A 62 2.03 4.83 1.75
C VAL A 62 2.65 3.52 1.28
N ILE A 63 1.80 2.54 1.00
CA ILE A 63 2.27 1.24 0.52
C ILE A 63 1.29 0.69 -0.51
N SER A 64 1.74 -0.27 -1.28
CA SER A 64 0.89 -0.94 -2.24
C SER A 64 0.89 -2.44 -1.96
N ILE A 65 -0.24 -3.08 -2.15
CA ILE A 65 -0.38 -4.50 -1.90
C ILE A 65 -0.74 -5.23 -3.18
N ASP A 66 0.05 -6.24 -3.49
CA ASP A 66 -0.18 -7.06 -4.69
C ASP A 66 -1.10 -8.22 -4.35
N LYS A 67 -2.31 -8.19 -4.87
CA LYS A 67 -3.29 -9.24 -4.58
C LYS A 67 -2.87 -10.57 -5.18
N ALA A 68 -2.18 -10.49 -6.31
CA ALA A 68 -1.81 -11.67 -7.07
C ALA A 68 -0.71 -12.47 -6.38
N SER A 69 0.38 -11.80 -6.01
CA SER A 69 1.53 -12.50 -5.44
C SER A 69 1.56 -12.40 -3.91
N GLY A 70 0.90 -11.39 -3.38
CA GLY A 70 0.90 -11.19 -1.94
C GLY A 70 2.08 -10.35 -1.49
N LYS A 71 2.70 -9.68 -2.46
CA LYS A 71 3.86 -8.83 -2.19
C LYS A 71 3.41 -7.41 -1.84
N ILE A 72 4.01 -6.85 -0.80
CA ILE A 72 3.72 -5.47 -0.39
C ILE A 72 4.90 -4.57 -0.74
N THR A 73 4.61 -3.46 -1.39
CA THR A 73 5.63 -2.49 -1.77
C THR A 73 5.47 -1.23 -0.93
N LYS A 74 6.52 -0.85 -0.23
CA LYS A 74 6.48 0.34 0.60
C LYS A 74 7.02 1.51 -0.17
N LEU A 75 6.19 2.51 -0.34
CA LEU A 75 6.52 3.64 -1.18
C LEU A 75 6.78 4.88 -0.35
N GLY A 76 5.92 5.09 0.62
CA GLY A 76 6.12 6.19 1.55
C GLY A 76 5.18 7.34 1.28
N ARG A 77 5.32 7.95 0.11
CA ARG A 77 4.46 9.06 -0.26
C ARG A 77 4.14 9.04 -1.75
N SER A 78 2.87 8.83 -2.05
CA SER A 78 2.38 8.90 -3.41
C SER A 78 0.88 9.21 -3.40
N PHE A 79 0.54 10.41 -3.84
CA PHE A 79 -0.85 10.85 -3.83
C PHE A 79 -1.24 11.42 -5.19
N ALA A 80 -2.40 12.06 -5.23
CA ALA A 80 -2.91 12.74 -6.42
C ALA A 80 -3.33 11.74 -7.51
N ARG A 81 -4.59 11.84 -7.92
CA ARG A 81 -5.12 10.96 -8.95
C ARG A 81 -4.67 11.43 -10.33
N SER A 82 -3.43 11.11 -10.68
CA SER A 82 -2.88 11.43 -11.98
C SER A 82 -3.40 10.45 -13.04
N ARG A 83 -4.71 10.45 -13.20
CA ARG A 83 -5.37 9.52 -14.10
C ARG A 83 -6.10 10.25 -15.21
N ASP A 84 -5.99 9.71 -16.41
CA ASP A 84 -6.67 10.27 -17.58
C ASP A 84 -7.26 9.16 -18.43
N TYR A 85 -7.24 7.95 -17.89
CA TYR A 85 -7.67 6.78 -18.63
C TYR A 85 -8.77 6.03 -17.87
N ASP A 86 -8.36 5.14 -16.97
CA ASP A 86 -9.29 4.34 -16.16
C ASP A 86 -10.28 3.58 -17.04
N ALA A 87 -9.82 2.46 -17.59
CA ALA A 87 -10.65 1.64 -18.44
C ALA A 87 -11.32 0.53 -17.62
N MET A 88 -11.23 0.67 -16.31
CA MET A 88 -11.81 -0.31 -15.40
C MET A 88 -13.12 0.21 -14.82
N GLY A 89 -14.11 -0.65 -14.72
CA GLY A 89 -15.38 -0.28 -14.15
C GLY A 89 -16.42 -1.36 -14.33
N ALA A 90 -16.95 -1.47 -15.54
CA ALA A 90 -17.96 -2.49 -15.85
C ALA A 90 -17.29 -3.81 -16.20
N ASP A 91 -16.28 -4.18 -15.42
CA ASP A 91 -15.49 -5.37 -15.69
C ASP A 91 -15.99 -6.56 -14.88
N THR A 92 -17.26 -6.54 -14.53
CA THR A 92 -17.86 -7.62 -13.78
C THR A 92 -18.71 -8.50 -14.70
N ARG A 93 -18.05 -9.10 -15.68
CA ARG A 93 -18.73 -9.98 -16.61
C ARG A 93 -18.26 -11.42 -16.42
N PHE A 94 -17.76 -11.71 -15.23
CA PHE A 94 -17.30 -13.06 -14.90
C PHE A 94 -18.42 -13.83 -14.22
N VAL A 95 -19.63 -13.38 -14.44
CA VAL A 95 -20.81 -13.97 -13.85
C VAL A 95 -21.90 -14.09 -14.90
N GLN A 96 -22.89 -14.92 -14.62
CA GLN A 96 -24.02 -15.11 -15.52
C GLN A 96 -25.27 -14.50 -14.90
N CYS A 97 -25.62 -13.31 -15.36
CA CYS A 97 -26.80 -12.61 -14.85
C CYS A 97 -28.10 -13.22 -15.39
N PRO A 98 -28.25 -13.40 -16.73
CA PRO A 98 -29.45 -14.04 -17.29
C PRO A 98 -29.40 -15.56 -17.19
N GLU A 99 -30.08 -16.10 -16.19
CA GLU A 99 -30.12 -17.53 -15.99
C GLU A 99 -31.44 -18.12 -16.51
N GLY A 100 -32.13 -17.35 -17.33
CA GLY A 100 -33.37 -17.80 -17.89
C GLY A 100 -34.04 -16.75 -18.73
N GLU A 101 -35.34 -16.61 -18.55
CA GLU A 101 -36.13 -15.69 -19.35
C GLU A 101 -36.67 -14.55 -18.48
N LEU A 102 -35.89 -13.49 -18.36
CA LEU A 102 -36.27 -12.35 -17.54
C LEU A 102 -36.36 -11.09 -18.39
N GLN A 103 -36.40 -11.28 -19.69
CA GLN A 103 -36.49 -10.17 -20.63
C GLN A 103 -37.81 -10.23 -21.40
N LYS A 104 -38.89 -9.91 -20.70
CA LYS A 104 -40.21 -9.92 -21.32
C LYS A 104 -41.09 -8.90 -20.60
N ARG A 105 -42.29 -9.32 -20.24
CA ARG A 105 -43.24 -8.49 -19.53
C ARG A 105 -43.00 -8.62 -18.03
N LYS A 106 -42.41 -7.60 -17.44
CA LYS A 106 -41.99 -7.66 -16.04
C LYS A 106 -43.10 -7.21 -15.10
N THR A 107 -44.28 -6.95 -15.65
CA THR A 107 -45.43 -6.57 -14.85
C THR A 107 -46.72 -6.93 -15.60
N GLY A 1 4.27 -7.68 -13.05
CA GLY A 1 4.56 -8.96 -13.73
C GLY A 1 3.57 -9.24 -14.85
N PRO A 2 3.24 -10.51 -15.10
CA PRO A 2 2.27 -10.88 -16.15
C PRO A 2 0.86 -10.44 -15.77
N HIS A 3 0.05 -10.13 -16.78
CA HIS A 3 -1.31 -9.60 -16.56
C HIS A 3 -1.24 -8.34 -15.71
N MET A 4 -1.01 -7.20 -16.34
CA MET A 4 -0.82 -5.94 -15.64
C MET A 4 -2.12 -5.40 -15.05
N GLU A 5 -3.12 -6.24 -15.02
CA GLU A 5 -4.42 -5.89 -14.46
C GLU A 5 -4.65 -6.61 -13.14
N THR A 6 -3.55 -6.91 -12.48
CA THR A 6 -3.57 -7.57 -11.19
C THR A 6 -4.25 -6.68 -10.16
N GLU A 7 -4.90 -7.29 -9.18
CA GLU A 7 -5.55 -6.53 -8.13
C GLU A 7 -4.50 -5.95 -7.20
N LEU A 8 -4.36 -4.63 -7.26
CA LEU A 8 -3.38 -3.93 -6.46
C LEU A 8 -4.05 -2.79 -5.71
N ILE A 9 -3.71 -2.65 -4.44
CA ILE A 9 -4.23 -1.55 -3.66
C ILE A 9 -3.09 -0.75 -3.03
N GLU A 10 -3.11 0.55 -3.25
CA GLU A 10 -2.08 1.42 -2.71
C GLU A 10 -2.71 2.72 -2.20
N GLY A 11 -2.17 3.23 -1.12
CA GLY A 11 -2.71 4.43 -0.51
C GLY A 11 -2.02 4.74 0.80
N GLU A 12 -2.61 5.62 1.59
CA GLU A 12 -2.01 6.01 2.85
C GLU A 12 -2.62 5.19 3.98
N VAL A 13 -1.77 4.66 4.84
CA VAL A 13 -2.24 3.85 5.94
C VAL A 13 -2.75 4.72 7.06
N VAL A 14 -4.05 4.66 7.28
CA VAL A 14 -4.69 5.51 8.26
C VAL A 14 -4.98 4.74 9.54
N GLU A 15 -5.01 3.41 9.42
CA GLU A 15 -5.31 2.56 10.56
C GLU A 15 -4.72 1.18 10.36
N ILE A 16 -4.31 0.57 11.47
CA ILE A 16 -3.68 -0.74 11.45
C ILE A 16 -4.17 -1.59 12.62
N GLN A 17 -4.94 -2.62 12.31
CA GLN A 17 -5.34 -3.58 13.32
C GLN A 17 -4.62 -4.90 13.09
N ILE A 18 -3.69 -5.21 13.97
CA ILE A 18 -2.94 -6.45 13.88
C ILE A 18 -2.95 -7.16 15.22
N ASP A 19 -3.54 -8.34 15.26
CA ASP A 19 -3.56 -9.13 16.48
C ASP A 19 -2.18 -9.70 16.75
N ARG A 20 -1.57 -9.28 17.85
CA ARG A 20 -0.22 -9.71 18.18
C ARG A 20 -0.25 -10.90 19.13
N SER A 21 -1.29 -11.70 19.02
CA SER A 21 -1.45 -12.84 19.90
C SER A 21 -1.77 -14.11 19.10
N ILE A 22 -1.90 -13.96 17.79
CA ILE A 22 -2.16 -15.10 16.91
C ILE A 22 -1.07 -16.16 17.01
N THR A 23 -1.46 -17.34 17.43
CA THR A 23 -0.56 -18.48 17.43
C THR A 23 -1.04 -19.53 16.42
N GLY A 24 -0.13 -20.00 15.60
CA GLY A 24 -0.51 -20.94 14.56
C GLY A 24 -0.20 -20.42 13.17
N GLY A 25 0.97 -19.80 13.02
CA GLY A 25 1.41 -19.28 11.74
C GLY A 25 0.54 -18.16 11.17
N HIS A 26 -0.62 -18.53 10.65
CA HIS A 26 -1.45 -17.63 9.86
C HIS A 26 -2.02 -16.51 10.71
N LYS A 27 -1.57 -15.31 10.43
CA LYS A 27 -1.99 -14.15 11.20
C LYS A 27 -3.11 -13.41 10.49
N GLN A 28 -3.83 -12.61 11.24
CA GLN A 28 -4.97 -11.89 10.70
C GLN A 28 -4.95 -10.44 11.16
N GLY A 29 -5.51 -9.56 10.35
CA GLY A 29 -5.51 -8.15 10.68
C GLY A 29 -6.41 -7.36 9.77
N LYS A 30 -6.48 -6.06 10.02
CA LYS A 30 -7.33 -5.17 9.25
C LYS A 30 -6.55 -3.91 8.90
N LEU A 31 -6.41 -3.63 7.61
CA LEU A 31 -5.74 -2.44 7.14
C LEU A 31 -6.75 -1.42 6.67
N THR A 32 -6.62 -0.18 7.11
CA THR A 32 -7.44 0.90 6.61
C THR A 32 -6.57 1.85 5.79
N ILE A 33 -6.82 1.89 4.50
CA ILE A 33 -6.00 2.69 3.58
C ILE A 33 -6.82 3.80 2.95
N LYS A 34 -6.21 4.97 2.83
CA LYS A 34 -6.83 6.09 2.17
C LYS A 34 -6.41 6.15 0.72
N THR A 35 -7.38 6.16 -0.17
CA THR A 35 -7.10 6.31 -1.59
C THR A 35 -7.49 7.72 -2.01
N THR A 36 -7.42 8.00 -3.30
CA THR A 36 -7.84 9.30 -3.78
C THR A 36 -9.34 9.50 -3.58
N ASP A 37 -10.12 8.46 -3.85
CA ASP A 37 -11.57 8.52 -3.72
C ASP A 37 -12.03 8.46 -2.25
N MET A 38 -11.66 7.39 -1.56
CA MET A 38 -12.10 7.19 -0.19
C MET A 38 -11.13 6.29 0.58
N GLU A 39 -11.32 6.18 1.88
CA GLU A 39 -10.55 5.25 2.67
C GLU A 39 -11.35 3.96 2.89
N THR A 40 -10.76 2.86 2.47
CA THR A 40 -11.42 1.57 2.51
C THR A 40 -10.61 0.61 3.38
N ILE A 41 -11.27 -0.39 3.96
CA ILE A 41 -10.60 -1.33 4.83
C ILE A 41 -10.36 -2.65 4.11
N TYR A 42 -9.16 -3.18 4.23
CA TYR A 42 -8.75 -4.40 3.56
C TYR A 42 -8.31 -5.44 4.57
N GLU A 43 -8.70 -6.69 4.34
CA GLU A 43 -8.38 -7.77 5.27
C GLU A 43 -6.94 -8.23 5.09
N LEU A 44 -6.27 -8.49 6.20
CA LEU A 44 -4.86 -8.85 6.17
C LEU A 44 -4.67 -10.32 6.54
N GLY A 45 -3.99 -11.05 5.65
CA GLY A 45 -3.64 -12.43 5.92
C GLY A 45 -2.19 -12.56 6.35
N ASN A 46 -1.72 -13.80 6.48
CA ASN A 46 -0.36 -14.08 6.94
C ASN A 46 0.69 -13.38 6.08
N LYS A 47 0.53 -13.48 4.77
CA LYS A 47 1.49 -12.90 3.85
C LYS A 47 1.45 -11.37 3.94
N MET A 48 0.25 -10.84 4.13
CA MET A 48 0.07 -9.40 4.32
C MET A 48 0.81 -8.92 5.56
N ILE A 49 0.56 -9.54 6.70
CA ILE A 49 1.28 -9.22 7.92
C ILE A 49 2.79 -9.36 7.70
N ASP A 50 3.18 -10.43 7.04
CA ASP A 50 4.58 -10.68 6.71
C ASP A 50 5.16 -9.53 5.91
N GLY A 51 4.46 -9.16 4.85
CA GLY A 51 4.89 -8.08 3.98
C GLY A 51 4.97 -6.74 4.69
N LEU A 52 3.94 -6.37 5.42
CA LEU A 52 3.91 -5.09 6.10
C LEU A 52 4.97 -5.04 7.20
N THR A 53 5.18 -6.17 7.85
CA THR A 53 6.25 -6.30 8.82
C THR A 53 7.61 -6.10 8.18
N LYS A 54 7.87 -6.83 7.09
CA LYS A 54 9.14 -6.74 6.38
C LYS A 54 9.42 -5.33 5.90
N GLU A 55 8.40 -4.65 5.39
CA GLU A 55 8.57 -3.29 4.88
C GLU A 55 8.50 -2.28 6.00
N LYS A 56 8.17 -2.76 7.20
CA LYS A 56 8.05 -1.92 8.40
C LYS A 56 6.99 -0.85 8.18
N VAL A 57 5.79 -1.29 7.88
CA VAL A 57 4.68 -0.38 7.61
C VAL A 57 3.95 -0.01 8.89
N LEU A 58 3.81 1.28 9.12
CA LEU A 58 3.08 1.79 10.26
C LEU A 58 2.04 2.81 9.79
N ALA A 59 1.24 3.31 10.72
CA ALA A 59 0.25 4.32 10.40
C ALA A 59 0.93 5.58 9.87
N GLY A 60 0.51 6.02 8.70
CA GLY A 60 1.16 7.15 8.08
C GLY A 60 1.93 6.76 6.83
N ASP A 61 2.30 5.49 6.74
CA ASP A 61 3.06 4.99 5.59
C ASP A 61 2.17 4.81 4.37
N VAL A 62 2.78 4.90 3.20
CA VAL A 62 2.10 4.61 1.94
C VAL A 62 2.71 3.36 1.32
N ILE A 63 1.87 2.39 0.98
CA ILE A 63 2.35 1.12 0.45
C ILE A 63 1.41 0.60 -0.62
N SER A 64 1.90 -0.34 -1.41
CA SER A 64 1.12 -0.96 -2.45
C SER A 64 1.01 -2.45 -2.16
N ILE A 65 -0.19 -2.98 -2.24
CA ILE A 65 -0.44 -4.35 -1.86
C ILE A 65 -0.95 -5.16 -3.05
N ASP A 66 -0.27 -6.26 -3.33
CA ASP A 66 -0.68 -7.18 -4.37
C ASP A 66 -1.53 -8.28 -3.75
N LYS A 67 -2.80 -8.33 -4.11
CA LYS A 67 -3.72 -9.28 -3.50
C LYS A 67 -3.45 -10.71 -3.95
N ALA A 68 -2.90 -10.85 -5.14
CA ALA A 68 -2.65 -12.15 -5.73
C ALA A 68 -1.48 -12.87 -5.03
N SER A 69 -0.34 -12.20 -4.97
CA SER A 69 0.86 -12.81 -4.41
C SER A 69 1.04 -12.43 -2.93
N GLY A 70 0.39 -11.35 -2.52
CA GLY A 70 0.51 -10.90 -1.15
C GLY A 70 1.71 -9.99 -0.94
N LYS A 71 2.22 -9.44 -2.03
CA LYS A 71 3.38 -8.56 -1.98
C LYS A 71 3.01 -7.15 -1.52
N ILE A 72 3.74 -6.65 -0.54
CA ILE A 72 3.61 -5.26 -0.10
C ILE A 72 4.90 -4.50 -0.38
N THR A 73 4.77 -3.34 -1.01
CA THR A 73 5.90 -2.47 -1.30
C THR A 73 5.61 -1.05 -0.82
N LYS A 74 6.55 -0.45 -0.10
CA LYS A 74 6.33 0.88 0.45
C LYS A 74 6.76 1.96 -0.53
N LEU A 75 5.85 2.86 -0.85
CA LEU A 75 6.13 3.98 -1.73
C LEU A 75 6.43 5.20 -0.88
N GLY A 76 5.54 5.51 0.04
CA GLY A 76 5.73 6.66 0.92
C GLY A 76 5.66 7.98 0.17
N ARG A 77 4.70 8.10 -0.73
CA ARG A 77 4.55 9.33 -1.50
C ARG A 77 3.08 9.74 -1.63
N SER A 78 2.20 8.88 -1.15
CA SER A 78 0.75 9.10 -1.21
C SER A 78 0.29 9.30 -2.66
N PHE A 79 0.28 8.19 -3.42
CA PHE A 79 -0.04 8.18 -4.84
C PHE A 79 0.70 9.27 -5.63
N ALA A 80 0.36 9.42 -6.90
CA ALA A 80 1.05 10.37 -7.75
C ALA A 80 0.07 11.28 -8.47
N ARG A 81 -0.10 12.48 -7.95
CA ARG A 81 -0.94 13.47 -8.61
C ARG A 81 -0.10 14.24 -9.63
N SER A 82 -0.67 14.49 -10.80
CA SER A 82 0.06 15.16 -11.86
C SER A 82 0.11 16.66 -11.60
N ARG A 83 1.31 17.15 -11.38
CA ARG A 83 1.52 18.56 -11.07
C ARG A 83 1.42 19.42 -12.32
N ASP A 84 0.88 20.61 -12.17
CA ASP A 84 0.70 21.54 -13.29
C ASP A 84 1.90 22.47 -13.42
N TYR A 85 2.90 22.22 -12.60
CA TYR A 85 4.10 23.03 -12.58
C TYR A 85 5.31 22.12 -12.42
N ASP A 86 6.08 21.99 -13.48
CA ASP A 86 7.22 21.08 -13.51
C ASP A 86 8.52 21.84 -13.50
N ALA A 87 8.42 23.11 -13.16
CA ALA A 87 9.59 23.96 -13.06
C ALA A 87 10.07 24.06 -11.63
N MET A 88 9.84 22.99 -10.87
CA MET A 88 10.25 22.91 -9.47
C MET A 88 11.66 22.35 -9.38
N GLY A 89 12.56 22.90 -10.18
CA GLY A 89 13.90 22.36 -10.28
C GLY A 89 14.02 21.42 -11.46
N ALA A 90 14.10 21.99 -12.64
CA ALA A 90 14.11 21.21 -13.89
C ALA A 90 15.51 20.72 -14.23
N ASP A 91 16.34 20.54 -13.21
CA ASP A 91 17.70 20.06 -13.42
C ASP A 91 17.83 18.60 -13.00
N THR A 92 16.70 17.91 -12.94
CA THR A 92 16.68 16.53 -12.50
C THR A 92 15.40 15.83 -12.97
N ARG A 93 15.02 16.06 -14.22
CA ARG A 93 13.81 15.48 -14.77
C ARG A 93 14.08 14.06 -15.28
N PHE A 94 14.68 13.25 -14.43
CA PHE A 94 15.01 11.88 -14.77
C PHE A 94 14.68 10.95 -13.63
N VAL A 95 13.43 10.50 -13.62
CA VAL A 95 12.97 9.48 -12.71
C VAL A 95 13.10 9.96 -11.26
N GLN A 96 12.17 10.80 -10.86
CA GLN A 96 12.21 11.37 -9.52
C GLN A 96 11.49 10.48 -8.52
N CYS A 97 12.28 9.70 -7.80
CA CYS A 97 11.79 8.84 -6.75
C CYS A 97 12.88 8.62 -5.71
N PRO A 98 12.88 9.41 -4.63
CA PRO A 98 13.87 9.30 -3.54
C PRO A 98 13.64 8.07 -2.67
N GLU A 99 13.78 6.90 -3.29
CA GLU A 99 13.63 5.62 -2.60
C GLU A 99 14.84 5.38 -1.70
N GLY A 100 14.74 5.81 -0.45
CA GLY A 100 15.82 5.64 0.48
C GLY A 100 16.85 6.75 0.38
N GLU A 101 16.52 7.79 -0.37
CA GLU A 101 17.41 8.93 -0.53
C GLU A 101 16.64 10.23 -0.33
N LEU A 102 15.92 10.32 0.78
CA LEU A 102 15.22 11.54 1.14
C LEU A 102 16.19 12.54 1.76
N GLN A 103 17.05 13.09 0.93
CA GLN A 103 18.06 14.05 1.37
C GLN A 103 17.72 15.43 0.87
N LYS A 104 16.44 15.74 0.80
CA LYS A 104 15.96 17.03 0.36
C LYS A 104 14.50 17.22 0.77
N ARG A 105 14.29 18.04 1.80
CA ARG A 105 12.96 18.29 2.36
C ARG A 105 12.34 16.98 2.85
N LYS A 106 13.02 16.34 3.79
CA LYS A 106 12.59 15.04 4.31
C LYS A 106 11.69 15.21 5.52
N THR A 107 11.46 16.45 5.90
CA THR A 107 10.58 16.77 7.00
C THR A 107 9.58 17.83 6.60
N GLY A 1 -4.66 -1.51 -22.91
CA GLY A 1 -3.78 -1.75 -24.08
C GLY A 1 -3.29 -3.18 -24.15
N PRO A 2 -2.06 -3.40 -24.65
CA PRO A 2 -1.50 -4.74 -24.80
C PRO A 2 -0.98 -5.34 -23.50
N HIS A 3 -0.94 -4.53 -22.45
CA HIS A 3 -0.48 -5.01 -21.15
C HIS A 3 -1.66 -5.40 -20.29
N MET A 4 -1.51 -6.49 -19.54
CA MET A 4 -2.57 -6.98 -18.67
C MET A 4 -2.42 -6.36 -17.28
N GLU A 5 -3.50 -5.77 -16.79
CA GLU A 5 -3.44 -5.06 -15.52
C GLU A 5 -3.74 -5.98 -14.35
N THR A 6 -3.01 -5.76 -13.27
CA THR A 6 -3.19 -6.50 -12.05
C THR A 6 -3.84 -5.59 -11.01
N GLU A 7 -4.52 -6.18 -10.03
CA GLU A 7 -5.16 -5.41 -9.00
C GLU A 7 -4.19 -5.13 -7.88
N LEU A 8 -3.85 -3.87 -7.74
CA LEU A 8 -2.96 -3.43 -6.69
C LEU A 8 -3.67 -2.40 -5.84
N ILE A 9 -3.61 -2.58 -4.53
CA ILE A 9 -4.24 -1.64 -3.63
C ILE A 9 -3.17 -0.82 -2.90
N GLU A 10 -3.20 0.46 -3.14
CA GLU A 10 -2.18 1.37 -2.62
C GLU A 10 -2.82 2.63 -2.09
N GLY A 11 -2.22 3.17 -1.04
CA GLY A 11 -2.73 4.38 -0.44
C GLY A 11 -2.08 4.67 0.88
N GLU A 12 -2.62 5.67 1.58
CA GLU A 12 -2.09 6.07 2.88
C GLU A 12 -2.69 5.19 3.97
N VAL A 13 -1.84 4.66 4.82
CA VAL A 13 -2.31 3.84 5.91
C VAL A 13 -2.91 4.71 7.00
N VAL A 14 -4.22 4.68 7.12
CA VAL A 14 -4.93 5.51 8.08
C VAL A 14 -4.96 4.82 9.43
N GLU A 15 -5.19 3.51 9.42
CA GLU A 15 -5.32 2.75 10.65
C GLU A 15 -4.76 1.35 10.48
N ILE A 16 -4.33 0.79 11.60
CA ILE A 16 -3.72 -0.53 11.63
C ILE A 16 -4.21 -1.32 12.83
N GLN A 17 -4.95 -2.38 12.57
CA GLN A 17 -5.36 -3.30 13.61
C GLN A 17 -4.72 -4.67 13.38
N ILE A 18 -3.71 -4.98 14.17
CA ILE A 18 -3.02 -6.26 14.05
C ILE A 18 -3.22 -7.09 15.30
N ASP A 19 -3.95 -8.19 15.16
CA ASP A 19 -4.23 -9.06 16.28
C ASP A 19 -2.93 -9.70 16.79
N ARG A 20 -2.76 -9.74 18.09
CA ARG A 20 -1.51 -10.22 18.68
C ARG A 20 -1.75 -11.48 19.50
N SER A 21 -2.80 -12.22 19.17
CA SER A 21 -3.12 -13.44 19.89
C SER A 21 -2.75 -14.67 19.05
N ILE A 22 -2.32 -14.43 17.82
CA ILE A 22 -1.95 -15.51 16.91
C ILE A 22 -0.75 -16.28 17.46
N THR A 23 -1.00 -17.54 17.79
CA THR A 23 0.03 -18.45 18.21
C THR A 23 1.06 -18.63 17.09
N GLY A 24 0.57 -19.02 15.92
CA GLY A 24 1.41 -19.14 14.75
C GLY A 24 0.61 -19.42 13.51
N GLY A 25 1.25 -19.36 12.35
CA GLY A 25 0.57 -19.67 11.11
C GLY A 25 -0.34 -18.58 10.62
N HIS A 26 -1.63 -18.71 10.92
CA HIS A 26 -2.63 -17.80 10.38
C HIS A 26 -2.57 -16.45 11.07
N LYS A 27 -1.94 -15.50 10.41
CA LYS A 27 -1.85 -14.15 10.92
C LYS A 27 -2.98 -13.34 10.32
N GLN A 28 -3.61 -12.50 11.13
CA GLN A 28 -4.81 -11.80 10.71
C GLN A 28 -4.75 -10.35 11.16
N GLY A 29 -5.31 -9.46 10.36
CA GLY A 29 -5.31 -8.06 10.72
C GLY A 29 -6.28 -7.25 9.88
N LYS A 30 -6.50 -6.02 10.30
CA LYS A 30 -7.39 -5.11 9.61
C LYS A 30 -6.63 -3.83 9.26
N LEU A 31 -6.51 -3.53 7.98
CA LEU A 31 -5.83 -2.32 7.55
C LEU A 31 -6.83 -1.31 6.99
N THR A 32 -6.62 -0.06 7.33
CA THR A 32 -7.41 1.02 6.74
C THR A 32 -6.53 1.84 5.81
N ILE A 33 -6.88 1.87 4.53
CA ILE A 33 -6.09 2.60 3.54
C ILE A 33 -6.90 3.71 2.90
N LYS A 34 -6.27 4.87 2.82
CA LYS A 34 -6.84 6.03 2.16
C LYS A 34 -6.47 5.98 0.68
N THR A 35 -7.46 5.77 -0.16
CA THR A 35 -7.21 5.68 -1.60
C THR A 35 -7.47 7.03 -2.24
N THR A 36 -7.47 7.07 -3.56
CA THR A 36 -7.75 8.31 -4.27
C THR A 36 -9.15 8.81 -3.95
N ASP A 37 -10.11 7.90 -3.90
CA ASP A 37 -11.50 8.30 -3.70
C ASP A 37 -11.86 8.38 -2.21
N MET A 38 -11.60 7.32 -1.46
CA MET A 38 -12.03 7.24 -0.06
C MET A 38 -11.14 6.28 0.72
N GLU A 39 -11.30 6.26 2.03
CA GLU A 39 -10.58 5.29 2.86
C GLU A 39 -11.37 4.00 2.98
N THR A 40 -10.75 2.91 2.59
CA THR A 40 -11.39 1.61 2.61
C THR A 40 -10.60 0.65 3.49
N ILE A 41 -11.27 -0.36 4.04
CA ILE A 41 -10.63 -1.29 4.94
C ILE A 41 -10.34 -2.62 4.23
N TYR A 42 -9.13 -3.13 4.45
CA TYR A 42 -8.71 -4.37 3.84
C TYR A 42 -8.14 -5.32 4.89
N GLU A 43 -8.51 -6.58 4.81
CA GLU A 43 -8.03 -7.57 5.77
C GLU A 43 -6.73 -8.20 5.29
N LEU A 44 -5.80 -8.36 6.20
CA LEU A 44 -4.51 -8.90 5.86
C LEU A 44 -4.45 -10.39 6.18
N GLY A 45 -3.91 -11.17 5.25
CA GLY A 45 -3.63 -12.56 5.52
C GLY A 45 -2.21 -12.75 6.03
N ASN A 46 -1.80 -14.00 6.15
CA ASN A 46 -0.47 -14.35 6.65
C ASN A 46 0.63 -13.60 5.91
N LYS A 47 0.59 -13.62 4.58
CA LYS A 47 1.63 -13.00 3.78
C LYS A 47 1.55 -11.48 3.86
N MET A 48 0.34 -10.96 4.00
CA MET A 48 0.15 -9.52 4.15
C MET A 48 0.78 -9.03 5.43
N ILE A 49 0.48 -9.69 6.56
CA ILE A 49 1.16 -9.39 7.82
C ILE A 49 2.68 -9.51 7.64
N ASP A 50 3.11 -10.56 6.95
CA ASP A 50 4.52 -10.79 6.66
C ASP A 50 5.13 -9.58 5.97
N GLY A 51 4.50 -9.17 4.88
CA GLY A 51 4.99 -8.05 4.09
C GLY A 51 4.97 -6.75 4.85
N LEU A 52 3.86 -6.43 5.50
CA LEU A 52 3.72 -5.14 6.16
C LEU A 52 4.69 -5.03 7.34
N THR A 53 4.88 -6.14 8.04
CA THR A 53 5.83 -6.18 9.13
C THR A 53 7.26 -6.00 8.63
N LYS A 54 7.62 -6.73 7.58
CA LYS A 54 8.98 -6.67 7.04
C LYS A 54 9.28 -5.29 6.47
N GLU A 55 8.30 -4.69 5.83
CA GLU A 55 8.50 -3.38 5.21
C GLU A 55 8.26 -2.26 6.20
N LYS A 56 7.89 -2.66 7.43
CA LYS A 56 7.68 -1.73 8.53
C LYS A 56 6.63 -0.69 8.17
N VAL A 57 5.42 -1.16 7.95
CA VAL A 57 4.32 -0.27 7.59
C VAL A 57 3.58 0.19 8.83
N LEU A 58 3.54 1.50 9.03
CA LEU A 58 2.85 2.09 10.16
C LEU A 58 1.83 3.10 9.68
N ALA A 59 1.01 3.60 10.60
CA ALA A 59 0.02 4.61 10.27
C ALA A 59 0.71 5.86 9.72
N GLY A 60 0.35 6.22 8.50
CA GLY A 60 1.03 7.31 7.83
C GLY A 60 1.82 6.85 6.62
N ASP A 61 2.26 5.59 6.65
CA ASP A 61 3.06 5.05 5.55
C ASP A 61 2.19 4.72 4.34
N VAL A 62 2.82 4.74 3.18
CA VAL A 62 2.15 4.42 1.93
C VAL A 62 2.72 3.14 1.33
N ILE A 63 1.83 2.22 0.98
CA ILE A 63 2.25 0.94 0.42
C ILE A 63 1.31 0.50 -0.69
N SER A 64 1.79 -0.40 -1.54
CA SER A 64 0.98 -0.96 -2.61
C SER A 64 0.96 -2.47 -2.49
N ILE A 65 -0.22 -3.01 -2.26
CA ILE A 65 -0.38 -4.43 -2.04
C ILE A 65 -0.77 -5.17 -3.31
N ASP A 66 0.00 -6.19 -3.63
CA ASP A 66 -0.27 -7.07 -4.75
C ASP A 66 -1.27 -8.14 -4.35
N LYS A 67 -2.48 -8.07 -4.89
CA LYS A 67 -3.47 -9.10 -4.62
C LYS A 67 -3.06 -10.43 -5.22
N ALA A 68 -2.34 -10.34 -6.33
CA ALA A 68 -1.95 -11.54 -7.07
C ALA A 68 -0.78 -12.26 -6.42
N SER A 69 0.35 -11.58 -6.28
CA SER A 69 1.55 -12.20 -5.74
C SER A 69 1.56 -12.17 -4.22
N GLY A 70 0.86 -11.21 -3.64
CA GLY A 70 0.77 -11.10 -2.20
C GLY A 70 1.86 -10.20 -1.63
N LYS A 71 2.53 -9.48 -2.51
CA LYS A 71 3.61 -8.61 -2.13
C LYS A 71 3.13 -7.26 -1.65
N ILE A 72 3.77 -6.76 -0.60
CA ILE A 72 3.54 -5.40 -0.15
C ILE A 72 4.75 -4.55 -0.53
N THR A 73 4.52 -3.51 -1.31
CA THR A 73 5.59 -2.65 -1.76
C THR A 73 5.43 -1.27 -1.12
N LYS A 74 6.46 -0.78 -0.47
CA LYS A 74 6.38 0.48 0.23
C LYS A 74 6.87 1.62 -0.67
N LEU A 75 5.98 2.57 -0.94
CA LEU A 75 6.29 3.67 -1.83
C LEU A 75 6.95 4.81 -1.06
N GLY A 76 6.28 5.26 0.00
CA GLY A 76 6.80 6.36 0.78
C GLY A 76 5.74 7.36 1.16
N ARG A 77 5.44 8.30 0.26
CA ARG A 77 4.56 9.41 0.59
C ARG A 77 3.18 9.27 -0.04
N SER A 78 2.22 9.94 0.59
CA SER A 78 0.80 9.73 0.29
C SER A 78 0.31 10.57 -0.87
N PHE A 79 -0.71 10.07 -1.54
CA PHE A 79 -1.44 10.81 -2.54
C PHE A 79 -2.88 11.00 -2.07
N ALA A 80 -3.61 11.91 -2.69
CA ALA A 80 -4.98 12.25 -2.26
C ALA A 80 -4.98 12.63 -0.78
N ARG A 81 -4.02 13.47 -0.42
CA ARG A 81 -3.80 13.83 0.97
C ARG A 81 -4.82 14.86 1.45
N SER A 82 -5.37 14.62 2.62
CA SER A 82 -6.24 15.57 3.26
C SER A 82 -5.42 16.46 4.19
N ARG A 83 -5.77 17.73 4.27
CA ARG A 83 -5.02 18.70 5.04
C ARG A 83 -5.18 18.45 6.54
N ASP A 84 -4.08 18.07 7.17
CA ASP A 84 -4.04 17.87 8.60
C ASP A 84 -3.45 19.09 9.27
N TYR A 85 -3.21 20.12 8.44
CA TYR A 85 -2.63 21.40 8.85
C TYR A 85 -1.14 21.26 9.14
N ASP A 86 -0.69 20.01 9.16
CA ASP A 86 0.71 19.66 9.40
C ASP A 86 1.18 20.21 10.74
N ALA A 87 0.48 19.84 11.80
CA ALA A 87 0.82 20.29 13.14
C ALA A 87 1.54 19.20 13.90
N MET A 88 1.94 18.17 13.18
CA MET A 88 2.65 17.05 13.76
C MET A 88 3.85 16.68 12.89
N GLY A 89 5.01 16.59 13.51
CA GLY A 89 6.22 16.28 12.77
C GLY A 89 7.12 15.34 13.54
N ALA A 90 7.72 14.38 12.84
CA ALA A 90 8.61 13.43 13.46
C ALA A 90 10.07 13.79 13.18
N ASP A 91 10.29 15.07 12.89
CA ASP A 91 11.62 15.57 12.58
C ASP A 91 12.40 15.86 13.87
N THR A 92 11.96 15.27 14.96
CA THR A 92 12.58 15.49 16.25
C THR A 92 12.77 14.15 16.98
N ARG A 93 13.09 13.12 16.22
CA ARG A 93 13.31 11.78 16.78
C ARG A 93 14.69 11.70 17.42
N PHE A 94 14.90 12.51 18.44
CA PHE A 94 16.16 12.57 19.16
C PHE A 94 15.90 12.56 20.65
N VAL A 95 15.96 11.36 21.21
CA VAL A 95 15.79 11.18 22.64
C VAL A 95 14.37 11.57 23.04
N GLN A 96 13.42 11.09 22.24
CA GLN A 96 12.01 11.38 22.44
C GLN A 96 11.46 10.53 23.58
N CYS A 97 11.73 10.94 24.80
CA CYS A 97 11.26 10.21 25.97
C CYS A 97 9.72 10.29 26.12
N PRO A 98 9.09 11.49 25.93
CA PRO A 98 7.63 11.59 25.95
C PRO A 98 6.99 10.77 24.83
N GLU A 99 6.39 9.65 25.19
CA GLU A 99 5.79 8.74 24.22
C GLU A 99 4.38 9.15 23.89
N GLY A 100 4.23 9.88 22.80
CA GLY A 100 2.92 10.28 22.34
C GLY A 100 2.20 9.14 21.65
N GLU A 101 1.75 8.17 22.43
CA GLU A 101 1.08 6.99 21.90
C GLU A 101 -0.39 7.27 21.59
N LEU A 102 -0.64 8.45 21.04
CA LEU A 102 -1.97 8.87 20.67
C LEU A 102 -1.96 9.37 19.23
N GLN A 103 -2.73 8.71 18.37
CA GLN A 103 -2.82 9.12 16.97
C GLN A 103 -3.67 10.38 16.87
N LYS A 104 -3.01 11.54 16.94
CA LYS A 104 -3.71 12.80 16.90
C LYS A 104 -3.95 13.25 15.46
N ARG A 105 -4.99 12.68 14.87
CA ARG A 105 -5.44 13.05 13.54
C ARG A 105 -6.05 14.44 13.61
N LYS A 106 -6.46 14.79 14.81
CA LYS A 106 -7.07 16.06 15.11
C LYS A 106 -6.53 16.56 16.45
N THR A 107 -6.36 17.86 16.58
CA THR A 107 -5.85 18.44 17.82
C THR A 107 -6.96 18.46 18.88
N GLY A 1 -2.88 0.31 -7.91
CA GLY A 1 -3.20 -0.20 -9.26
C GLY A 1 -4.67 -0.55 -9.40
N PRO A 2 -5.51 0.43 -9.74
CA PRO A 2 -6.95 0.24 -9.87
C PRO A 2 -7.31 -0.71 -11.03
N HIS A 3 -7.12 -0.24 -12.26
CA HIS A 3 -7.45 -1.04 -13.43
C HIS A 3 -6.26 -1.10 -14.38
N MET A 4 -5.07 -1.11 -13.80
CA MET A 4 -3.83 -1.18 -14.57
C MET A 4 -2.85 -2.11 -13.86
N GLU A 5 -1.97 -2.73 -14.65
CA GLU A 5 -1.00 -3.72 -14.18
C GLU A 5 -1.62 -4.74 -13.23
N THR A 6 -0.79 -5.35 -12.42
CA THR A 6 -1.24 -6.27 -11.40
C THR A 6 -2.23 -5.58 -10.47
N GLU A 7 -3.14 -6.34 -9.89
CA GLU A 7 -4.11 -5.77 -8.96
C GLU A 7 -3.39 -5.32 -7.70
N LEU A 8 -3.30 -4.01 -7.52
CA LEU A 8 -2.58 -3.45 -6.39
C LEU A 8 -3.46 -2.47 -5.63
N ILE A 9 -3.41 -2.55 -4.32
CA ILE A 9 -4.07 -1.58 -3.49
C ILE A 9 -3.03 -0.76 -2.74
N GLU A 10 -3.07 0.54 -2.95
CA GLU A 10 -2.03 1.42 -2.46
C GLU A 10 -2.64 2.73 -1.96
N GLY A 11 -2.07 3.30 -0.91
CA GLY A 11 -2.58 4.53 -0.39
C GLY A 11 -1.96 4.93 0.92
N GLU A 12 -2.55 5.93 1.55
CA GLU A 12 -2.11 6.35 2.86
C GLU A 12 -2.80 5.50 3.90
N VAL A 13 -2.00 4.73 4.60
CA VAL A 13 -2.52 3.86 5.64
C VAL A 13 -3.03 4.70 6.80
N VAL A 14 -4.31 4.57 7.10
CA VAL A 14 -4.93 5.37 8.13
C VAL A 14 -4.95 4.62 9.45
N GLU A 15 -5.04 3.30 9.36
CA GLU A 15 -5.15 2.48 10.54
C GLU A 15 -4.55 1.11 10.30
N ILE A 16 -4.05 0.53 11.38
CA ILE A 16 -3.42 -0.79 11.34
C ILE A 16 -3.86 -1.62 12.54
N GLN A 17 -4.63 -2.65 12.29
CA GLN A 17 -5.05 -3.57 13.34
C GLN A 17 -4.42 -4.94 13.11
N ILE A 18 -3.52 -5.32 13.98
CA ILE A 18 -2.87 -6.62 13.89
C ILE A 18 -3.12 -7.43 15.16
N ASP A 19 -3.88 -8.51 15.01
CA ASP A 19 -4.21 -9.37 16.13
C ASP A 19 -2.97 -10.12 16.58
N ARG A 20 -2.74 -10.16 17.89
CA ARG A 20 -1.55 -10.81 18.44
C ARG A 20 -1.93 -12.04 19.26
N SER A 21 -3.04 -12.66 18.89
CA SER A 21 -3.50 -13.87 19.55
C SER A 21 -3.58 -14.99 18.53
N ILE A 22 -2.43 -15.38 17.99
CA ILE A 22 -2.36 -16.32 16.89
C ILE A 22 -1.66 -17.57 17.36
N THR A 23 -1.87 -18.69 16.70
CA THR A 23 -1.21 -19.93 17.05
C THR A 23 0.11 -20.04 16.28
N GLY A 24 0.00 -20.35 15.00
CA GLY A 24 1.16 -20.37 14.15
C GLY A 24 1.02 -19.48 12.93
N GLY A 25 0.89 -20.08 11.77
CA GLY A 25 0.82 -19.31 10.54
C GLY A 25 -0.59 -18.93 10.13
N HIS A 26 -1.37 -18.49 11.10
CA HIS A 26 -2.75 -18.07 10.84
C HIS A 26 -2.93 -16.62 11.24
N LYS A 27 -1.99 -15.77 10.83
CA LYS A 27 -2.02 -14.38 11.22
C LYS A 27 -3.13 -13.64 10.48
N GLN A 28 -3.74 -12.69 11.15
CA GLN A 28 -4.85 -11.95 10.59
C GLN A 28 -4.82 -10.51 11.09
N GLY A 29 -5.34 -9.60 10.28
CA GLY A 29 -5.33 -8.22 10.66
C GLY A 29 -6.27 -7.41 9.81
N LYS A 30 -6.40 -6.14 10.15
CA LYS A 30 -7.26 -5.23 9.43
C LYS A 30 -6.49 -3.96 9.10
N LEU A 31 -6.33 -3.66 7.83
CA LEU A 31 -5.65 -2.45 7.42
C LEU A 31 -6.64 -1.45 6.87
N THR A 32 -6.43 -0.19 7.19
CA THR A 32 -7.24 0.87 6.64
C THR A 32 -6.37 1.78 5.77
N ILE A 33 -6.74 1.93 4.51
CA ILE A 33 -5.97 2.74 3.57
C ILE A 33 -6.84 3.84 2.94
N LYS A 34 -6.25 5.02 2.81
CA LYS A 34 -6.89 6.13 2.12
C LYS A 34 -6.48 6.11 0.65
N THR A 35 -7.45 5.94 -0.23
CA THR A 35 -7.16 5.88 -1.64
C THR A 35 -7.26 7.27 -2.25
N THR A 36 -7.22 7.35 -3.57
CA THR A 36 -7.40 8.61 -4.26
C THR A 36 -8.76 9.24 -3.92
N ASP A 37 -9.76 8.39 -3.66
CA ASP A 37 -11.11 8.89 -3.40
C ASP A 37 -11.53 8.74 -1.94
N MET A 38 -11.33 7.56 -1.36
CA MET A 38 -11.88 7.28 -0.03
C MET A 38 -11.02 6.28 0.73
N GLU A 39 -11.24 6.20 2.04
CA GLU A 39 -10.55 5.22 2.86
C GLU A 39 -11.39 3.96 3.00
N THR A 40 -10.80 2.84 2.67
CA THR A 40 -11.47 1.56 2.78
C THR A 40 -10.66 0.62 3.66
N ILE A 41 -11.32 -0.34 4.28
CA ILE A 41 -10.64 -1.30 5.12
C ILE A 41 -10.35 -2.58 4.34
N TYR A 42 -9.14 -3.08 4.47
CA TYR A 42 -8.71 -4.24 3.73
C TYR A 42 -8.31 -5.36 4.67
N GLU A 43 -8.68 -6.58 4.30
CA GLU A 43 -8.41 -7.76 5.12
C GLU A 43 -6.97 -8.20 4.95
N LEU A 44 -6.34 -8.55 6.06
CA LEU A 44 -4.94 -8.93 6.07
C LEU A 44 -4.77 -10.42 6.33
N GLY A 45 -4.11 -11.10 5.41
CA GLY A 45 -3.75 -12.49 5.61
C GLY A 45 -2.32 -12.62 6.06
N ASN A 46 -1.86 -13.86 6.25
CA ASN A 46 -0.50 -14.11 6.72
C ASN A 46 0.52 -13.41 5.82
N LYS A 47 0.30 -13.50 4.51
CA LYS A 47 1.19 -12.88 3.53
C LYS A 47 1.24 -11.38 3.74
N MET A 48 0.09 -10.79 4.07
CA MET A 48 0.00 -9.36 4.29
C MET A 48 0.72 -8.95 5.56
N ILE A 49 0.43 -9.64 6.66
CA ILE A 49 1.13 -9.39 7.93
C ILE A 49 2.63 -9.50 7.72
N ASP A 50 3.06 -10.58 7.08
CA ASP A 50 4.48 -10.81 6.84
C ASP A 50 5.07 -9.69 5.99
N GLY A 51 4.36 -9.36 4.91
CA GLY A 51 4.80 -8.34 4.00
C GLY A 51 4.88 -6.97 4.64
N LEU A 52 3.84 -6.57 5.36
CA LEU A 52 3.82 -5.26 5.99
C LEU A 52 4.87 -5.18 7.09
N THR A 53 5.08 -6.30 7.76
CA THR A 53 6.16 -6.41 8.73
C THR A 53 7.52 -6.16 8.06
N LYS A 54 7.75 -6.83 6.92
CA LYS A 54 9.01 -6.69 6.20
C LYS A 54 9.27 -5.26 5.77
N GLU A 55 8.24 -4.58 5.31
CA GLU A 55 8.37 -3.20 4.83
C GLU A 55 8.26 -2.21 5.99
N LYS A 56 7.94 -2.75 7.17
CA LYS A 56 7.78 -1.98 8.38
C LYS A 56 6.71 -0.91 8.20
N VAL A 57 5.52 -1.32 7.75
CA VAL A 57 4.45 -0.39 7.42
C VAL A 57 3.87 0.25 8.68
N LEU A 58 3.59 1.54 8.58
CA LEU A 58 3.05 2.31 9.68
C LEU A 58 1.99 3.24 9.15
N ALA A 59 1.01 3.57 9.97
CA ALA A 59 -0.07 4.42 9.53
C ALA A 59 0.43 5.83 9.25
N GLY A 60 0.06 6.34 8.10
CA GLY A 60 0.62 7.59 7.63
C GLY A 60 1.56 7.36 6.46
N ASP A 61 1.90 6.12 6.22
CA ASP A 61 2.81 5.76 5.14
C ASP A 61 2.02 5.52 3.87
N VAL A 62 2.71 5.51 2.74
CA VAL A 62 2.10 5.09 1.51
C VAL A 62 2.69 3.76 1.07
N ILE A 63 1.83 2.76 0.99
CA ILE A 63 2.27 1.41 0.68
C ILE A 63 1.35 0.78 -0.36
N SER A 64 1.85 -0.23 -1.04
CA SER A 64 1.10 -0.91 -2.08
C SER A 64 1.04 -2.40 -1.76
N ILE A 65 -0.12 -2.99 -1.98
CA ILE A 65 -0.31 -4.40 -1.68
C ILE A 65 -0.67 -5.15 -2.96
N ASP A 66 0.07 -6.20 -3.24
CA ASP A 66 -0.16 -7.03 -4.41
C ASP A 66 -1.10 -8.18 -4.03
N LYS A 67 -2.33 -8.12 -4.52
CA LYS A 67 -3.35 -9.10 -4.15
C LYS A 67 -3.03 -10.47 -4.73
N ALA A 68 -2.39 -10.47 -5.90
CA ALA A 68 -2.11 -11.71 -6.62
C ALA A 68 -1.08 -12.57 -5.90
N SER A 69 0.04 -11.95 -5.52
CA SER A 69 1.14 -12.69 -4.92
C SER A 69 1.15 -12.54 -3.40
N GLY A 70 0.51 -11.50 -2.89
CA GLY A 70 0.48 -11.27 -1.46
C GLY A 70 1.67 -10.44 -0.99
N LYS A 71 2.37 -9.82 -1.92
CA LYS A 71 3.54 -9.03 -1.60
C LYS A 71 3.17 -7.59 -1.29
N ILE A 72 3.82 -7.03 -0.28
CA ILE A 72 3.62 -5.65 0.10
C ILE A 72 4.86 -4.83 -0.26
N THR A 73 4.65 -3.69 -0.89
CA THR A 73 5.75 -2.82 -1.28
C THR A 73 5.52 -1.41 -0.78
N LYS A 74 6.44 -0.90 0.02
CA LYS A 74 6.34 0.46 0.54
C LYS A 74 6.81 1.46 -0.52
N LEU A 75 6.06 2.54 -0.67
CA LEU A 75 6.45 3.61 -1.57
C LEU A 75 7.04 4.75 -0.76
N GLY A 76 6.36 5.12 0.32
CA GLY A 76 6.84 6.19 1.18
C GLY A 76 6.46 7.57 0.68
N ARG A 77 5.35 8.08 1.20
CA ARG A 77 4.84 9.41 0.89
C ARG A 77 4.36 9.55 -0.56
N SER A 78 5.29 9.47 -1.50
CA SER A 78 4.97 9.64 -2.91
C SER A 78 5.94 8.85 -3.78
N PHE A 79 5.55 8.57 -5.01
CA PHE A 79 6.40 7.87 -5.95
C PHE A 79 5.97 8.21 -7.37
N ALA A 80 6.90 8.04 -8.30
CA ALA A 80 6.63 8.31 -9.69
C ALA A 80 6.05 7.09 -10.39
N ARG A 81 4.85 7.23 -10.92
CA ARG A 81 4.21 6.16 -11.69
C ARG A 81 4.79 6.12 -13.10
N SER A 82 6.11 6.16 -13.18
CA SER A 82 6.79 6.22 -14.45
C SER A 82 7.34 4.85 -14.83
N ARG A 83 6.65 4.23 -15.75
CA ARG A 83 7.05 2.95 -16.29
C ARG A 83 6.76 2.93 -17.78
N ASP A 84 7.79 2.68 -18.57
CA ASP A 84 7.65 2.65 -20.02
C ASP A 84 7.94 1.26 -20.55
N TYR A 85 8.51 0.44 -19.69
CA TYR A 85 8.88 -0.91 -20.01
C TYR A 85 9.51 -1.55 -18.77
N ASP A 86 10.63 -0.98 -18.36
CA ASP A 86 11.29 -1.35 -17.11
C ASP A 86 11.47 -2.86 -16.98
N ALA A 87 12.01 -3.46 -18.02
CA ALA A 87 12.23 -4.89 -18.05
C ALA A 87 13.52 -5.23 -18.78
N MET A 88 14.45 -4.28 -18.79
CA MET A 88 15.74 -4.49 -19.43
C MET A 88 16.76 -4.98 -18.43
N GLY A 89 16.29 -5.25 -17.22
CA GLY A 89 17.16 -5.67 -16.15
C GLY A 89 17.94 -4.51 -15.58
N ALA A 90 19.19 -4.78 -15.21
CA ALA A 90 20.09 -3.76 -14.67
C ALA A 90 19.46 -3.01 -13.51
N ASP A 91 19.37 -3.66 -12.35
CA ASP A 91 18.81 -3.01 -11.17
C ASP A 91 19.92 -2.39 -10.34
N THR A 92 21.13 -2.58 -10.81
CA THR A 92 22.31 -2.07 -10.14
C THR A 92 22.67 -0.67 -10.67
N ARG A 93 21.63 0.08 -11.04
CA ARG A 93 21.82 1.40 -11.64
C ARG A 93 21.83 2.50 -10.59
N PHE A 94 22.36 2.18 -9.41
CA PHE A 94 22.51 3.17 -8.35
C PHE A 94 23.97 3.59 -8.23
N VAL A 95 24.72 3.28 -9.27
CA VAL A 95 26.12 3.61 -9.32
C VAL A 95 26.40 4.46 -10.55
N GLN A 96 27.54 5.12 -10.55
CA GLN A 96 27.94 5.98 -11.65
C GLN A 96 29.04 5.32 -12.48
N CYS A 97 28.85 4.05 -12.79
CA CYS A 97 29.80 3.30 -13.56
C CYS A 97 29.09 2.54 -14.67
N PRO A 98 29.56 2.68 -15.92
CA PRO A 98 28.96 2.01 -17.08
C PRO A 98 29.03 0.49 -16.94
N GLU A 99 27.92 -0.11 -16.53
CA GLU A 99 27.87 -1.55 -16.35
C GLU A 99 27.74 -2.24 -17.70
N GLY A 100 28.86 -2.47 -18.35
CA GLY A 100 28.86 -3.10 -19.66
C GLY A 100 28.58 -2.11 -20.77
N GLU A 101 27.92 -1.03 -20.41
CA GLU A 101 27.54 0.00 -21.36
C GLU A 101 28.62 1.08 -21.47
N LEU A 102 29.86 0.64 -21.68
CA LEU A 102 30.99 1.56 -21.77
C LEU A 102 31.13 2.13 -23.18
N GLN A 103 30.06 2.00 -23.95
CA GLN A 103 30.01 2.49 -25.31
C GLN A 103 28.99 3.61 -25.42
N LYS A 104 29.43 4.82 -25.11
CA LYS A 104 28.55 5.98 -25.09
C LYS A 104 29.09 7.05 -26.01
N ARG A 105 28.51 7.12 -27.20
CA ARG A 105 28.92 8.08 -28.23
C ARG A 105 30.31 7.71 -28.74
N LYS A 106 30.42 6.50 -29.26
CA LYS A 106 31.69 5.99 -29.77
C LYS A 106 31.94 6.54 -31.18
N THR A 107 32.51 7.73 -31.24
CA THR A 107 32.81 8.37 -32.50
C THR A 107 34.19 7.96 -33.00
N GLY A 1 -5.91 -8.37 -21.62
CA GLY A 1 -5.97 -7.14 -22.44
C GLY A 1 -4.60 -6.52 -22.60
N PRO A 2 -4.50 -5.39 -23.34
CA PRO A 2 -3.21 -4.72 -23.58
C PRO A 2 -2.59 -4.16 -22.30
N HIS A 3 -3.44 -3.70 -21.39
CA HIS A 3 -2.97 -3.14 -20.13
C HIS A 3 -2.84 -4.24 -19.09
N MET A 4 -1.71 -4.93 -19.09
CA MET A 4 -1.47 -5.98 -18.10
C MET A 4 -1.32 -5.37 -16.73
N GLU A 5 -2.16 -5.81 -15.82
CA GLU A 5 -2.20 -5.26 -14.48
C GLU A 5 -2.86 -6.24 -13.52
N THR A 6 -2.13 -6.59 -12.48
CA THR A 6 -2.65 -7.48 -11.45
C THR A 6 -3.52 -6.69 -10.49
N GLU A 7 -4.26 -7.37 -9.63
CA GLU A 7 -5.03 -6.67 -8.62
C GLU A 7 -4.09 -6.04 -7.62
N LEU A 8 -4.00 -4.72 -7.65
CA LEU A 8 -3.10 -3.99 -6.79
C LEU A 8 -3.85 -2.92 -6.03
N ILE A 9 -3.61 -2.84 -4.74
CA ILE A 9 -4.22 -1.82 -3.91
C ILE A 9 -3.14 -1.01 -3.20
N GLU A 10 -3.23 0.30 -3.29
CA GLU A 10 -2.26 1.16 -2.62
C GLU A 10 -2.96 2.41 -2.08
N GLY A 11 -2.36 2.99 -1.06
CA GLY A 11 -2.89 4.19 -0.47
C GLY A 11 -2.18 4.53 0.81
N GLU A 12 -2.59 5.62 1.44
CA GLU A 12 -1.98 6.03 2.68
C GLU A 12 -2.62 5.31 3.84
N VAL A 13 -1.82 4.83 4.75
CA VAL A 13 -2.32 4.06 5.86
C VAL A 13 -2.93 4.97 6.90
N VAL A 14 -4.19 4.72 7.23
CA VAL A 14 -4.87 5.53 8.24
C VAL A 14 -4.96 4.74 9.55
N GLU A 15 -5.01 3.43 9.43
CA GLU A 15 -5.11 2.57 10.60
C GLU A 15 -4.55 1.18 10.32
N ILE A 16 -4.04 0.55 11.36
CA ILE A 16 -3.45 -0.78 11.28
C ILE A 16 -3.81 -1.59 12.52
N GLN A 17 -4.55 -2.66 12.32
CA GLN A 17 -4.87 -3.56 13.41
C GLN A 17 -4.33 -4.96 13.11
N ILE A 18 -3.26 -5.32 13.77
CA ILE A 18 -2.64 -6.62 13.56
C ILE A 18 -2.79 -7.50 14.79
N ASP A 19 -3.46 -8.64 14.62
CA ASP A 19 -3.67 -9.55 15.73
C ASP A 19 -2.40 -10.35 16.02
N ARG A 20 -2.00 -10.32 17.29
CA ARG A 20 -0.85 -11.09 17.74
C ARG A 20 -1.30 -12.18 18.70
N SER A 21 -2.55 -12.59 18.55
CA SER A 21 -3.13 -13.58 19.45
C SER A 21 -3.25 -14.92 18.72
N ILE A 22 -3.23 -14.89 17.39
CA ILE A 22 -3.25 -16.10 16.58
C ILE A 22 -2.02 -16.95 16.90
N THR A 23 -2.28 -18.11 17.48
CA THR A 23 -1.22 -19.02 17.87
C THR A 23 -0.52 -19.58 16.64
N GLY A 24 -1.28 -20.26 15.81
CA GLY A 24 -0.73 -20.80 14.59
C GLY A 24 -1.79 -20.93 13.52
N GLY A 25 -1.37 -20.78 12.27
CA GLY A 25 -2.29 -20.95 11.17
C GLY A 25 -3.01 -19.68 10.79
N HIS A 26 -2.34 -18.83 10.01
CA HIS A 26 -2.96 -17.65 9.40
C HIS A 26 -3.13 -16.50 10.38
N LYS A 27 -2.24 -15.54 10.29
CA LYS A 27 -2.37 -14.30 11.05
C LYS A 27 -3.39 -13.40 10.37
N GLN A 28 -4.01 -12.52 11.13
CA GLN A 28 -5.07 -11.67 10.60
C GLN A 28 -4.81 -10.23 10.95
N GLY A 29 -5.22 -9.34 10.06
CA GLY A 29 -5.03 -7.93 10.29
C GLY A 29 -6.04 -7.08 9.55
N LYS A 30 -6.24 -5.87 10.05
CA LYS A 30 -7.15 -4.93 9.42
C LYS A 30 -6.35 -3.72 8.95
N LEU A 31 -6.35 -3.47 7.64
CA LEU A 31 -5.67 -2.32 7.09
C LEU A 31 -6.69 -1.28 6.66
N THR A 32 -6.59 -0.09 7.22
CA THR A 32 -7.38 1.02 6.77
C THR A 32 -6.52 1.92 5.88
N ILE A 33 -6.83 1.94 4.60
CA ILE A 33 -6.04 2.71 3.63
C ILE A 33 -6.86 3.84 3.04
N LYS A 34 -6.23 5.00 2.92
CA LYS A 34 -6.81 6.15 2.27
C LYS A 34 -6.42 6.13 0.80
N THR A 35 -7.37 5.87 -0.07
CA THR A 35 -7.08 5.76 -1.48
C THR A 35 -7.21 7.12 -2.15
N THR A 36 -7.17 7.12 -3.47
CA THR A 36 -7.34 8.34 -4.23
C THR A 36 -8.73 8.94 -3.99
N ASP A 37 -9.70 8.08 -3.68
CA ASP A 37 -11.07 8.53 -3.47
C ASP A 37 -11.41 8.64 -2.00
N MET A 38 -11.21 7.57 -1.25
CA MET A 38 -11.66 7.50 0.15
C MET A 38 -10.91 6.43 0.90
N GLU A 39 -11.05 6.40 2.22
CA GLU A 39 -10.40 5.39 3.03
C GLU A 39 -11.31 4.18 3.23
N THR A 40 -10.80 3.03 2.80
CA THR A 40 -11.53 1.78 2.90
C THR A 40 -10.71 0.76 3.69
N ILE A 41 -11.37 -0.21 4.31
CA ILE A 41 -10.68 -1.15 5.17
C ILE A 41 -10.51 -2.50 4.49
N TYR A 42 -9.27 -2.93 4.39
CA TYR A 42 -8.93 -4.19 3.74
C TYR A 42 -8.40 -5.18 4.78
N GLU A 43 -8.72 -6.45 4.61
CA GLU A 43 -8.26 -7.47 5.53
C GLU A 43 -6.99 -8.13 5.01
N LEU A 44 -6.02 -8.27 5.89
CA LEU A 44 -4.73 -8.83 5.52
C LEU A 44 -4.68 -10.33 5.77
N GLY A 45 -4.15 -11.05 4.79
CA GLY A 45 -3.85 -12.46 4.98
C GLY A 45 -2.51 -12.64 5.65
N ASN A 46 -2.14 -13.87 5.97
CA ASN A 46 -0.90 -14.14 6.70
C ASN A 46 0.31 -13.59 5.97
N LYS A 47 0.32 -13.71 4.64
CA LYS A 47 1.40 -13.20 3.82
C LYS A 47 1.43 -11.67 3.87
N MET A 48 0.25 -11.06 3.98
CA MET A 48 0.14 -9.61 4.10
C MET A 48 0.79 -9.13 5.39
N ILE A 49 0.45 -9.79 6.50
CA ILE A 49 1.08 -9.51 7.79
C ILE A 49 2.61 -9.59 7.65
N ASP A 50 3.07 -10.63 6.98
CA ASP A 50 4.50 -10.82 6.75
C ASP A 50 5.07 -9.62 6.00
N GLY A 51 4.43 -9.27 4.89
CA GLY A 51 4.88 -8.18 4.05
C GLY A 51 4.87 -6.83 4.75
N LEU A 52 3.77 -6.51 5.42
CA LEU A 52 3.66 -5.21 6.10
C LEU A 52 4.64 -5.12 7.25
N THR A 53 4.90 -6.23 7.89
CA THR A 53 5.92 -6.32 8.91
C THR A 53 7.31 -6.06 8.30
N LYS A 54 7.60 -6.72 7.18
CA LYS A 54 8.89 -6.59 6.51
C LYS A 54 9.14 -5.14 6.06
N GLU A 55 8.09 -4.45 5.65
CA GLU A 55 8.21 -3.06 5.21
C GLU A 55 8.17 -2.12 6.41
N LYS A 56 7.77 -2.68 7.56
CA LYS A 56 7.64 -1.91 8.79
C LYS A 56 6.62 -0.80 8.64
N VAL A 57 5.49 -1.16 8.04
CA VAL A 57 4.42 -0.21 7.74
C VAL A 57 3.83 0.39 9.01
N LEU A 58 3.69 1.70 9.03
CA LEU A 58 3.06 2.40 10.14
C LEU A 58 1.98 3.33 9.61
N ALA A 59 1.07 3.74 10.47
CA ALA A 59 0.02 4.69 10.11
C ALA A 59 0.64 5.99 9.64
N GLY A 60 0.25 6.45 8.45
CA GLY A 60 0.86 7.63 7.88
C GLY A 60 1.70 7.31 6.65
N ASP A 61 2.14 6.06 6.55
CA ASP A 61 2.94 5.61 5.41
C ASP A 61 2.05 5.11 4.28
N VAL A 62 2.61 5.01 3.08
CA VAL A 62 1.87 4.50 1.94
C VAL A 62 2.44 3.14 1.55
N ILE A 63 1.60 2.20 1.16
CA ILE A 63 2.08 0.91 0.70
C ILE A 63 1.25 0.40 -0.46
N SER A 64 1.83 -0.49 -1.23
CA SER A 64 1.17 -1.09 -2.37
C SER A 64 1.09 -2.60 -2.16
N ILE A 65 -0.10 -3.15 -2.31
CA ILE A 65 -0.32 -4.55 -2.00
C ILE A 65 -0.70 -5.33 -3.24
N ASP A 66 0.02 -6.41 -3.50
CA ASP A 66 -0.25 -7.29 -4.63
C ASP A 66 -1.09 -8.47 -4.16
N LYS A 67 -2.31 -8.57 -4.65
CA LYS A 67 -3.23 -9.61 -4.21
C LYS A 67 -2.78 -10.98 -4.68
N ALA A 68 -2.06 -11.01 -5.79
CA ALA A 68 -1.63 -12.26 -6.40
C ALA A 68 -0.54 -12.95 -5.58
N SER A 69 0.56 -12.24 -5.35
CA SER A 69 1.72 -12.82 -4.70
C SER A 69 1.71 -12.56 -3.18
N GLY A 70 0.97 -11.55 -2.75
CA GLY A 70 0.97 -11.19 -1.36
C GLY A 70 2.12 -10.25 -1.03
N LYS A 71 2.65 -9.62 -2.06
CA LYS A 71 3.76 -8.69 -1.91
C LYS A 71 3.27 -7.30 -1.51
N ILE A 72 3.88 -6.75 -0.47
CA ILE A 72 3.61 -5.38 -0.04
C ILE A 72 4.88 -4.53 -0.21
N THR A 73 4.73 -3.37 -0.83
CA THR A 73 5.85 -2.46 -1.02
C THR A 73 5.51 -1.07 -0.51
N LYS A 74 6.36 -0.55 0.35
CA LYS A 74 6.15 0.77 0.93
C LYS A 74 6.51 1.88 -0.03
N LEU A 75 5.56 2.78 -0.21
CA LEU A 75 5.79 4.01 -0.88
C LEU A 75 5.73 5.07 0.20
N GLY A 76 6.80 5.72 0.39
CA GLY A 76 6.93 6.62 1.52
C GLY A 76 6.46 8.02 1.18
N ARG A 77 5.23 8.09 0.68
CA ARG A 77 4.67 9.35 0.21
C ARG A 77 4.22 10.23 1.37
N SER A 78 3.27 9.72 2.16
CA SER A 78 2.61 10.52 3.19
C SER A 78 2.13 11.82 2.58
N PHE A 79 1.10 11.71 1.76
CA PHE A 79 0.71 12.80 0.89
C PHE A 79 -0.31 13.73 1.52
N ALA A 80 -0.26 14.97 1.06
CA ALA A 80 -1.14 16.03 1.52
C ALA A 80 -0.82 17.28 0.73
N ARG A 81 0.45 17.38 0.38
CA ARG A 81 0.97 18.46 -0.44
C ARG A 81 1.12 18.01 -1.89
N SER A 82 0.84 16.73 -2.13
CA SER A 82 1.05 16.14 -3.44
C SER A 82 -0.09 15.17 -3.76
N ARG A 83 -0.81 15.48 -4.83
CA ARG A 83 -1.93 14.66 -5.26
C ARG A 83 -1.47 13.27 -5.68
N ASP A 84 -2.26 12.26 -5.35
CA ASP A 84 -1.97 10.88 -5.74
C ASP A 84 -2.90 10.48 -6.88
N TYR A 85 -3.62 11.45 -7.39
CA TYR A 85 -4.65 11.23 -8.40
C TYR A 85 -4.03 10.81 -9.73
N ASP A 86 -3.37 11.76 -10.39
CA ASP A 86 -2.74 11.53 -11.70
C ASP A 86 -3.77 11.09 -12.73
N ALA A 87 -4.42 12.07 -13.35
CA ALA A 87 -5.47 11.80 -14.31
C ALA A 87 -4.90 11.57 -15.71
N MET A 88 -3.96 10.64 -15.80
CA MET A 88 -3.29 10.38 -17.07
C MET A 88 -4.06 9.34 -17.87
N GLY A 89 -4.98 8.67 -17.21
CA GLY A 89 -5.78 7.65 -17.86
C GLY A 89 -7.21 8.12 -18.07
N ALA A 90 -7.35 9.28 -18.68
CA ALA A 90 -8.66 9.88 -18.91
C ALA A 90 -9.21 9.49 -20.27
N ASP A 91 -8.74 8.38 -20.79
CA ASP A 91 -9.17 7.90 -22.10
C ASP A 91 -10.48 7.12 -21.96
N THR A 92 -11.55 7.85 -21.71
CA THR A 92 -12.87 7.25 -21.55
C THR A 92 -13.97 8.31 -21.62
N ARG A 93 -14.73 8.27 -22.70
CA ARG A 93 -15.92 9.11 -22.84
C ARG A 93 -17.11 8.23 -23.19
N PHE A 94 -17.31 7.20 -22.36
CA PHE A 94 -18.34 6.21 -22.62
C PHE A 94 -19.21 5.96 -21.42
N VAL A 95 -19.94 7.01 -21.03
CA VAL A 95 -21.02 6.88 -20.05
C VAL A 95 -20.50 6.32 -18.73
N GLN A 96 -19.74 7.14 -18.01
CA GLN A 96 -19.19 6.71 -16.74
C GLN A 96 -20.25 6.72 -15.66
N CYS A 97 -20.46 5.55 -15.05
CA CYS A 97 -21.50 5.37 -14.03
C CYS A 97 -21.25 6.19 -12.75
N PRO A 98 -20.01 6.25 -12.23
CA PRO A 98 -19.70 7.07 -11.04
C PRO A 98 -19.68 8.56 -11.36
N GLU A 99 -20.84 9.10 -11.70
CA GLU A 99 -20.97 10.52 -12.00
C GLU A 99 -21.26 11.30 -10.71
N GLY A 100 -20.21 11.52 -9.93
CA GLY A 100 -20.35 12.26 -8.70
C GLY A 100 -20.51 11.36 -7.50
N GLU A 101 -19.58 11.45 -6.57
CA GLU A 101 -19.67 10.68 -5.34
C GLU A 101 -20.57 11.39 -4.33
N LEU A 102 -21.54 10.66 -3.81
CA LEU A 102 -22.49 11.23 -2.88
C LEU A 102 -22.12 10.88 -1.46
N GLN A 103 -21.98 11.90 -0.62
CA GLN A 103 -21.56 11.69 0.76
C GLN A 103 -22.74 11.28 1.63
N LYS A 104 -23.05 10.00 1.61
CA LYS A 104 -24.12 9.46 2.44
C LYS A 104 -23.66 9.31 3.88
N ARG A 105 -23.41 10.45 4.51
CA ARG A 105 -22.99 10.49 5.90
C ARG A 105 -23.61 11.71 6.58
N LYS A 106 -23.92 11.59 7.86
CA LYS A 106 -24.46 12.70 8.61
C LYS A 106 -23.57 13.01 9.80
N THR A 107 -23.17 14.26 9.93
CA THR A 107 -22.36 14.68 11.05
C THR A 107 -23.19 14.80 12.32
N GLY A 1 -6.84 -5.86 -20.98
CA GLY A 1 -6.85 -6.58 -22.27
C GLY A 1 -5.83 -7.70 -22.31
N PRO A 2 -5.01 -7.78 -23.36
CA PRO A 2 -3.94 -8.79 -23.47
C PRO A 2 -2.97 -8.72 -22.29
N HIS A 3 -2.67 -7.51 -21.84
CA HIS A 3 -1.82 -7.32 -20.68
C HIS A 3 -2.67 -7.26 -19.42
N MET A 4 -3.04 -8.41 -18.89
CA MET A 4 -3.85 -8.47 -17.69
C MET A 4 -3.05 -8.00 -16.49
N GLU A 5 -3.57 -6.98 -15.81
CA GLU A 5 -2.88 -6.39 -14.68
C GLU A 5 -3.33 -7.06 -13.38
N THR A 6 -2.40 -7.17 -12.46
CA THR A 6 -2.67 -7.74 -11.15
C THR A 6 -3.47 -6.74 -10.32
N GLU A 7 -4.24 -7.22 -9.37
CA GLU A 7 -5.00 -6.34 -8.51
C GLU A 7 -4.09 -5.78 -7.43
N LEU A 8 -3.86 -4.48 -7.52
CA LEU A 8 -2.99 -3.80 -6.58
C LEU A 8 -3.78 -2.76 -5.80
N ILE A 9 -3.61 -2.76 -4.50
CA ILE A 9 -4.20 -1.74 -3.67
C ILE A 9 -3.12 -0.96 -2.94
N GLU A 10 -3.12 0.34 -3.12
CA GLU A 10 -2.13 1.20 -2.52
C GLU A 10 -2.76 2.48 -2.01
N GLY A 11 -2.16 3.06 -0.98
CA GLY A 11 -2.67 4.28 -0.42
C GLY A 11 -2.01 4.63 0.90
N GLU A 12 -2.57 5.63 1.57
CA GLU A 12 -2.03 6.10 2.82
C GLU A 12 -2.64 5.33 3.98
N VAL A 13 -1.81 4.77 4.82
CA VAL A 13 -2.28 3.98 5.95
C VAL A 13 -2.89 4.87 6.99
N VAL A 14 -4.19 4.73 7.19
CA VAL A 14 -4.89 5.54 8.18
C VAL A 14 -4.99 4.79 9.50
N GLU A 15 -5.06 3.48 9.42
CA GLU A 15 -5.19 2.66 10.60
C GLU A 15 -4.51 1.31 10.39
N ILE A 16 -4.08 0.72 11.49
CA ILE A 16 -3.42 -0.58 11.47
C ILE A 16 -3.97 -1.46 12.58
N GLN A 17 -4.73 -2.48 12.21
CA GLN A 17 -5.20 -3.46 13.18
C GLN A 17 -4.52 -4.79 12.94
N ILE A 18 -3.66 -5.18 13.86
CA ILE A 18 -2.92 -6.43 13.76
C ILE A 18 -3.09 -7.24 15.04
N ASP A 19 -3.57 -8.46 14.90
CA ASP A 19 -3.68 -9.35 16.04
C ASP A 19 -2.34 -10.03 16.29
N ARG A 20 -1.70 -9.67 17.40
CA ARG A 20 -0.40 -10.23 17.74
C ARG A 20 -0.57 -11.39 18.71
N SER A 21 -1.67 -12.11 18.58
CA SER A 21 -1.96 -13.22 19.46
C SER A 21 -2.21 -14.49 18.65
N ILE A 22 -2.35 -14.32 17.33
CA ILE A 22 -2.61 -15.44 16.43
C ILE A 22 -1.50 -16.48 16.50
N THR A 23 -1.86 -17.68 16.92
CA THR A 23 -0.93 -18.79 16.99
C THR A 23 -1.15 -19.74 15.82
N GLY A 24 -0.07 -20.22 15.23
CA GLY A 24 -0.19 -21.15 14.12
C GLY A 24 0.62 -20.72 12.91
N GLY A 25 0.72 -19.41 12.70
CA GLY A 25 1.44 -18.89 11.57
C GLY A 25 0.56 -18.09 10.65
N HIS A 26 -0.70 -18.50 10.53
CA HIS A 26 -1.65 -17.83 9.67
C HIS A 26 -2.14 -16.55 10.33
N LYS A 27 -1.26 -15.56 10.41
CA LYS A 27 -1.56 -14.30 11.05
C LYS A 27 -2.59 -13.52 10.24
N GLN A 28 -3.30 -12.64 10.92
CA GLN A 28 -4.38 -11.90 10.28
C GLN A 28 -4.54 -10.52 10.91
N GLY A 29 -5.20 -9.64 10.19
CA GLY A 29 -5.42 -8.30 10.67
C GLY A 29 -6.35 -7.52 9.76
N LYS A 30 -6.47 -6.24 10.01
CA LYS A 30 -7.34 -5.38 9.24
C LYS A 30 -6.66 -4.04 9.01
N LEU A 31 -6.45 -3.67 7.75
CA LEU A 31 -5.78 -2.43 7.44
C LEU A 31 -6.75 -1.41 6.86
N THR A 32 -6.59 -0.16 7.26
CA THR A 32 -7.35 0.94 6.71
C THR A 32 -6.46 1.80 5.83
N ILE A 33 -6.79 1.89 4.55
CA ILE A 33 -5.99 2.64 3.60
C ILE A 33 -6.80 3.76 2.96
N LYS A 34 -6.19 4.92 2.87
CA LYS A 34 -6.77 6.05 2.17
C LYS A 34 -6.34 5.99 0.71
N THR A 35 -7.29 5.75 -0.16
CA THR A 35 -6.99 5.58 -1.57
C THR A 35 -7.11 6.92 -2.29
N THR A 36 -7.13 6.88 -3.61
CA THR A 36 -7.36 8.08 -4.40
C THR A 36 -8.72 8.68 -4.05
N ASP A 37 -9.69 7.83 -3.76
CA ASP A 37 -11.05 8.28 -3.47
C ASP A 37 -11.28 8.48 -1.97
N MET A 38 -11.06 7.43 -1.20
CA MET A 38 -11.49 7.43 0.21
C MET A 38 -10.77 6.35 0.99
N GLU A 39 -10.94 6.34 2.30
CA GLU A 39 -10.35 5.33 3.15
C GLU A 39 -11.22 4.08 3.19
N THR A 40 -10.65 2.98 2.75
CA THR A 40 -11.35 1.71 2.71
C THR A 40 -10.58 0.68 3.54
N ILE A 41 -11.27 -0.32 4.06
CA ILE A 41 -10.63 -1.29 4.94
C ILE A 41 -10.40 -2.61 4.21
N TYR A 42 -9.20 -3.14 4.34
CA TYR A 42 -8.81 -4.36 3.64
C TYR A 42 -8.36 -5.44 4.62
N GLU A 43 -8.67 -6.68 4.28
CA GLU A 43 -8.33 -7.83 5.11
C GLU A 43 -6.87 -8.20 4.95
N LEU A 44 -6.24 -8.55 6.06
CA LEU A 44 -4.83 -8.89 6.06
C LEU A 44 -4.62 -10.38 6.35
N GLY A 45 -3.95 -11.06 5.43
CA GLY A 45 -3.60 -12.45 5.63
C GLY A 45 -2.14 -12.62 6.01
N ASN A 46 -1.68 -13.87 6.10
CA ASN A 46 -0.30 -14.18 6.48
C ASN A 46 0.71 -13.39 5.65
N LYS A 47 0.52 -13.42 4.32
CA LYS A 47 1.44 -12.75 3.41
C LYS A 47 1.37 -11.24 3.60
N MET A 48 0.17 -10.73 3.88
CA MET A 48 -0.03 -9.32 4.12
C MET A 48 0.71 -8.88 5.39
N ILE A 49 0.46 -9.58 6.49
CA ILE A 49 1.17 -9.31 7.73
C ILE A 49 2.68 -9.35 7.52
N ASP A 50 3.14 -10.40 6.85
CA ASP A 50 4.56 -10.58 6.60
C ASP A 50 5.10 -9.43 5.77
N GLY A 51 4.36 -9.08 4.73
CA GLY A 51 4.77 -8.00 3.85
C GLY A 51 4.85 -6.66 4.55
N LEU A 52 3.81 -6.30 5.30
CA LEU A 52 3.78 -5.01 5.98
C LEU A 52 4.82 -4.97 7.09
N THR A 53 5.00 -6.09 7.77
CA THR A 53 6.03 -6.21 8.78
C THR A 53 7.41 -6.08 8.16
N LYS A 54 7.62 -6.76 7.03
CA LYS A 54 8.88 -6.69 6.30
C LYS A 54 9.20 -5.27 5.86
N GLU A 55 8.17 -4.51 5.52
CA GLU A 55 8.35 -3.13 5.07
C GLU A 55 8.35 -2.16 6.25
N LYS A 56 7.98 -2.68 7.43
CA LYS A 56 7.91 -1.90 8.66
C LYS A 56 6.88 -0.79 8.55
N VAL A 57 5.74 -1.13 7.96
CA VAL A 57 4.67 -0.17 7.69
C VAL A 57 4.02 0.34 8.98
N LEU A 58 3.86 1.65 9.07
CA LEU A 58 3.13 2.25 10.17
C LEU A 58 2.14 3.31 9.65
N ALA A 59 1.23 3.73 10.52
CA ALA A 59 0.23 4.73 10.15
C ALA A 59 0.88 5.99 9.63
N GLY A 60 0.42 6.46 8.48
CA GLY A 60 1.02 7.61 7.84
C GLY A 60 1.80 7.24 6.59
N ASP A 61 2.22 5.98 6.51
CA ASP A 61 2.98 5.49 5.37
C ASP A 61 2.08 5.15 4.19
N VAL A 62 2.67 5.13 3.01
CA VAL A 62 1.98 4.70 1.82
C VAL A 62 2.59 3.41 1.30
N ILE A 63 1.75 2.41 1.04
CA ILE A 63 2.24 1.10 0.62
C ILE A 63 1.35 0.53 -0.48
N SER A 64 1.90 -0.43 -1.20
CA SER A 64 1.19 -1.07 -2.29
C SER A 64 1.09 -2.57 -2.02
N ILE A 65 -0.10 -3.12 -2.19
CA ILE A 65 -0.34 -4.51 -1.85
C ILE A 65 -0.75 -5.30 -3.08
N ASP A 66 -0.07 -6.43 -3.31
CA ASP A 66 -0.39 -7.33 -4.41
C ASP A 66 -1.31 -8.43 -3.90
N LYS A 67 -2.56 -8.43 -4.35
CA LYS A 67 -3.55 -9.36 -3.85
C LYS A 67 -3.21 -10.80 -4.25
N ALA A 68 -2.58 -10.93 -5.39
CA ALA A 68 -2.26 -12.24 -5.93
C ALA A 68 -1.17 -12.95 -5.13
N SER A 69 -0.07 -12.26 -4.89
CA SER A 69 1.07 -12.87 -4.22
C SER A 69 1.10 -12.55 -2.72
N GLY A 70 0.40 -11.50 -2.32
CA GLY A 70 0.44 -11.09 -0.93
C GLY A 70 1.67 -10.25 -0.64
N LYS A 71 2.29 -9.78 -1.71
CA LYS A 71 3.50 -8.97 -1.60
C LYS A 71 3.16 -7.49 -1.37
N ILE A 72 3.83 -6.90 -0.38
CA ILE A 72 3.64 -5.49 -0.06
C ILE A 72 4.93 -4.71 -0.30
N THR A 73 4.80 -3.55 -0.93
CA THR A 73 5.93 -2.66 -1.16
C THR A 73 5.61 -1.26 -0.64
N LYS A 74 6.45 -0.74 0.24
CA LYS A 74 6.24 0.59 0.78
C LYS A 74 6.77 1.64 -0.19
N LEU A 75 5.93 2.62 -0.48
CA LEU A 75 6.31 3.73 -1.35
C LEU A 75 6.75 4.90 -0.50
N GLY A 76 6.03 5.11 0.59
CA GLY A 76 6.40 6.14 1.55
C GLY A 76 5.41 7.28 1.57
N ARG A 77 5.33 7.99 0.46
CA ARG A 77 4.42 9.12 0.33
C ARG A 77 3.41 8.85 -0.78
N SER A 78 2.34 9.63 -0.82
CA SER A 78 1.26 9.41 -1.78
C SER A 78 1.72 9.63 -3.22
N PHE A 79 0.80 9.41 -4.15
CA PHE A 79 1.10 9.51 -5.57
C PHE A 79 1.29 10.95 -6.02
N ALA A 80 1.66 11.13 -7.28
CA ALA A 80 1.87 12.45 -7.84
C ALA A 80 0.60 12.93 -8.56
N ARG A 81 0.76 13.51 -9.74
CA ARG A 81 -0.36 14.02 -10.50
C ARG A 81 -0.61 13.15 -11.73
N SER A 82 -1.84 12.64 -11.84
CA SER A 82 -2.26 11.80 -12.97
C SER A 82 -1.50 10.47 -13.00
N ARG A 83 -2.22 9.38 -12.77
CA ARG A 83 -1.63 8.05 -12.83
C ARG A 83 -2.42 7.15 -13.76
N ASP A 84 -1.87 5.97 -14.05
CA ASP A 84 -2.43 5.00 -14.99
C ASP A 84 -2.95 5.68 -16.26
N TYR A 85 -2.27 6.75 -16.65
CA TYR A 85 -2.66 7.53 -17.81
C TYR A 85 -1.71 7.25 -18.97
N ASP A 86 -0.44 7.03 -18.60
CA ASP A 86 0.59 6.54 -19.52
C ASP A 86 0.84 7.50 -20.67
N ALA A 87 0.70 8.79 -20.40
CA ALA A 87 0.95 9.82 -21.40
C ALA A 87 1.99 10.79 -20.89
N MET A 88 3.23 10.33 -20.89
CA MET A 88 4.36 11.09 -20.37
C MET A 88 5.42 11.24 -21.44
N GLY A 89 6.29 12.23 -21.28
CA GLY A 89 7.35 12.48 -22.23
C GLY A 89 8.54 11.56 -22.02
N ALA A 90 8.36 10.29 -22.34
CA ALA A 90 9.41 9.30 -22.18
C ALA A 90 9.89 8.80 -23.53
N ASP A 91 9.76 9.63 -24.54
CA ASP A 91 10.19 9.26 -25.89
C ASP A 91 11.55 9.89 -26.21
N THR A 92 12.21 10.40 -25.18
CA THR A 92 13.51 11.02 -25.33
C THR A 92 14.54 10.31 -24.45
N ARG A 93 14.34 9.02 -24.26
CA ARG A 93 15.21 8.22 -23.41
C ARG A 93 16.47 7.82 -24.16
N PHE A 94 17.29 8.81 -24.49
CA PHE A 94 18.55 8.57 -25.17
C PHE A 94 19.68 9.19 -24.38
N VAL A 95 19.46 9.30 -23.08
CA VAL A 95 20.42 9.88 -22.16
C VAL A 95 20.62 8.95 -20.97
N GLN A 96 21.74 9.09 -20.30
CA GLN A 96 22.04 8.24 -19.15
C GLN A 96 21.42 8.84 -17.89
N CYS A 97 20.11 8.70 -17.79
CA CYS A 97 19.37 9.22 -16.65
C CYS A 97 18.90 8.08 -15.76
N PRO A 98 19.28 8.09 -14.47
CA PRO A 98 18.78 7.12 -13.51
C PRO A 98 17.27 7.21 -13.35
N GLU A 99 16.58 6.16 -13.80
CA GLU A 99 15.13 6.09 -13.65
C GLU A 99 14.77 6.13 -12.19
N GLY A 100 15.46 5.33 -11.43
CA GLY A 100 15.31 5.30 -9.99
C GLY A 100 16.25 6.28 -9.32
N GLU A 101 15.90 7.55 -9.38
CA GLU A 101 16.75 8.60 -8.83
C GLU A 101 16.32 8.97 -7.42
N LEU A 102 15.70 8.01 -6.74
CA LEU A 102 15.23 8.21 -5.37
C LEU A 102 16.38 8.01 -4.38
N GLN A 103 17.47 8.72 -4.62
CA GLN A 103 18.67 8.58 -3.81
C GLN A 103 18.62 9.43 -2.54
N LYS A 104 17.48 9.38 -1.86
CA LYS A 104 17.33 10.03 -0.56
C LYS A 104 17.13 8.97 0.51
N ARG A 105 17.63 7.77 0.24
CA ARG A 105 17.50 6.66 1.17
C ARG A 105 18.86 6.06 1.47
N LYS A 106 19.82 6.94 1.75
CA LYS A 106 21.20 6.55 2.06
C LYS A 106 21.94 6.05 0.82
N THR A 107 23.20 6.42 0.71
CA THR A 107 24.01 6.04 -0.42
C THR A 107 24.77 4.76 -0.11
N GLY A 1 -1.71 -4.99 -18.21
CA GLY A 1 -1.20 -5.34 -19.56
C GLY A 1 -2.30 -5.39 -20.59
N PRO A 2 -2.09 -6.10 -21.70
CA PRO A 2 -3.09 -6.22 -22.78
C PRO A 2 -4.39 -6.85 -22.28
N HIS A 3 -4.28 -8.03 -21.71
CA HIS A 3 -5.46 -8.71 -21.14
C HIS A 3 -5.20 -9.03 -19.67
N MET A 4 -3.96 -9.42 -19.37
CA MET A 4 -3.57 -9.70 -18.01
C MET A 4 -3.40 -8.41 -17.22
N GLU A 5 -3.86 -8.43 -15.98
CA GLU A 5 -3.74 -7.27 -15.11
C GLU A 5 -3.68 -7.74 -13.67
N THR A 6 -2.82 -7.13 -12.88
CA THR A 6 -2.71 -7.44 -11.48
C THR A 6 -3.45 -6.41 -10.64
N GLU A 7 -4.14 -6.89 -9.63
CA GLU A 7 -4.87 -5.99 -8.74
C GLU A 7 -3.94 -5.47 -7.66
N LEU A 8 -3.68 -4.18 -7.71
CA LEU A 8 -2.81 -3.55 -6.73
C LEU A 8 -3.57 -2.51 -5.94
N ILE A 9 -3.51 -2.62 -4.63
CA ILE A 9 -4.16 -1.66 -3.77
C ILE A 9 -3.13 -0.88 -2.97
N GLU A 10 -3.11 0.43 -3.18
CA GLU A 10 -2.13 1.29 -2.57
C GLU A 10 -2.81 2.54 -2.03
N GLY A 11 -2.26 3.07 -0.95
CA GLY A 11 -2.82 4.27 -0.36
C GLY A 11 -2.15 4.62 0.93
N GLU A 12 -2.61 5.69 1.56
CA GLU A 12 -2.07 6.11 2.83
C GLU A 12 -2.70 5.30 3.95
N VAL A 13 -1.86 4.74 4.80
CA VAL A 13 -2.35 3.95 5.91
C VAL A 13 -2.91 4.87 6.98
N VAL A 14 -4.18 4.71 7.28
CA VAL A 14 -4.82 5.53 8.29
C VAL A 14 -4.87 4.79 9.62
N GLU A 15 -5.02 3.48 9.54
CA GLU A 15 -5.10 2.66 10.74
C GLU A 15 -4.61 1.25 10.47
N ILE A 16 -4.06 0.64 11.50
CA ILE A 16 -3.54 -0.71 11.43
C ILE A 16 -4.02 -1.51 12.63
N GLN A 17 -4.82 -2.54 12.37
CA GLN A 17 -5.29 -3.41 13.42
C GLN A 17 -4.69 -4.80 13.25
N ILE A 18 -3.82 -5.17 14.17
CA ILE A 18 -3.16 -6.47 14.12
C ILE A 18 -3.43 -7.25 15.39
N ASP A 19 -3.96 -8.46 15.25
CA ASP A 19 -4.16 -9.33 16.40
C ASP A 19 -2.84 -9.99 16.79
N ARG A 20 -2.37 -9.70 18.00
CA ARG A 20 -1.14 -10.32 18.48
C ARG A 20 -1.46 -11.40 19.49
N SER A 21 -2.63 -12.01 19.32
CA SER A 21 -3.07 -13.06 20.21
C SER A 21 -3.07 -14.39 19.47
N ILE A 22 -2.84 -14.31 18.16
CA ILE A 22 -2.68 -15.49 17.33
C ILE A 22 -1.49 -16.31 17.84
N THR A 23 -1.78 -17.49 18.36
CA THR A 23 -0.75 -18.38 18.86
C THR A 23 0.21 -18.76 17.75
N GLY A 24 -0.34 -19.24 16.64
CA GLY A 24 0.47 -19.50 15.46
C GLY A 24 -0.38 -19.84 14.27
N GLY A 25 0.25 -19.89 13.10
CA GLY A 25 -0.45 -20.30 11.91
C GLY A 25 -1.00 -19.13 11.12
N HIS A 26 -2.27 -18.85 11.31
CA HIS A 26 -2.97 -17.88 10.50
C HIS A 26 -3.06 -16.54 11.21
N LYS A 27 -2.38 -15.55 10.67
CA LYS A 27 -2.41 -14.22 11.24
C LYS A 27 -3.46 -13.38 10.51
N GLN A 28 -4.14 -12.53 11.24
CA GLN A 28 -5.21 -11.74 10.68
C GLN A 28 -5.13 -10.30 11.15
N GLY A 29 -5.46 -9.37 10.26
CA GLY A 29 -5.37 -7.97 10.60
C GLY A 29 -6.26 -7.13 9.72
N LYS A 30 -6.49 -5.89 10.15
CA LYS A 30 -7.33 -4.96 9.43
C LYS A 30 -6.52 -3.73 9.02
N LEU A 31 -6.44 -3.47 7.73
CA LEU A 31 -5.74 -2.29 7.22
C LEU A 31 -6.75 -1.25 6.76
N THR A 32 -6.72 -0.08 7.38
CA THR A 32 -7.50 1.04 6.90
C THR A 32 -6.62 1.91 5.98
N ILE A 33 -6.93 1.92 4.70
CA ILE A 33 -6.13 2.66 3.73
C ILE A 33 -6.96 3.77 3.08
N LYS A 34 -6.35 4.93 2.93
CA LYS A 34 -6.96 6.04 2.21
C LYS A 34 -6.51 6.02 0.76
N THR A 35 -7.45 5.90 -0.15
CA THR A 35 -7.13 5.94 -1.57
C THR A 35 -7.40 7.33 -2.11
N THR A 36 -7.27 7.50 -3.41
CA THR A 36 -7.55 8.78 -4.03
C THR A 36 -8.98 9.22 -3.75
N ASP A 37 -9.91 8.26 -3.79
CA ASP A 37 -11.32 8.56 -3.62
C ASP A 37 -11.75 8.52 -2.15
N MET A 38 -11.50 7.40 -1.48
CA MET A 38 -12.03 7.16 -0.15
C MET A 38 -11.16 6.19 0.64
N GLU A 39 -11.40 6.09 1.94
CA GLU A 39 -10.70 5.12 2.76
C GLU A 39 -11.51 3.85 2.90
N THR A 40 -10.88 2.73 2.58
CA THR A 40 -11.53 1.44 2.65
C THR A 40 -10.71 0.51 3.55
N ILE A 41 -11.36 -0.45 4.18
CA ILE A 41 -10.69 -1.37 5.08
C ILE A 41 -10.40 -2.69 4.38
N TYR A 42 -9.14 -3.08 4.37
CA TYR A 42 -8.71 -4.30 3.72
C TYR A 42 -8.17 -5.27 4.76
N GLU A 43 -8.46 -6.54 4.58
CA GLU A 43 -8.00 -7.55 5.52
C GLU A 43 -6.64 -8.07 5.09
N LEU A 44 -5.76 -8.25 6.06
CA LEU A 44 -4.43 -8.75 5.77
C LEU A 44 -4.37 -10.24 6.02
N GLY A 45 -3.83 -10.97 5.06
CA GLY A 45 -3.54 -12.38 5.25
C GLY A 45 -2.15 -12.56 5.81
N ASN A 46 -1.72 -13.81 5.93
CA ASN A 46 -0.38 -14.12 6.45
C ASN A 46 0.69 -13.39 5.65
N LYS A 47 0.55 -13.40 4.33
CA LYS A 47 1.48 -12.72 3.44
C LYS A 47 1.47 -11.22 3.69
N MET A 48 0.29 -10.68 3.94
CA MET A 48 0.14 -9.26 4.19
C MET A 48 0.77 -8.86 5.53
N ILE A 49 0.47 -9.60 6.60
CA ILE A 49 1.12 -9.36 7.88
C ILE A 49 2.63 -9.44 7.72
N ASP A 50 3.09 -10.49 7.03
CA ASP A 50 4.51 -10.67 6.77
C ASP A 50 5.08 -9.48 6.01
N GLY A 51 4.38 -9.10 4.95
CA GLY A 51 4.81 -7.98 4.13
C GLY A 51 4.83 -6.66 4.87
N LEU A 52 3.77 -6.35 5.60
CA LEU A 52 3.71 -5.08 6.32
C LEU A 52 4.76 -5.03 7.41
N THR A 53 4.98 -6.17 8.06
CA THR A 53 6.04 -6.28 9.05
C THR A 53 7.41 -6.10 8.38
N LYS A 54 7.60 -6.78 7.25
CA LYS A 54 8.85 -6.73 6.50
C LYS A 54 9.17 -5.30 6.04
N GLU A 55 8.14 -4.58 5.62
CA GLU A 55 8.32 -3.22 5.12
C GLU A 55 8.24 -2.20 6.24
N LYS A 56 7.98 -2.69 7.46
CA LYS A 56 7.92 -1.85 8.66
C LYS A 56 6.85 -0.79 8.51
N VAL A 57 5.68 -1.19 8.05
CA VAL A 57 4.60 -0.27 7.75
C VAL A 57 3.89 0.19 9.02
N LEU A 58 3.75 1.50 9.16
CA LEU A 58 3.01 2.08 10.26
C LEU A 58 1.96 3.05 9.72
N ALA A 59 1.08 3.52 10.59
CA ALA A 59 0.08 4.50 10.20
C ALA A 59 0.75 5.76 9.67
N GLY A 60 0.32 6.22 8.51
CA GLY A 60 0.94 7.37 7.90
C GLY A 60 1.76 6.99 6.68
N ASP A 61 2.24 5.75 6.65
CA ASP A 61 3.08 5.27 5.55
C ASP A 61 2.24 4.90 4.33
N VAL A 62 2.88 4.92 3.17
CA VAL A 62 2.23 4.53 1.93
C VAL A 62 2.83 3.24 1.37
N ILE A 63 1.96 2.30 1.03
CA ILE A 63 2.39 1.01 0.51
C ILE A 63 1.45 0.54 -0.59
N SER A 64 1.91 -0.39 -1.39
CA SER A 64 1.10 -0.98 -2.44
C SER A 64 1.03 -2.49 -2.25
N ILE A 65 -0.17 -2.99 -2.07
CA ILE A 65 -0.37 -4.41 -1.81
C ILE A 65 -0.74 -5.15 -3.09
N ASP A 66 -0.04 -6.25 -3.34
CA ASP A 66 -0.29 -7.10 -4.50
C ASP A 66 -1.22 -8.23 -4.10
N LYS A 67 -2.46 -8.19 -4.57
CA LYS A 67 -3.45 -9.18 -4.19
C LYS A 67 -3.18 -10.53 -4.83
N ALA A 68 -2.53 -10.51 -6.00
CA ALA A 68 -2.25 -11.72 -6.74
C ALA A 68 -1.19 -12.60 -6.08
N SER A 69 -0.13 -11.97 -5.58
CA SER A 69 0.97 -12.72 -5.01
C SER A 69 1.03 -12.59 -3.48
N GLY A 70 0.52 -11.47 -2.97
CA GLY A 70 0.59 -11.23 -1.53
C GLY A 70 1.79 -10.40 -1.15
N LYS A 71 2.44 -9.82 -2.14
CA LYS A 71 3.61 -8.97 -1.92
C LYS A 71 3.21 -7.53 -1.61
N ILE A 72 3.84 -6.96 -0.59
CA ILE A 72 3.64 -5.56 -0.26
C ILE A 72 4.88 -4.75 -0.65
N THR A 73 4.66 -3.67 -1.37
CA THR A 73 5.74 -2.80 -1.79
C THR A 73 5.53 -1.40 -1.23
N LYS A 74 6.39 -0.98 -0.32
CA LYS A 74 6.30 0.35 0.27
C LYS A 74 6.89 1.39 -0.69
N LEU A 75 6.10 2.44 -0.93
CA LEU A 75 6.50 3.47 -1.89
C LEU A 75 7.19 4.62 -1.17
N GLY A 76 6.54 5.12 -0.14
CA GLY A 76 7.05 6.28 0.57
C GLY A 76 6.31 7.53 0.17
N ARG A 77 5.07 7.64 0.65
CA ARG A 77 4.18 8.74 0.28
C ARG A 77 3.82 8.67 -1.20
N SER A 78 2.99 9.61 -1.66
CA SER A 78 2.52 9.68 -3.05
C SER A 78 1.95 8.34 -3.54
N PHE A 79 0.68 8.11 -3.24
CA PHE A 79 0.02 6.86 -3.59
C PHE A 79 -0.96 7.05 -4.74
N ALA A 80 -1.22 5.96 -5.45
CA ALA A 80 -2.25 5.92 -6.50
C ALA A 80 -2.13 7.10 -7.45
N ARG A 81 -0.93 7.29 -7.98
CA ARG A 81 -0.67 8.37 -8.91
C ARG A 81 -1.45 8.16 -10.21
N SER A 82 -1.93 9.23 -10.79
CA SER A 82 -2.69 9.16 -12.02
C SER A 82 -1.80 8.66 -13.15
N ARG A 83 -2.12 7.47 -13.63
CA ARG A 83 -1.36 6.83 -14.69
C ARG A 83 -1.94 7.20 -16.05
N ASP A 84 -1.39 6.61 -17.11
CA ASP A 84 -1.92 6.81 -18.45
C ASP A 84 -2.99 5.75 -18.72
N TYR A 85 -3.42 5.10 -17.66
CA TYR A 85 -4.43 4.06 -17.75
C TYR A 85 -5.81 4.68 -17.82
N ASP A 86 -6.09 5.56 -16.84
CA ASP A 86 -7.23 6.47 -16.88
C ASP A 86 -8.57 5.73 -16.82
N ALA A 87 -8.48 4.47 -16.41
CA ALA A 87 -9.65 3.59 -16.31
C ALA A 87 -10.30 3.47 -17.68
N MET A 88 -9.70 2.63 -18.52
CA MET A 88 -10.09 2.52 -19.91
C MET A 88 -11.55 2.08 -20.05
N GLY A 89 -12.26 2.73 -20.95
CA GLY A 89 -13.68 2.50 -21.08
C GLY A 89 -14.43 3.81 -21.21
N ALA A 90 -13.86 4.86 -20.65
CA ALA A 90 -14.42 6.19 -20.75
C ALA A 90 -13.71 6.98 -21.84
N ASP A 91 -13.45 6.31 -22.94
CA ASP A 91 -12.67 6.87 -24.03
C ASP A 91 -13.57 7.64 -25.00
N THR A 92 -14.28 8.62 -24.46
CA THR A 92 -15.19 9.42 -25.25
C THR A 92 -14.45 10.53 -25.99
N ARG A 93 -13.46 10.13 -26.78
CA ARG A 93 -12.67 11.07 -27.57
C ARG A 93 -13.10 11.01 -29.03
N PHE A 94 -13.34 12.17 -29.63
CA PHE A 94 -13.83 12.22 -31.00
C PHE A 94 -12.98 13.14 -31.84
N VAL A 95 -11.70 13.16 -31.54
CA VAL A 95 -10.73 13.92 -32.30
C VAL A 95 -9.70 12.98 -32.89
N GLN A 96 -9.20 13.32 -34.06
CA GLN A 96 -8.21 12.49 -34.74
C GLN A 96 -6.81 12.88 -34.33
N CYS A 97 -6.22 12.04 -33.51
CA CYS A 97 -4.85 12.24 -33.05
C CYS A 97 -3.84 11.72 -34.08
N PRO A 98 -3.97 10.47 -34.57
CA PRO A 98 -3.11 9.97 -35.64
C PRO A 98 -3.33 10.75 -36.94
N GLU A 99 -2.37 11.58 -37.30
CA GLU A 99 -2.50 12.44 -38.46
C GLU A 99 -2.14 11.69 -39.75
N GLY A 100 -2.94 10.69 -40.08
CA GLY A 100 -2.76 9.97 -41.32
C GLY A 100 -3.83 10.31 -42.33
N GLU A 101 -4.82 11.08 -41.90
CA GLU A 101 -5.90 11.49 -42.78
C GLU A 101 -5.97 13.02 -42.84
N LEU A 102 -6.22 13.54 -44.02
CA LEU A 102 -6.37 14.98 -44.21
C LEU A 102 -7.84 15.34 -44.22
N GLN A 103 -8.20 16.37 -43.45
CA GLN A 103 -9.58 16.82 -43.39
C GLN A 103 -10.00 17.43 -44.73
N LYS A 104 -11.25 17.17 -45.13
CA LYS A 104 -11.78 17.63 -46.41
C LYS A 104 -11.00 16.98 -47.55
N ARG A 105 -10.94 15.66 -47.53
CA ARG A 105 -10.11 14.90 -48.46
C ARG A 105 -10.88 14.50 -49.72
N LYS A 106 -11.84 15.32 -50.14
CA LYS A 106 -12.59 15.07 -51.36
C LYS A 106 -12.35 16.19 -52.36
N THR A 107 -12.73 15.95 -53.60
CA THR A 107 -12.52 16.92 -54.67
C THR A 107 -13.55 18.05 -54.58
N GLY A 1 -5.54 -16.48 -16.76
CA GLY A 1 -4.15 -15.97 -16.64
C GLY A 1 -4.12 -14.47 -16.46
N PRO A 2 -3.06 -13.93 -15.86
CA PRO A 2 -2.94 -12.50 -15.60
C PRO A 2 -2.48 -11.71 -16.82
N HIS A 3 -3.41 -11.40 -17.71
CA HIS A 3 -3.08 -10.65 -18.91
C HIS A 3 -3.29 -9.16 -18.67
N MET A 4 -4.09 -8.83 -17.68
CA MET A 4 -4.33 -7.45 -17.31
C MET A 4 -3.36 -7.02 -16.22
N GLU A 5 -3.53 -5.81 -15.71
CA GLU A 5 -2.68 -5.30 -14.64
C GLU A 5 -2.86 -6.15 -13.39
N THR A 6 -1.82 -6.20 -12.58
CA THR A 6 -1.88 -6.88 -11.30
C THR A 6 -2.73 -6.06 -10.35
N GLU A 7 -3.57 -6.73 -9.58
CA GLU A 7 -4.44 -6.02 -8.65
C GLU A 7 -3.63 -5.48 -7.49
N LEU A 8 -3.52 -4.17 -7.43
CA LEU A 8 -2.76 -3.51 -6.39
C LEU A 8 -3.62 -2.52 -5.63
N ILE A 9 -3.49 -2.51 -4.33
CA ILE A 9 -4.13 -1.50 -3.51
C ILE A 9 -3.06 -0.68 -2.79
N GLU A 10 -3.13 0.63 -2.92
CA GLU A 10 -2.15 1.51 -2.33
C GLU A 10 -2.81 2.82 -1.90
N GLY A 11 -2.18 3.47 -0.93
CA GLY A 11 -2.69 4.72 -0.42
C GLY A 11 -2.06 5.09 0.89
N GLU A 12 -2.66 6.02 1.60
CA GLU A 12 -2.14 6.44 2.88
C GLU A 12 -2.74 5.60 3.98
N VAL A 13 -1.89 5.04 4.83
CA VAL A 13 -2.35 4.20 5.90
C VAL A 13 -3.04 5.02 6.98
N VAL A 14 -4.33 4.81 7.12
CA VAL A 14 -5.10 5.51 8.13
C VAL A 14 -5.14 4.71 9.43
N GLU A 15 -5.11 3.39 9.30
CA GLU A 15 -5.18 2.53 10.46
C GLU A 15 -4.51 1.18 10.20
N ILE A 16 -3.97 0.61 11.26
CA ILE A 16 -3.29 -0.68 11.20
C ILE A 16 -3.73 -1.56 12.37
N GLN A 17 -4.52 -2.57 12.08
CA GLN A 17 -4.96 -3.51 13.09
C GLN A 17 -4.21 -4.83 12.92
N ILE A 18 -3.39 -5.17 13.89
CA ILE A 18 -2.64 -6.42 13.86
C ILE A 18 -2.78 -7.16 15.19
N ASP A 19 -3.47 -8.29 15.15
CA ASP A 19 -3.63 -9.11 16.34
C ASP A 19 -2.31 -9.75 16.73
N ARG A 20 -1.95 -9.66 18.01
CA ARG A 20 -0.71 -10.24 18.48
C ARG A 20 -0.99 -11.32 19.51
N SER A 21 -2.14 -11.96 19.37
CA SER A 21 -2.50 -13.08 20.22
C SER A 21 -2.43 -14.37 19.42
N ILE A 22 -2.19 -14.20 18.13
CA ILE A 22 -2.02 -15.33 17.21
C ILE A 22 -0.89 -16.24 17.68
N THR A 23 -1.15 -17.52 17.75
CA THR A 23 -0.15 -18.50 18.12
C THR A 23 0.40 -19.19 16.88
N GLY A 24 -0.49 -19.85 16.14
CA GLY A 24 -0.09 -20.50 14.91
C GLY A 24 0.18 -19.51 13.78
N GLY A 25 0.41 -20.05 12.58
CA GLY A 25 0.74 -19.21 11.45
C GLY A 25 -0.46 -18.50 10.84
N HIS A 26 -1.66 -18.82 11.32
CA HIS A 26 -2.88 -18.20 10.81
C HIS A 26 -3.02 -16.79 11.37
N LYS A 27 -2.16 -15.88 10.91
CA LYS A 27 -2.20 -14.50 11.36
C LYS A 27 -3.25 -13.73 10.57
N GLN A 28 -3.77 -12.69 11.18
CA GLN A 28 -4.79 -11.88 10.54
C GLN A 28 -4.72 -10.46 11.06
N GLY A 29 -5.29 -9.54 10.29
CA GLY A 29 -5.29 -8.15 10.68
C GLY A 29 -6.22 -7.34 9.81
N LYS A 30 -6.31 -6.06 10.09
CA LYS A 30 -7.17 -5.17 9.34
C LYS A 30 -6.41 -3.92 8.94
N LEU A 31 -6.31 -3.68 7.65
CA LEU A 31 -5.63 -2.52 7.13
C LEU A 31 -6.66 -1.49 6.64
N THR A 32 -6.47 -0.25 7.03
CA THR A 32 -7.28 0.83 6.54
C THR A 32 -6.42 1.77 5.69
N ILE A 33 -6.75 1.89 4.42
CA ILE A 33 -5.98 2.73 3.50
C ILE A 33 -6.86 3.81 2.89
N LYS A 34 -6.29 5.00 2.79
CA LYS A 34 -6.96 6.14 2.21
C LYS A 34 -6.47 6.38 0.79
N THR A 35 -7.40 6.36 -0.14
CA THR A 35 -7.06 6.56 -1.53
C THR A 35 -7.19 8.03 -1.89
N THR A 36 -7.09 8.33 -3.17
CA THR A 36 -7.32 9.68 -3.65
C THR A 36 -8.70 10.19 -3.24
N ASP A 37 -9.68 9.29 -3.13
CA ASP A 37 -11.05 9.70 -2.87
C ASP A 37 -11.53 9.33 -1.46
N MET A 38 -11.31 8.09 -1.06
CA MET A 38 -11.91 7.58 0.18
C MET A 38 -11.02 6.57 0.87
N GLU A 39 -11.30 6.31 2.15
CA GLU A 39 -10.56 5.32 2.89
C GLU A 39 -11.36 4.04 3.03
N THR A 40 -10.77 2.96 2.58
CA THR A 40 -11.44 1.67 2.55
C THR A 40 -10.66 0.66 3.39
N ILE A 41 -11.36 -0.36 3.91
CA ILE A 41 -10.75 -1.33 4.78
C ILE A 41 -10.43 -2.62 4.02
N TYR A 42 -9.24 -3.16 4.25
CA TYR A 42 -8.79 -4.38 3.59
C TYR A 42 -8.28 -5.37 4.62
N GLU A 43 -8.66 -6.63 4.46
CA GLU A 43 -8.29 -7.67 5.40
C GLU A 43 -6.88 -8.18 5.13
N LEU A 44 -6.16 -8.48 6.19
CA LEU A 44 -4.78 -8.91 6.09
C LEU A 44 -4.62 -10.40 6.33
N GLY A 45 -4.00 -11.08 5.37
CA GLY A 45 -3.70 -12.48 5.53
C GLY A 45 -2.28 -12.71 6.00
N ASN A 46 -1.89 -13.98 6.11
CA ASN A 46 -0.56 -14.37 6.61
C ASN A 46 0.56 -13.61 5.89
N LYS A 47 0.54 -13.64 4.57
CA LYS A 47 1.60 -13.03 3.78
C LYS A 47 1.52 -11.51 3.85
N MET A 48 0.31 -10.99 4.08
CA MET A 48 0.13 -9.56 4.28
C MET A 48 0.82 -9.11 5.55
N ILE A 49 0.54 -9.83 6.65
CA ILE A 49 1.22 -9.56 7.93
C ILE A 49 2.72 -9.60 7.73
N ASP A 50 3.18 -10.65 7.07
CA ASP A 50 4.60 -10.82 6.78
C ASP A 50 5.14 -9.64 5.98
N GLY A 51 4.44 -9.31 4.91
CA GLY A 51 4.87 -8.24 4.02
C GLY A 51 4.92 -6.89 4.71
N LEU A 52 3.86 -6.53 5.43
CA LEU A 52 3.80 -5.24 6.09
C LEU A 52 4.82 -5.16 7.20
N THR A 53 5.03 -6.28 7.88
CA THR A 53 6.06 -6.38 8.90
C THR A 53 7.45 -6.14 8.30
N LYS A 54 7.74 -6.82 7.19
CA LYS A 54 9.04 -6.71 6.53
C LYS A 54 9.28 -5.30 6.00
N GLU A 55 8.21 -4.62 5.62
CA GLU A 55 8.33 -3.26 5.10
C GLU A 55 8.28 -2.23 6.22
N LYS A 56 7.97 -2.73 7.43
CA LYS A 56 7.87 -1.90 8.63
C LYS A 56 6.84 -0.80 8.44
N VAL A 57 5.66 -1.20 7.97
CA VAL A 57 4.59 -0.25 7.66
C VAL A 57 4.01 0.36 8.93
N LEU A 58 3.88 1.68 8.93
CA LEU A 58 3.29 2.41 10.05
C LEU A 58 2.18 3.31 9.56
N ALA A 59 1.29 3.69 10.46
CA ALA A 59 0.19 4.59 10.10
C ALA A 59 0.73 5.92 9.59
N GLY A 60 0.17 6.39 8.48
CA GLY A 60 0.68 7.61 7.86
C GLY A 60 1.52 7.32 6.64
N ASP A 61 1.93 6.06 6.47
CA ASP A 61 2.79 5.67 5.36
C ASP A 61 1.98 5.35 4.11
N VAL A 62 2.64 5.33 2.98
CA VAL A 62 2.04 4.89 1.74
C VAL A 62 2.65 3.58 1.28
N ILE A 63 1.81 2.57 1.14
CA ILE A 63 2.30 1.24 0.77
C ILE A 63 1.36 0.62 -0.26
N SER A 64 1.86 -0.33 -1.02
CA SER A 64 1.08 -0.98 -2.06
C SER A 64 0.99 -2.47 -1.78
N ILE A 65 -0.21 -3.01 -1.92
CA ILE A 65 -0.45 -4.41 -1.62
C ILE A 65 -0.89 -5.17 -2.86
N ASP A 66 -0.18 -6.25 -3.14
CA ASP A 66 -0.51 -7.11 -4.26
C ASP A 66 -1.47 -8.20 -3.81
N LYS A 67 -2.73 -8.11 -4.21
CA LYS A 67 -3.72 -9.08 -3.78
C LYS A 67 -3.45 -10.45 -4.39
N ALA A 68 -2.89 -10.45 -5.59
CA ALA A 68 -2.64 -11.67 -6.32
C ALA A 68 -1.51 -12.48 -5.69
N SER A 69 -0.37 -11.85 -5.56
CA SER A 69 0.83 -12.53 -5.08
C SER A 69 0.96 -12.43 -3.56
N GLY A 70 0.35 -11.41 -2.98
CA GLY A 70 0.40 -11.22 -1.54
C GLY A 70 1.60 -10.40 -1.13
N LYS A 71 2.26 -9.81 -2.11
CA LYS A 71 3.47 -9.03 -1.88
C LYS A 71 3.13 -7.56 -1.58
N ILE A 72 3.78 -7.02 -0.57
CA ILE A 72 3.58 -5.62 -0.20
C ILE A 72 4.82 -4.81 -0.54
N THR A 73 4.62 -3.71 -1.24
CA THR A 73 5.72 -2.83 -1.61
C THR A 73 5.52 -1.45 -1.01
N LYS A 74 6.45 -1.04 -0.17
CA LYS A 74 6.37 0.25 0.49
C LYS A 74 6.83 1.37 -0.43
N LEU A 75 6.07 2.45 -0.48
CA LEU A 75 6.44 3.61 -1.29
C LEU A 75 6.94 4.73 -0.38
N GLY A 76 6.22 4.94 0.71
CA GLY A 76 6.59 5.97 1.66
C GLY A 76 5.55 7.06 1.75
N ARG A 77 5.54 7.94 0.75
CA ARG A 77 4.55 9.01 0.70
C ARG A 77 4.04 9.15 -0.73
N SER A 78 2.82 9.69 -0.86
CA SER A 78 2.18 9.84 -2.16
C SER A 78 2.99 10.80 -3.04
N PHE A 79 3.16 10.41 -4.30
CA PHE A 79 3.96 11.17 -5.25
C PHE A 79 3.23 12.44 -5.66
N ALA A 80 3.98 13.36 -6.25
CA ALA A 80 3.44 14.63 -6.70
C ALA A 80 3.74 14.88 -8.16
N ARG A 81 4.65 14.08 -8.69
CA ARG A 81 5.09 14.22 -10.08
C ARG A 81 5.41 12.87 -10.67
N SER A 82 5.51 12.81 -11.99
CA SER A 82 5.85 11.59 -12.69
C SER A 82 7.35 11.37 -12.73
N ARG A 83 7.90 11.19 -11.54
CA ARG A 83 9.31 10.94 -11.34
C ARG A 83 9.48 9.91 -10.23
N ASP A 84 10.70 9.41 -10.07
CA ASP A 84 10.96 8.42 -9.03
C ASP A 84 12.14 8.85 -8.17
N TYR A 85 12.64 10.03 -8.44
CA TYR A 85 13.81 10.55 -7.73
C TYR A 85 13.70 12.05 -7.47
N ASP A 86 13.62 12.40 -6.20
CA ASP A 86 13.75 13.80 -5.80
C ASP A 86 15.08 13.98 -5.10
N ALA A 87 15.98 13.04 -5.37
CA ALA A 87 17.31 13.05 -4.83
C ALA A 87 18.30 12.61 -5.90
N MET A 88 18.68 13.55 -6.76
CA MET A 88 19.61 13.25 -7.84
C MET A 88 21.02 13.08 -7.29
N GLY A 89 21.59 11.91 -7.51
CA GLY A 89 22.93 11.64 -7.04
C GLY A 89 22.91 10.74 -5.81
N ALA A 90 22.43 11.28 -4.70
CA ALA A 90 22.40 10.56 -3.42
C ALA A 90 23.82 10.18 -3.01
N ASP A 91 24.74 11.11 -3.20
CA ASP A 91 26.14 10.88 -2.90
C ASP A 91 26.70 12.10 -2.15
N THR A 92 25.85 12.67 -1.31
CA THR A 92 26.17 13.87 -0.57
C THR A 92 27.09 13.59 0.61
N ARG A 93 28.31 13.14 0.31
CA ARG A 93 29.34 12.88 1.32
C ARG A 93 28.84 11.93 2.40
N PHE A 94 28.76 10.66 2.07
CA PHE A 94 28.31 9.66 3.01
C PHE A 94 29.45 8.74 3.40
N VAL A 95 30.14 9.15 4.46
CA VAL A 95 31.16 8.34 5.10
C VAL A 95 32.28 8.02 4.11
N GLN A 96 32.72 9.05 3.40
CA GLN A 96 33.72 8.89 2.37
C GLN A 96 35.11 8.98 2.96
N CYS A 97 35.76 7.84 3.05
CA CYS A 97 37.12 7.72 3.59
C CYS A 97 37.25 8.45 4.93
N PRO A 98 36.67 7.88 6.00
CA PRO A 98 36.72 8.46 7.33
C PRO A 98 38.14 8.48 7.89
N GLU A 99 38.38 9.33 8.88
CA GLU A 99 39.69 9.43 9.51
C GLU A 99 39.86 8.38 10.58
N GLY A 100 39.06 7.34 10.49
CA GLY A 100 39.10 6.26 11.45
C GLY A 100 38.06 5.22 11.14
N GLU A 101 38.44 3.95 11.20
CA GLU A 101 37.54 2.87 10.89
C GLU A 101 36.41 2.81 11.91
N LEU A 102 35.19 2.79 11.41
CA LEU A 102 34.02 2.74 12.25
C LEU A 102 33.64 1.28 12.55
N GLN A 103 33.61 0.94 13.82
CA GLN A 103 33.28 -0.42 14.24
C GLN A 103 31.76 -0.55 14.41
N LYS A 104 31.09 0.58 14.27
CA LYS A 104 29.65 0.66 14.46
C LYS A 104 28.90 0.33 13.17
N ARG A 105 29.50 -0.50 12.32
CA ARG A 105 28.86 -0.92 11.09
C ARG A 105 27.69 -1.85 11.41
N LYS A 106 26.63 -1.76 10.61
CA LYS A 106 25.48 -2.61 10.79
C LYS A 106 25.73 -3.98 10.14
N THR A 107 26.52 -4.80 10.83
CA THR A 107 26.90 -6.13 10.37
C THR A 107 27.84 -6.04 9.17
N GLY A 1 -13.17 -2.43 -16.16
CA GLY A 1 -12.45 -2.73 -17.41
C GLY A 1 -11.65 -4.00 -17.33
N PRO A 2 -10.74 -4.23 -18.29
CA PRO A 2 -9.89 -5.43 -18.29
C PRO A 2 -8.75 -5.33 -17.28
N HIS A 3 -8.19 -6.46 -16.91
CA HIS A 3 -7.06 -6.49 -15.99
C HIS A 3 -5.87 -7.16 -16.66
N MET A 4 -5.12 -6.39 -17.41
CA MET A 4 -3.94 -6.90 -18.09
C MET A 4 -2.74 -6.77 -17.19
N GLU A 5 -2.93 -6.03 -16.13
CA GLU A 5 -1.90 -5.85 -15.12
C GLU A 5 -2.31 -6.55 -13.85
N THR A 6 -1.48 -6.49 -12.83
CA THR A 6 -1.80 -7.09 -11.56
C THR A 6 -2.65 -6.12 -10.75
N GLU A 7 -3.52 -6.64 -9.91
CA GLU A 7 -4.36 -5.81 -9.08
C GLU A 7 -3.60 -5.40 -7.83
N LEU A 8 -3.30 -4.12 -7.73
CA LEU A 8 -2.58 -3.59 -6.59
C LEU A 8 -3.44 -2.60 -5.84
N ILE A 9 -3.44 -2.70 -4.52
CA ILE A 9 -4.13 -1.74 -3.71
C ILE A 9 -3.11 -0.89 -2.94
N GLU A 10 -3.20 0.41 -3.11
CA GLU A 10 -2.23 1.31 -2.52
C GLU A 10 -2.89 2.60 -2.06
N GLY A 11 -2.29 3.20 -1.04
CA GLY A 11 -2.82 4.42 -0.49
C GLY A 11 -2.14 4.79 0.80
N GLU A 12 -2.65 5.80 1.47
CA GLU A 12 -2.08 6.25 2.72
C GLU A 12 -2.70 5.46 3.88
N VAL A 13 -1.85 4.93 4.73
CA VAL A 13 -2.32 4.15 5.87
C VAL A 13 -2.93 5.06 6.90
N VAL A 14 -4.19 4.80 7.22
CA VAL A 14 -4.91 5.63 8.17
C VAL A 14 -5.16 4.88 9.47
N GLU A 15 -5.17 3.55 9.39
CA GLU A 15 -5.35 2.73 10.58
C GLU A 15 -4.78 1.34 10.38
N ILE A 16 -4.36 0.75 11.48
CA ILE A 16 -3.73 -0.57 11.49
C ILE A 16 -4.17 -1.35 12.71
N GLN A 17 -4.85 -2.47 12.50
CA GLN A 17 -5.17 -3.37 13.60
C GLN A 17 -4.70 -4.78 13.28
N ILE A 18 -3.61 -5.20 13.90
CA ILE A 18 -3.09 -6.54 13.68
C ILE A 18 -3.25 -7.37 14.94
N ASP A 19 -3.88 -8.52 14.81
CA ASP A 19 -4.08 -9.41 15.95
C ASP A 19 -2.75 -10.05 16.37
N ARG A 20 -2.38 -9.86 17.62
CA ARG A 20 -1.12 -10.37 18.11
C ARG A 20 -1.38 -11.51 19.09
N SER A 21 -2.52 -12.18 18.93
CA SER A 21 -2.90 -13.27 19.79
C SER A 21 -2.74 -14.59 19.03
N ILE A 22 -2.44 -14.48 17.74
CA ILE A 22 -2.22 -15.63 16.89
C ILE A 22 -1.03 -16.45 17.36
N THR A 23 -1.32 -17.68 17.73
CA THR A 23 -0.30 -18.58 18.26
C THR A 23 0.65 -19.04 17.15
N GLY A 24 0.11 -19.72 16.14
CA GLY A 24 0.95 -20.17 15.04
C GLY A 24 0.17 -20.75 13.89
N GLY A 25 -1.02 -20.22 13.65
CA GLY A 25 -1.85 -20.72 12.58
C GLY A 25 -2.74 -19.66 11.97
N HIS A 26 -2.23 -19.01 10.92
CA HIS A 26 -2.96 -18.01 10.16
C HIS A 26 -3.15 -16.71 10.96
N LYS A 27 -2.38 -15.70 10.59
CA LYS A 27 -2.50 -14.39 11.21
C LYS A 27 -3.59 -13.59 10.52
N GLN A 28 -4.15 -12.63 11.23
CA GLN A 28 -5.23 -11.82 10.70
C GLN A 28 -5.04 -10.37 11.12
N GLY A 29 -5.46 -9.46 10.27
CA GLY A 29 -5.31 -8.06 10.57
C GLY A 29 -6.25 -7.20 9.76
N LYS A 30 -6.50 -6.01 10.27
CA LYS A 30 -7.36 -5.06 9.61
C LYS A 30 -6.56 -3.82 9.26
N LEU A 31 -6.44 -3.52 7.98
CA LEU A 31 -5.76 -2.31 7.55
C LEU A 31 -6.76 -1.33 6.99
N THR A 32 -6.59 -0.07 7.30
CA THR A 32 -7.42 0.97 6.74
C THR A 32 -6.57 1.89 5.89
N ILE A 33 -6.91 2.00 4.61
CA ILE A 33 -6.12 2.77 3.66
C ILE A 33 -6.95 3.88 3.02
N LYS A 34 -6.33 5.04 2.88
CA LYS A 34 -6.93 6.16 2.20
C LYS A 34 -6.65 6.05 0.71
N THR A 35 -7.69 5.90 -0.07
CA THR A 35 -7.55 5.76 -1.50
C THR A 35 -7.93 7.06 -2.20
N THR A 36 -8.02 7.04 -3.52
CA THR A 36 -8.42 8.23 -4.26
C THR A 36 -9.86 8.60 -3.93
N ASP A 37 -10.73 7.60 -3.85
CA ASP A 37 -12.13 7.83 -3.53
C ASP A 37 -12.35 8.08 -2.04
N MET A 38 -11.94 7.13 -1.20
CA MET A 38 -12.20 7.23 0.24
C MET A 38 -11.32 6.26 1.01
N GLU A 39 -11.35 6.37 2.33
CA GLU A 39 -10.65 5.45 3.20
C GLU A 39 -11.40 4.12 3.28
N THR A 40 -10.74 3.06 2.88
CA THR A 40 -11.36 1.75 2.82
C THR A 40 -10.59 0.75 3.70
N ILE A 41 -11.28 -0.28 4.17
CA ILE A 41 -10.67 -1.25 5.06
C ILE A 41 -10.40 -2.57 4.33
N TYR A 42 -9.18 -3.08 4.49
CA TYR A 42 -8.74 -4.29 3.82
C TYR A 42 -8.23 -5.32 4.84
N GLU A 43 -8.52 -6.59 4.59
CA GLU A 43 -8.06 -7.66 5.45
C GLU A 43 -6.69 -8.14 5.02
N LEU A 44 -5.83 -8.47 5.98
CA LEU A 44 -4.51 -8.96 5.66
C LEU A 44 -4.43 -10.47 5.90
N GLY A 45 -3.80 -11.17 4.97
CA GLY A 45 -3.49 -12.57 5.18
C GLY A 45 -2.08 -12.73 5.74
N ASN A 46 -1.64 -13.97 5.92
CA ASN A 46 -0.29 -14.23 6.45
C ASN A 46 0.77 -13.54 5.60
N LYS A 47 0.55 -13.56 4.28
CA LYS A 47 1.46 -12.89 3.35
C LYS A 47 1.50 -11.40 3.62
N MET A 48 0.33 -10.83 3.91
CA MET A 48 0.22 -9.40 4.13
C MET A 48 0.86 -8.99 5.46
N ILE A 49 0.51 -9.68 6.54
CA ILE A 49 1.16 -9.43 7.83
C ILE A 49 2.68 -9.54 7.68
N ASP A 50 3.11 -10.57 6.96
CA ASP A 50 4.53 -10.79 6.69
C ASP A 50 5.12 -9.59 5.95
N GLY A 51 4.46 -9.19 4.88
CA GLY A 51 4.91 -8.09 4.07
C GLY A 51 4.89 -6.75 4.78
N LEU A 52 3.80 -6.44 5.47
CA LEU A 52 3.66 -5.16 6.14
C LEU A 52 4.68 -5.04 7.27
N THR A 53 4.89 -6.14 7.97
CA THR A 53 5.92 -6.19 9.01
C THR A 53 7.31 -6.04 8.40
N LYS A 54 7.54 -6.71 7.27
CA LYS A 54 8.82 -6.65 6.58
C LYS A 54 9.17 -5.23 6.13
N GLU A 55 8.14 -4.44 5.86
CA GLU A 55 8.32 -3.07 5.40
C GLU A 55 8.14 -2.12 6.56
N LYS A 56 7.75 -2.70 7.69
CA LYS A 56 7.54 -1.99 8.94
C LYS A 56 6.54 -0.85 8.77
N VAL A 57 5.44 -1.18 8.12
CA VAL A 57 4.41 -0.20 7.81
C VAL A 57 3.70 0.28 9.08
N LEU A 58 3.60 1.59 9.21
CA LEU A 58 2.85 2.19 10.31
C LEU A 58 1.86 3.21 9.77
N ALA A 59 0.99 3.70 10.65
CA ALA A 59 0.00 4.70 10.26
C ALA A 59 0.68 5.94 9.71
N GLY A 60 0.27 6.35 8.52
CA GLY A 60 0.92 7.47 7.86
C GLY A 60 1.73 7.06 6.65
N ASP A 61 2.13 5.80 6.59
CA ASP A 61 2.94 5.31 5.47
C ASP A 61 2.09 5.04 4.24
N VAL A 62 2.74 5.03 3.08
CA VAL A 62 2.08 4.65 1.83
C VAL A 62 2.65 3.34 1.32
N ILE A 63 1.79 2.38 1.03
CA ILE A 63 2.23 1.07 0.58
C ILE A 63 1.31 0.53 -0.51
N SER A 64 1.80 -0.44 -1.25
CA SER A 64 1.03 -1.09 -2.29
C SER A 64 0.98 -2.58 -2.04
N ILE A 65 -0.19 -3.17 -2.18
CA ILE A 65 -0.38 -4.57 -1.86
C ILE A 65 -0.75 -5.37 -3.09
N ASP A 66 -0.02 -6.44 -3.33
CA ASP A 66 -0.30 -7.34 -4.44
C ASP A 66 -1.23 -8.44 -3.97
N LYS A 67 -2.47 -8.43 -4.44
CA LYS A 67 -3.45 -9.41 -4.00
C LYS A 67 -3.14 -10.79 -4.57
N ALA A 68 -2.47 -10.81 -5.71
CA ALA A 68 -2.17 -12.06 -6.39
C ALA A 68 -1.03 -12.82 -5.71
N SER A 69 0.12 -12.16 -5.59
CA SER A 69 1.29 -12.80 -5.02
C SER A 69 1.32 -12.65 -3.49
N GLY A 70 0.69 -11.59 -2.99
CA GLY A 70 0.71 -11.33 -1.56
C GLY A 70 1.89 -10.49 -1.15
N LYS A 71 2.55 -9.91 -2.16
CA LYS A 71 3.73 -9.10 -1.95
C LYS A 71 3.37 -7.63 -1.70
N ILE A 72 3.99 -7.04 -0.68
CA ILE A 72 3.75 -5.65 -0.34
C ILE A 72 4.94 -4.79 -0.74
N THR A 73 4.68 -3.69 -1.42
CA THR A 73 5.73 -2.78 -1.83
C THR A 73 5.52 -1.43 -1.15
N LYS A 74 6.48 -1.02 -0.34
CA LYS A 74 6.36 0.22 0.39
C LYS A 74 6.87 1.38 -0.45
N LEU A 75 5.98 2.34 -0.72
CA LEU A 75 6.35 3.49 -1.55
C LEU A 75 6.84 4.62 -0.67
N GLY A 76 6.07 4.92 0.36
CA GLY A 76 6.40 6.03 1.25
C GLY A 76 5.89 7.34 0.70
N ARG A 77 6.10 7.56 -0.59
CA ARG A 77 5.61 8.74 -1.28
C ARG A 77 4.09 8.74 -1.35
N SER A 78 3.49 9.90 -1.12
CA SER A 78 2.04 10.03 -1.16
C SER A 78 1.55 10.32 -2.57
N PHE A 79 2.45 10.17 -3.54
CA PHE A 79 2.14 10.37 -4.95
C PHE A 79 1.65 11.79 -5.23
N ALA A 80 1.25 12.02 -6.47
CA ALA A 80 0.71 13.30 -6.87
C ALA A 80 -0.82 13.23 -6.91
N ARG A 81 -1.42 13.34 -5.75
CA ARG A 81 -2.87 13.23 -5.61
C ARG A 81 -3.57 14.49 -6.09
N SER A 82 -4.38 14.35 -7.11
CA SER A 82 -5.19 15.46 -7.60
C SER A 82 -6.64 15.20 -7.24
N ARG A 83 -7.54 16.08 -7.68
CA ARG A 83 -8.95 15.90 -7.42
C ARG A 83 -9.59 15.11 -8.54
N ASP A 84 -10.10 13.96 -8.19
CA ASP A 84 -10.73 13.06 -9.16
C ASP A 84 -12.19 12.85 -8.82
N TYR A 85 -12.83 13.93 -8.39
CA TYR A 85 -14.24 13.90 -8.07
C TYR A 85 -15.05 13.89 -9.36
N ASP A 86 -14.83 14.95 -10.15
CA ASP A 86 -15.43 15.07 -11.49
C ASP A 86 -16.93 14.78 -11.46
N ALA A 87 -17.65 15.61 -10.74
CA ALA A 87 -19.09 15.45 -10.60
C ALA A 87 -19.73 16.80 -10.31
N MET A 88 -19.50 17.75 -11.20
CA MET A 88 -19.97 19.11 -11.00
C MET A 88 -21.18 19.42 -11.87
N GLY A 89 -21.65 18.41 -12.57
CA GLY A 89 -22.84 18.57 -13.39
C GLY A 89 -24.02 17.87 -12.75
N ALA A 90 -24.94 17.38 -13.56
CA ALA A 90 -26.07 16.60 -13.06
C ALA A 90 -25.68 15.13 -13.00
N ASP A 91 -24.69 14.83 -12.18
CA ASP A 91 -24.12 13.49 -12.12
C ASP A 91 -24.74 12.67 -10.99
N THR A 92 -26.05 12.63 -10.95
CA THR A 92 -26.77 11.85 -9.96
C THR A 92 -26.94 10.40 -10.44
N ARG A 93 -25.83 9.75 -10.73
CA ARG A 93 -25.84 8.38 -11.22
C ARG A 93 -25.21 7.45 -10.19
N PHE A 94 -25.76 7.46 -8.99
CA PHE A 94 -25.23 6.66 -7.90
C PHE A 94 -26.01 5.37 -7.76
N VAL A 95 -26.10 4.65 -8.86
CA VAL A 95 -26.81 3.38 -8.89
C VAL A 95 -25.86 2.23 -8.60
N GLN A 96 -25.68 1.93 -7.32
CA GLN A 96 -24.84 0.82 -6.90
C GLN A 96 -25.68 -0.45 -6.82
N CYS A 97 -25.23 -1.49 -7.50
CA CYS A 97 -25.95 -2.75 -7.52
C CYS A 97 -25.41 -3.71 -6.46
N PRO A 98 -26.21 -4.02 -5.42
CA PRO A 98 -25.82 -4.94 -4.35
C PRO A 98 -25.82 -6.40 -4.80
N GLU A 99 -25.12 -6.68 -5.89
CA GLU A 99 -25.03 -8.02 -6.43
C GLU A 99 -23.58 -8.36 -6.76
N GLY A 100 -22.71 -8.19 -5.78
CA GLY A 100 -21.30 -8.46 -5.97
C GLY A 100 -20.51 -7.22 -6.30
N GLU A 101 -20.81 -6.63 -7.45
CA GLU A 101 -20.14 -5.41 -7.88
C GLU A 101 -20.73 -4.20 -7.17
N LEU A 102 -20.28 -3.96 -5.94
CA LEU A 102 -20.74 -2.82 -5.17
C LEU A 102 -19.70 -1.70 -5.17
N GLN A 103 -18.73 -1.82 -6.06
CA GLN A 103 -17.64 -0.86 -6.13
C GLN A 103 -17.94 0.19 -7.20
N LYS A 104 -18.72 1.20 -6.83
CA LYS A 104 -19.10 2.25 -7.77
C LYS A 104 -18.24 3.48 -7.55
N ARG A 105 -16.95 3.37 -7.88
CA ARG A 105 -16.03 4.48 -7.70
C ARG A 105 -15.78 5.19 -9.03
N LYS A 106 -16.00 4.47 -10.11
CA LYS A 106 -15.84 5.01 -11.45
C LYS A 106 -17.18 5.09 -12.15
N THR A 107 -17.48 6.24 -12.71
CA THR A 107 -18.71 6.43 -13.45
C THR A 107 -18.51 6.04 -14.92
N GLY A 1 0.80 -10.45 -20.46
CA GLY A 1 0.60 -9.45 -21.53
C GLY A 1 1.44 -8.21 -21.30
N PRO A 2 1.77 -7.46 -22.38
CA PRO A 2 2.59 -6.25 -22.28
C PRO A 2 1.87 -5.15 -21.49
N HIS A 3 2.64 -4.47 -20.63
CA HIS A 3 2.14 -3.39 -19.77
C HIS A 3 0.80 -3.73 -19.12
N MET A 4 0.65 -4.97 -18.69
CA MET A 4 -0.57 -5.41 -18.04
C MET A 4 -0.56 -4.98 -16.57
N GLU A 5 -1.71 -4.61 -16.07
CA GLU A 5 -1.83 -4.20 -14.68
C GLU A 5 -2.25 -5.36 -13.81
N THR A 6 -1.51 -5.58 -12.74
CA THR A 6 -1.89 -6.53 -11.72
C THR A 6 -2.84 -5.83 -10.74
N GLU A 7 -3.66 -6.59 -10.04
CA GLU A 7 -4.55 -5.99 -9.08
C GLU A 7 -3.75 -5.53 -7.86
N LEU A 8 -3.67 -4.22 -7.72
CA LEU A 8 -2.90 -3.61 -6.65
C LEU A 8 -3.78 -2.66 -5.87
N ILE A 9 -3.61 -2.65 -4.57
CA ILE A 9 -4.26 -1.66 -3.73
C ILE A 9 -3.22 -0.85 -2.97
N GLU A 10 -3.24 0.46 -3.18
CA GLU A 10 -2.25 1.34 -2.59
C GLU A 10 -2.89 2.63 -2.10
N GLY A 11 -2.33 3.19 -1.04
CA GLY A 11 -2.85 4.41 -0.48
C GLY A 11 -2.17 4.76 0.82
N GLU A 12 -2.67 5.80 1.47
CA GLU A 12 -2.10 6.23 2.75
C GLU A 12 -2.71 5.42 3.88
N VAL A 13 -1.86 4.89 4.74
CA VAL A 13 -2.30 4.11 5.87
C VAL A 13 -2.90 5.01 6.93
N VAL A 14 -4.16 4.78 7.22
CA VAL A 14 -4.88 5.59 8.20
C VAL A 14 -4.99 4.86 9.53
N GLU A 15 -5.08 3.54 9.47
CA GLU A 15 -5.24 2.73 10.67
C GLU A 15 -4.71 1.31 10.45
N ILE A 16 -4.30 0.69 11.55
CA ILE A 16 -3.70 -0.65 11.50
C ILE A 16 -4.13 -1.47 12.71
N GLN A 17 -4.77 -2.60 12.46
CA GLN A 17 -5.10 -3.54 13.52
C GLN A 17 -4.47 -4.89 13.25
N ILE A 18 -3.55 -5.30 14.09
CA ILE A 18 -2.91 -6.59 13.96
C ILE A 18 -3.16 -7.43 15.21
N ASP A 19 -3.84 -8.55 15.03
CA ASP A 19 -4.12 -9.46 16.14
C ASP A 19 -2.86 -10.17 16.58
N ARG A 20 -2.61 -10.14 17.88
CA ARG A 20 -1.42 -10.77 18.44
C ARG A 20 -1.83 -12.03 19.20
N SER A 21 -2.97 -12.59 18.81
CA SER A 21 -3.51 -13.76 19.47
C SER A 21 -4.01 -14.76 18.42
N ILE A 22 -3.10 -15.18 17.56
CA ILE A 22 -3.43 -16.12 16.49
C ILE A 22 -2.55 -17.35 16.59
N THR A 23 -3.05 -18.37 17.25
CA THR A 23 -2.35 -19.64 17.31
C THR A 23 -2.53 -20.40 16.01
N GLY A 24 -1.42 -20.65 15.32
CA GLY A 24 -1.48 -21.32 14.04
C GLY A 24 -0.51 -20.72 13.06
N GLY A 25 -0.88 -20.67 11.79
CA GLY A 25 0.01 -20.16 10.78
C GLY A 25 -0.67 -19.20 9.83
N HIS A 26 -1.79 -18.64 10.25
CA HIS A 26 -2.49 -17.66 9.44
C HIS A 26 -2.84 -16.44 10.27
N LYS A 27 -1.91 -15.50 10.33
CA LYS A 27 -2.12 -14.25 11.05
C LYS A 27 -3.19 -13.42 10.34
N GLN A 28 -3.92 -12.62 11.10
CA GLN A 28 -4.95 -11.79 10.54
C GLN A 28 -4.77 -10.36 11.00
N GLY A 29 -5.15 -9.43 10.13
CA GLY A 29 -5.04 -8.04 10.46
C GLY A 29 -6.01 -7.21 9.67
N LYS A 30 -6.28 -6.01 10.16
CA LYS A 30 -7.18 -5.11 9.47
C LYS A 30 -6.43 -3.82 9.15
N LEU A 31 -6.33 -3.49 7.88
CA LEU A 31 -5.66 -2.27 7.47
C LEU A 31 -6.66 -1.28 6.90
N THR A 32 -6.54 -0.05 7.32
CA THR A 32 -7.35 1.03 6.79
C THR A 32 -6.49 1.90 5.87
N ILE A 33 -6.89 2.01 4.62
CA ILE A 33 -6.15 2.80 3.65
C ILE A 33 -7.01 3.89 3.03
N LYS A 34 -6.42 5.06 2.91
CA LYS A 34 -7.06 6.18 2.24
C LYS A 34 -6.66 6.17 0.78
N THR A 35 -7.63 5.97 -0.10
CA THR A 35 -7.35 5.89 -1.51
C THR A 35 -7.66 7.22 -2.17
N THR A 36 -7.61 7.26 -3.48
CA THR A 36 -7.90 8.48 -4.22
C THR A 36 -9.35 8.91 -3.97
N ASP A 37 -10.26 7.94 -3.97
CA ASP A 37 -11.68 8.22 -3.76
C ASP A 37 -12.02 8.35 -2.28
N MET A 38 -11.75 7.29 -1.51
CA MET A 38 -12.18 7.25 -0.11
C MET A 38 -11.35 6.25 0.70
N GLU A 39 -11.53 6.25 2.01
CA GLU A 39 -10.86 5.30 2.87
C GLU A 39 -11.64 3.99 2.93
N THR A 40 -10.96 2.90 2.64
CA THR A 40 -11.58 1.59 2.65
C THR A 40 -10.73 0.63 3.50
N ILE A 41 -11.37 -0.35 4.10
CA ILE A 41 -10.69 -1.27 4.98
C ILE A 41 -10.39 -2.59 4.27
N TYR A 42 -9.15 -3.04 4.39
CA TYR A 42 -8.70 -4.26 3.74
C TYR A 42 -8.16 -5.24 4.77
N GLU A 43 -8.48 -6.51 4.61
CA GLU A 43 -8.05 -7.53 5.55
C GLU A 43 -6.77 -8.18 5.08
N LEU A 44 -5.86 -8.44 6.01
CA LEU A 44 -4.57 -9.02 5.68
C LEU A 44 -4.51 -10.48 6.11
N GLY A 45 -4.00 -11.32 5.21
CA GLY A 45 -3.68 -12.69 5.58
C GLY A 45 -2.25 -12.82 6.05
N ASN A 46 -1.82 -14.04 6.32
CA ASN A 46 -0.47 -14.32 6.83
C ASN A 46 0.60 -13.60 6.01
N LYS A 47 0.51 -13.72 4.69
CA LYS A 47 1.51 -13.14 3.80
C LYS A 47 1.48 -11.62 3.86
N MET A 48 0.30 -11.05 3.97
CA MET A 48 0.14 -9.61 4.09
C MET A 48 0.75 -9.08 5.38
N ILE A 49 0.41 -9.71 6.51
CA ILE A 49 1.00 -9.34 7.79
C ILE A 49 2.52 -9.38 7.71
N ASP A 50 3.05 -10.46 7.15
CA ASP A 50 4.49 -10.62 7.01
C ASP A 50 5.07 -9.50 6.18
N GLY A 51 4.44 -9.23 5.05
CA GLY A 51 4.90 -8.20 4.15
C GLY A 51 4.93 -6.82 4.79
N LEU A 52 3.82 -6.43 5.42
CA LEU A 52 3.72 -5.12 6.03
C LEU A 52 4.67 -4.99 7.22
N THR A 53 4.81 -6.08 7.96
CA THR A 53 5.75 -6.14 9.06
C THR A 53 7.19 -6.01 8.57
N LYS A 54 7.56 -6.82 7.59
CA LYS A 54 8.92 -6.82 7.06
C LYS A 54 9.29 -5.46 6.46
N GLU A 55 8.33 -4.81 5.80
CA GLU A 55 8.57 -3.52 5.19
C GLU A 55 8.44 -2.38 6.21
N LYS A 56 8.08 -2.74 7.43
CA LYS A 56 7.95 -1.79 8.54
C LYS A 56 6.92 -0.72 8.21
N VAL A 57 5.69 -1.14 8.02
CA VAL A 57 4.61 -0.23 7.68
C VAL A 57 3.85 0.20 8.93
N LEU A 58 3.67 1.50 9.08
CA LEU A 58 2.89 2.04 10.17
C LEU A 58 1.93 3.12 9.66
N ALA A 59 1.07 3.61 10.54
CA ALA A 59 0.09 4.63 10.16
C ALA A 59 0.80 5.90 9.68
N GLY A 60 0.46 6.33 8.47
CA GLY A 60 1.15 7.46 7.89
C GLY A 60 1.96 7.06 6.66
N ASP A 61 2.32 5.78 6.57
CA ASP A 61 3.08 5.28 5.44
C ASP A 61 2.17 4.99 4.25
N VAL A 62 2.76 4.98 3.07
CA VAL A 62 2.06 4.60 1.86
C VAL A 62 2.64 3.29 1.31
N ILE A 63 1.78 2.34 1.00
CA ILE A 63 2.21 1.04 0.50
C ILE A 63 1.28 0.54 -0.60
N SER A 64 1.77 -0.40 -1.38
CA SER A 64 1.00 -0.99 -2.45
C SER A 64 0.97 -2.50 -2.31
N ILE A 65 -0.23 -3.03 -2.14
CA ILE A 65 -0.41 -4.45 -1.93
C ILE A 65 -0.76 -5.15 -3.24
N ASP A 66 0.04 -6.15 -3.58
CA ASP A 66 -0.18 -6.96 -4.76
C ASP A 66 -1.10 -8.12 -4.41
N LYS A 67 -2.33 -8.09 -4.91
CA LYS A 67 -3.33 -9.08 -4.55
C LYS A 67 -3.00 -10.44 -5.15
N ALA A 68 -2.30 -10.43 -6.27
CA ALA A 68 -1.96 -11.66 -6.97
C ALA A 68 -0.84 -12.41 -6.27
N SER A 69 0.28 -11.73 -6.05
CA SER A 69 1.46 -12.36 -5.48
C SER A 69 1.41 -12.33 -3.95
N GLY A 70 0.78 -11.30 -3.39
CA GLY A 70 0.72 -11.16 -1.96
C GLY A 70 1.86 -10.31 -1.43
N LYS A 71 2.58 -9.66 -2.35
CA LYS A 71 3.70 -8.83 -1.98
C LYS A 71 3.26 -7.42 -1.61
N ILE A 72 3.89 -6.86 -0.59
CA ILE A 72 3.64 -5.49 -0.21
C ILE A 72 4.85 -4.63 -0.58
N THR A 73 4.61 -3.55 -1.32
CA THR A 73 5.68 -2.65 -1.72
C THR A 73 5.49 -1.32 -1.03
N LYS A 74 6.51 -0.85 -0.33
CA LYS A 74 6.39 0.39 0.41
C LYS A 74 6.90 1.56 -0.43
N LEU A 75 5.98 2.44 -0.80
CA LEU A 75 6.34 3.63 -1.57
C LEU A 75 6.86 4.71 -0.65
N GLY A 76 6.18 4.85 0.48
CA GLY A 76 6.58 5.82 1.48
C GLY A 76 5.76 7.09 1.38
N ARG A 77 5.74 7.67 0.20
CA ARG A 77 4.95 8.85 -0.06
C ARG A 77 3.76 8.50 -0.94
N SER A 78 2.68 9.25 -0.76
CA SER A 78 1.47 9.06 -1.55
C SER A 78 1.76 9.26 -3.03
N PHE A 79 1.35 8.29 -3.81
CA PHE A 79 1.58 8.28 -5.25
C PHE A 79 0.68 9.29 -5.95
N ALA A 80 1.13 9.74 -7.11
CA ALA A 80 0.39 10.72 -7.89
C ALA A 80 -0.36 10.04 -9.03
N ARG A 81 -0.99 8.91 -8.72
CA ARG A 81 -1.73 8.12 -9.69
C ARG A 81 -0.88 7.73 -10.89
N SER A 82 -0.22 6.58 -10.79
CA SER A 82 0.64 6.09 -11.86
C SER A 82 -0.20 5.53 -13.00
N ARG A 83 -0.72 6.42 -13.82
CA ARG A 83 -1.50 6.04 -14.99
C ARG A 83 -1.13 6.90 -16.19
N ASP A 84 -1.48 6.40 -17.37
CA ASP A 84 -1.26 7.12 -18.63
C ASP A 84 0.20 7.53 -18.80
N TYR A 85 1.10 6.68 -18.32
CA TYR A 85 2.52 6.94 -18.45
C TYR A 85 3.29 5.63 -18.49
N ASP A 86 4.12 5.48 -19.50
CA ASP A 86 4.89 4.25 -19.70
C ASP A 86 6.36 4.56 -19.90
N ALA A 87 6.77 5.72 -19.41
CA ALA A 87 8.14 6.20 -19.51
C ALA A 87 8.49 6.48 -20.96
N MET A 88 8.07 7.64 -21.41
CA MET A 88 8.21 8.00 -22.82
C MET A 88 9.43 8.89 -23.03
N GLY A 89 10.23 9.06 -22.00
CA GLY A 89 11.39 9.92 -22.08
C GLY A 89 12.38 9.46 -23.13
N ALA A 90 12.68 8.18 -23.12
CA ALA A 90 13.58 7.58 -24.09
C ALA A 90 12.84 6.54 -24.91
N ASP A 91 12.08 7.00 -25.90
CA ASP A 91 11.27 6.10 -26.72
C ASP A 91 12.08 5.53 -27.86
N THR A 92 13.36 5.84 -27.86
CA THR A 92 14.34 5.36 -28.85
C THR A 92 13.86 5.55 -30.29
N ARG A 93 13.13 6.64 -30.54
CA ARG A 93 12.66 6.95 -31.88
C ARG A 93 12.76 8.46 -32.12
N PHE A 94 13.91 9.00 -31.82
CA PHE A 94 14.13 10.43 -31.93
C PHE A 94 14.57 10.81 -33.33
N VAL A 95 13.68 10.50 -34.29
CA VAL A 95 13.89 10.76 -35.71
C VAL A 95 15.32 10.48 -36.13
N GLN A 96 15.68 9.20 -36.08
CA GLN A 96 17.04 8.78 -36.36
C GLN A 96 17.45 9.12 -37.78
N CYS A 97 18.71 9.48 -37.96
CA CYS A 97 19.23 9.81 -39.27
C CYS A 97 19.79 8.56 -39.96
N PRO A 98 19.14 8.12 -41.05
CA PRO A 98 19.59 6.96 -41.82
C PRO A 98 20.94 7.22 -42.49
N GLU A 99 21.78 6.20 -42.54
CA GLU A 99 23.09 6.34 -43.15
C GLU A 99 22.96 6.48 -44.66
N GLY A 100 22.86 7.72 -45.11
CA GLY A 100 22.68 8.00 -46.52
C GLY A 100 21.63 9.06 -46.74
N GLU A 101 20.51 8.91 -46.05
CA GLU A 101 19.43 9.88 -46.10
C GLU A 101 19.72 11.04 -45.15
N LEU A 102 20.65 11.90 -45.52
CA LEU A 102 21.08 12.98 -44.64
C LEU A 102 20.81 14.34 -45.26
N GLN A 103 19.72 14.45 -46.02
CA GLN A 103 19.29 15.75 -46.52
C GLN A 103 18.84 16.63 -45.36
N LYS A 104 18.47 15.96 -44.29
CA LYS A 104 18.16 16.60 -43.03
C LYS A 104 19.40 16.62 -42.17
N ARG A 105 20.23 17.62 -42.40
CA ARG A 105 21.53 17.76 -41.75
C ARG A 105 21.48 17.52 -40.25
N LYS A 106 22.50 16.84 -39.73
CA LYS A 106 22.59 16.52 -38.32
C LYS A 106 23.97 16.87 -37.80
N THR A 107 24.02 17.79 -36.84
CA THR A 107 25.29 18.22 -36.27
C THR A 107 25.45 17.66 -34.87
#